data_1RG9
#
_entry.id   1RG9
#
_cell.length_a   225.82
_cell.length_b   69.13
_cell.length_c   118.23
_cell.angle_alpha   90
_cell.angle_beta   90
_cell.angle_gamma   90
#
_symmetry.space_group_name_H-M   'P 21 21 21'
#
loop_
_entity.id
_entity.type
_entity.pdbx_description
1 polymer 'S-adenosylmethionine synthetase'
2 non-polymer 'POTASSIUM ION'
3 non-polymer 'MAGNESIUM ION'
4 non-polymer S-ADENOSYLMETHIONINE
5 non-polymer '(DIPHOSPHONO)AMINOPHOSPHONIC ACID'
6 water water
#
_entity_poly.entity_id   1
_entity_poly.type   'polypeptide(L)'
_entity_poly.pdbx_seq_one_letter_code
;AKHLFTSESVSEGHPDKIADQISDAVLDAILEQDPKARVACETYVKTGMVLVGGEITTSAWVDIEEITRNTVREIGYVHS
DMGFDANSCAVLSAIGKQSPDINQGVDRADPLEQGAGDQGLMFGYATNETDVLMPAPITYAHRLVQRQAEVRKNGTLPWL
RPDAKSQVTFQYDDGKIVGIDAVVLSTQHSEEIDQKSLQEAVMEEIIKPILPAEWLTSATKFFINPTGRFVIGGPMGDCG
LTGRKIIVDTYGGMARHGGGAFSGKDPSKVDRSAAYAARYVAKNIVAAGLADRCEIQVSYAIGVAEPTSIMVETFGTEKV
PSEQLTLLVREFFDLRPYGLIQMLDLLHPIYKETAAYGHFGREHFPWEKTDKAQLLRDAAGLK
;
_entity_poly.pdbx_strand_id   A,B,C,D
#
# COMPACT_ATOMS: atom_id res chain seq x y z
N ALA A 1 -39.83 34.06 -11.65
CA ALA A 1 -39.65 33.73 -13.09
C ALA A 1 -38.18 33.53 -13.44
N LYS A 2 -37.34 34.51 -13.13
CA LYS A 2 -35.93 34.40 -13.44
C LYS A 2 -35.13 33.80 -12.28
N HIS A 3 -34.13 33.01 -12.63
CA HIS A 3 -33.27 32.38 -11.64
C HIS A 3 -32.10 31.69 -12.33
N LEU A 4 -31.01 31.48 -11.59
CA LEU A 4 -29.82 30.85 -12.15
C LEU A 4 -29.57 29.43 -11.62
N PHE A 5 -29.19 28.53 -12.53
CA PHE A 5 -28.90 27.14 -12.18
C PHE A 5 -27.55 26.73 -12.76
N THR A 6 -26.68 26.16 -11.93
CA THR A 6 -25.34 25.77 -12.37
C THR A 6 -25.07 24.27 -12.30
N SER A 7 -24.37 23.74 -13.29
CA SER A 7 -23.99 22.34 -13.32
C SER A 7 -22.52 22.28 -13.71
N GLU A 8 -21.90 21.12 -13.58
CA GLU A 8 -20.48 20.98 -13.92
C GLU A 8 -20.16 19.60 -14.44
N SER A 9 -19.00 19.47 -15.08
CA SER A 9 -18.55 18.18 -15.57
C SER A 9 -17.04 18.07 -15.48
N VAL A 10 -16.51 16.86 -15.69
CA VAL A 10 -15.08 16.62 -15.62
C VAL A 10 -14.59 15.72 -16.76
N SER A 11 -13.38 16.00 -17.23
CA SER A 11 -12.76 15.23 -18.31
C SER A 11 -12.46 13.82 -17.88
N GLU A 12 -12.17 12.96 -18.86
CA GLU A 12 -11.83 11.58 -18.54
C GLU A 12 -10.46 11.59 -17.85
N GLY A 13 -9.80 12.75 -17.89
CA GLY A 13 -8.49 12.90 -17.30
C GLY A 13 -8.49 13.32 -15.84
N HIS A 14 -9.68 13.50 -15.28
CA HIS A 14 -9.83 13.87 -13.87
C HIS A 14 -9.58 12.65 -12.96
N PRO A 15 -8.77 12.83 -11.89
CA PRO A 15 -8.45 11.75 -10.92
C PRO A 15 -9.63 10.87 -10.54
N ASP A 16 -10.73 11.49 -10.12
CA ASP A 16 -11.93 10.75 -9.73
C ASP A 16 -12.44 9.88 -10.85
N LYS A 17 -12.56 10.47 -12.04
CA LYS A 17 -13.02 9.72 -13.21
C LYS A 17 -12.05 8.60 -13.57
N ILE A 18 -10.75 8.85 -13.40
CA ILE A 18 -9.75 7.83 -13.71
C ILE A 18 -10.12 6.61 -12.91
N ALA A 19 -10.41 6.83 -11.63
CA ALA A 19 -10.79 5.73 -10.74
C ALA A 19 -11.97 4.99 -11.36
N ASP A 20 -13.08 5.71 -11.52
CA ASP A 20 -14.30 5.15 -12.10
C ASP A 20 -13.99 4.29 -13.32
N GLN A 21 -13.27 4.88 -14.28
CA GLN A 21 -12.91 4.20 -15.52
C GLN A 21 -12.25 2.89 -15.20
N ILE A 22 -11.22 2.96 -14.35
CA ILE A 22 -10.51 1.77 -13.91
C ILE A 22 -11.46 0.75 -13.30
N SER A 23 -12.21 1.20 -12.29
CA SER A 23 -13.17 0.35 -11.62
C SER A 23 -14.10 -0.33 -12.63
N ASP A 24 -14.75 0.44 -13.50
CA ASP A 24 -15.66 -0.18 -14.46
C ASP A 24 -14.94 -0.95 -15.54
N ALA A 25 -13.64 -0.70 -15.70
CA ALA A 25 -12.84 -1.39 -16.69
C ALA A 25 -12.60 -2.81 -16.20
N VAL A 26 -12.38 -2.95 -14.91
CA VAL A 26 -12.13 -4.25 -14.33
C VAL A 26 -13.40 -5.10 -14.43
N LEU A 27 -14.53 -4.49 -14.08
CA LEU A 27 -15.83 -5.18 -14.12
C LEU A 27 -16.13 -5.76 -15.50
N ASP A 28 -16.04 -4.90 -16.53
CA ASP A 28 -16.29 -5.32 -17.90
C ASP A 28 -15.45 -6.54 -18.24
N ALA A 29 -14.14 -6.43 -18.03
CA ALA A 29 -13.24 -7.54 -18.30
C ALA A 29 -13.76 -8.79 -17.60
N ILE A 30 -14.11 -8.65 -16.32
CA ILE A 30 -14.62 -9.79 -15.57
C ILE A 30 -15.90 -10.31 -16.20
N LEU A 31 -16.88 -9.42 -16.34
CA LEU A 31 -18.16 -9.80 -16.88
C LEU A 31 -18.06 -10.50 -18.22
N GLU A 32 -17.19 -10.00 -19.09
CA GLU A 32 -17.00 -10.62 -20.40
C GLU A 32 -16.81 -12.12 -20.21
N GLN A 33 -16.09 -12.47 -19.16
CA GLN A 33 -15.80 -13.86 -18.86
C GLN A 33 -16.91 -14.53 -18.04
N ASP A 34 -17.54 -13.77 -17.16
CA ASP A 34 -18.59 -14.30 -16.32
C ASP A 34 -19.59 -13.20 -16.05
N PRO A 35 -20.76 -13.29 -16.69
CA PRO A 35 -21.82 -12.29 -16.53
C PRO A 35 -22.48 -12.25 -15.15
N LYS A 36 -22.52 -13.39 -14.46
CA LYS A 36 -23.15 -13.46 -13.14
C LYS A 36 -22.17 -13.26 -12.00
N ALA A 37 -21.02 -12.68 -12.32
CA ALA A 37 -19.98 -12.39 -11.33
C ALA A 37 -20.47 -11.30 -10.36
N ARG A 38 -19.92 -11.29 -9.15
CA ARG A 38 -20.31 -10.27 -8.18
C ARG A 38 -19.10 -9.40 -7.95
N VAL A 39 -19.15 -8.18 -8.49
CA VAL A 39 -18.05 -7.22 -8.44
C VAL A 39 -18.34 -5.91 -7.70
N ALA A 40 -17.56 -5.67 -6.65
CA ALA A 40 -17.68 -4.43 -5.86
C ALA A 40 -16.26 -3.91 -5.81
N CYS A 41 -15.88 -3.21 -6.87
CA CYS A 41 -14.52 -2.70 -7.04
C CYS A 41 -14.32 -1.21 -6.79
N GLU A 42 -13.51 -0.89 -5.78
CA GLU A 42 -13.22 0.50 -5.41
C GLU A 42 -11.77 0.86 -5.71
N THR A 43 -11.56 1.94 -6.45
CA THR A 43 -10.21 2.35 -6.81
C THR A 43 -9.74 3.67 -6.21
N TYR A 44 -8.49 3.69 -5.76
CA TYR A 44 -7.87 4.86 -5.15
C TYR A 44 -6.68 5.23 -6.03
N VAL A 45 -6.61 6.50 -6.46
CA VAL A 45 -5.52 6.93 -7.32
C VAL A 45 -4.80 8.20 -6.84
N LYS A 46 -3.48 8.10 -6.75
CA LYS A 46 -2.63 9.22 -6.33
C LYS A 46 -1.30 9.27 -7.09
N THR A 47 -0.52 10.30 -6.78
CA THR A 47 0.74 10.58 -7.44
C THR A 47 1.45 9.51 -8.30
N GLY A 48 1.84 8.39 -7.73
CA GLY A 48 2.53 7.44 -8.57
C GLY A 48 1.90 6.07 -8.51
N MET A 49 0.68 6.00 -7.98
CA MET A 49 0.03 4.71 -7.85
C MET A 49 -1.44 4.65 -8.23
N VAL A 50 -1.95 3.44 -8.19
CA VAL A 50 -3.33 3.15 -8.47
C VAL A 50 -3.65 1.96 -7.57
N LEU A 51 -4.68 2.13 -6.75
CA LEU A 51 -5.10 1.07 -5.83
C LEU A 51 -6.45 0.48 -6.25
N VAL A 52 -6.45 -0.78 -6.66
CA VAL A 52 -7.68 -1.44 -7.05
C VAL A 52 -7.98 -2.43 -5.95
N GLY A 53 -9.12 -2.27 -5.29
CA GLY A 53 -9.49 -3.18 -4.21
C GLY A 53 -10.97 -3.41 -4.12
N GLY A 54 -11.41 -3.92 -2.98
CA GLY A 54 -12.83 -4.18 -2.79
C GLY A 54 -13.07 -5.67 -2.71
N GLU A 55 -14.30 -6.09 -2.98
CA GLU A 55 -14.61 -7.51 -2.91
C GLU A 55 -15.14 -8.00 -4.23
N ILE A 56 -14.52 -9.06 -4.74
CA ILE A 56 -14.89 -9.66 -6.01
C ILE A 56 -14.96 -11.17 -5.87
N THR A 57 -16.08 -11.74 -6.30
CA THR A 57 -16.27 -13.18 -6.27
C THR A 57 -16.73 -13.55 -7.68
N THR A 58 -15.80 -14.07 -8.47
CA THR A 58 -16.07 -14.49 -9.83
C THR A 58 -15.22 -15.72 -10.20
N SER A 59 -15.60 -16.38 -11.28
CA SER A 59 -14.88 -17.57 -11.76
C SER A 59 -13.94 -17.14 -12.88
N ALA A 60 -14.01 -15.86 -13.23
CA ALA A 60 -13.19 -15.27 -14.28
C ALA A 60 -11.76 -15.08 -13.84
N TRP A 61 -10.85 -15.02 -14.82
CA TRP A 61 -9.45 -14.80 -14.52
C TRP A 61 -8.97 -13.58 -15.31
N VAL A 62 -8.68 -12.49 -14.62
CA VAL A 62 -8.29 -11.25 -15.28
C VAL A 62 -6.97 -10.70 -14.77
N ASP A 63 -6.38 -9.80 -15.55
CA ASP A 63 -5.13 -9.17 -15.17
C ASP A 63 -5.34 -7.70 -14.81
N ILE A 64 -5.39 -7.40 -13.52
CA ILE A 64 -5.59 -6.04 -13.04
C ILE A 64 -4.55 -5.06 -13.57
N GLU A 65 -3.26 -5.39 -13.46
CA GLU A 65 -2.21 -4.48 -13.94
C GLU A 65 -2.44 -4.08 -15.40
N GLU A 66 -2.63 -5.09 -16.24
CA GLU A 66 -2.85 -4.85 -17.66
C GLU A 66 -4.09 -3.98 -17.89
N ILE A 67 -5.22 -4.39 -17.32
CA ILE A 67 -6.46 -3.64 -17.49
C ILE A 67 -6.27 -2.21 -17.01
N THR A 68 -5.62 -2.07 -15.87
CA THR A 68 -5.34 -0.75 -15.29
C THR A 68 -4.38 0.09 -16.16
N ARG A 69 -3.17 -0.41 -16.39
CA ARG A 69 -2.20 0.32 -17.20
C ARG A 69 -2.82 0.76 -18.53
N ASN A 70 -3.44 -0.19 -19.22
CA ASN A 70 -4.11 0.11 -20.49
C ASN A 70 -5.23 1.16 -20.35
N THR A 71 -6.04 1.07 -19.30
CA THR A 71 -7.10 2.04 -19.10
C THR A 71 -6.55 3.45 -18.87
N VAL A 72 -5.51 3.56 -18.06
CA VAL A 72 -4.90 4.87 -17.82
C VAL A 72 -4.24 5.31 -19.11
N ARG A 73 -3.48 4.41 -19.71
CA ARG A 73 -2.83 4.72 -20.98
C ARG A 73 -3.80 5.41 -21.96
N GLU A 74 -4.94 4.78 -22.20
CA GLU A 74 -5.93 5.36 -23.10
C GLU A 74 -6.38 6.74 -22.64
N ILE A 75 -6.58 6.91 -21.33
CA ILE A 75 -7.00 8.21 -20.81
C ILE A 75 -6.00 9.27 -21.31
N GLY A 76 -4.70 8.97 -21.21
CA GLY A 76 -3.73 9.91 -21.72
C GLY A 76 -2.40 10.08 -21.01
N TYR A 77 -2.35 9.78 -19.72
CA TYR A 77 -1.12 9.96 -18.97
C TYR A 77 -0.08 8.91 -19.35
N VAL A 78 0.89 9.31 -20.16
CA VAL A 78 1.95 8.40 -20.60
C VAL A 78 3.36 8.92 -20.46
N HIS A 79 3.55 9.94 -19.63
CA HIS A 79 4.87 10.54 -19.44
C HIS A 79 4.91 11.23 -18.07
N SER A 80 6.07 11.24 -17.44
CA SER A 80 6.22 11.89 -16.14
C SER A 80 5.99 13.40 -16.31
N ASP A 81 6.12 13.87 -17.54
CA ASP A 81 5.91 15.28 -17.86
C ASP A 81 4.50 15.71 -17.46
N MET A 82 3.53 14.81 -17.65
CA MET A 82 2.13 15.12 -17.30
C MET A 82 1.78 14.75 -15.86
N GLY A 83 2.77 14.27 -15.11
CA GLY A 83 2.53 13.91 -13.71
C GLY A 83 2.20 12.45 -13.39
N PHE A 84 1.66 11.72 -14.35
CA PHE A 84 1.30 10.32 -14.14
C PHE A 84 1.66 9.56 -15.42
N ASP A 85 2.00 8.27 -15.31
CA ASP A 85 2.34 7.46 -16.49
C ASP A 85 1.91 6.00 -16.39
N ALA A 86 0.98 5.60 -17.25
CA ALA A 86 0.47 4.23 -17.29
C ALA A 86 1.56 3.16 -17.30
N ASN A 87 2.67 3.45 -17.95
CA ASN A 87 3.76 2.50 -18.03
C ASN A 87 4.65 2.42 -16.79
N SER A 88 4.86 3.56 -16.13
CA SER A 88 5.75 3.59 -14.97
C SER A 88 5.09 3.81 -13.59
N CYS A 89 3.77 3.89 -13.55
CA CYS A 89 3.07 4.08 -12.27
C CYS A 89 2.92 2.75 -11.52
N ALA A 90 2.62 2.82 -10.23
CA ALA A 90 2.45 1.61 -9.45
C ALA A 90 1.00 1.15 -9.52
N VAL A 91 0.82 -0.17 -9.53
CA VAL A 91 -0.52 -0.75 -9.55
C VAL A 91 -0.59 -1.69 -8.37
N LEU A 92 -1.42 -1.34 -7.40
CA LEU A 92 -1.61 -2.11 -6.18
C LEU A 92 -2.99 -2.76 -6.16
N SER A 93 -3.11 -3.88 -5.47
CA SER A 93 -4.38 -4.58 -5.38
C SER A 93 -4.71 -5.15 -3.99
N ALA A 94 -5.89 -4.80 -3.50
CA ALA A 94 -6.39 -5.32 -2.23
C ALA A 94 -7.82 -5.76 -2.51
N ILE A 95 -7.97 -6.89 -3.20
CA ILE A 95 -9.27 -7.41 -3.56
C ILE A 95 -9.57 -8.73 -2.85
N GLY A 96 -10.59 -8.71 -2.01
CA GLY A 96 -11.01 -9.90 -1.30
C GLY A 96 -12.27 -10.38 -1.96
N LYS A 97 -12.92 -11.38 -1.38
CA LYS A 97 -14.14 -11.93 -1.95
C LYS A 97 -15.38 -11.38 -1.23
N GLN A 98 -16.54 -11.43 -1.90
CA GLN A 98 -17.77 -10.95 -1.28
C GLN A 98 -18.19 -11.80 -0.07
N SER A 99 -18.61 -11.12 0.98
CA SER A 99 -19.03 -11.79 2.17
C SER A 99 -20.24 -12.70 1.90
N PRO A 100 -20.15 -13.95 2.32
CA PRO A 100 -21.25 -14.91 2.12
C PRO A 100 -22.51 -14.44 2.85
N ASP A 101 -22.33 -13.68 3.94
CA ASP A 101 -23.45 -13.16 4.72
C ASP A 101 -24.35 -12.28 3.88
N ILE A 102 -23.75 -11.53 2.97
CA ILE A 102 -24.52 -10.67 2.09
C ILE A 102 -25.11 -11.58 1.01
N ASN A 103 -24.25 -12.40 0.42
CA ASN A 103 -24.68 -13.30 -0.65
C ASN A 103 -25.94 -14.16 -0.45
N GLN A 104 -26.14 -14.67 0.75
CA GLN A 104 -27.30 -15.51 1.00
C GLN A 104 -28.57 -14.72 0.80
N GLY A 105 -28.48 -13.42 1.00
CA GLY A 105 -29.64 -12.59 0.84
C GLY A 105 -29.83 -12.12 -0.59
N VAL A 106 -28.76 -12.21 -1.38
CA VAL A 106 -28.83 -11.79 -2.77
C VAL A 106 -29.25 -12.92 -3.71
N ASP A 107 -28.44 -13.97 -3.74
CA ASP A 107 -28.72 -15.10 -4.59
C ASP A 107 -29.44 -16.16 -3.81
N ARG A 108 -30.74 -16.30 -4.01
CA ARG A 108 -31.50 -17.33 -3.31
C ARG A 108 -31.86 -18.45 -4.29
N ALA A 109 -32.46 -19.52 -3.79
CA ALA A 109 -32.81 -20.66 -4.63
C ALA A 109 -33.48 -20.19 -5.90
N ASP A 110 -34.65 -19.58 -5.76
CA ASP A 110 -35.37 -19.11 -6.92
C ASP A 110 -34.72 -17.82 -7.35
N PRO A 111 -34.30 -17.75 -8.62
CA PRO A 111 -33.65 -16.56 -9.20
C PRO A 111 -34.52 -15.29 -9.18
N LEU A 112 -35.82 -15.45 -9.38
CA LEU A 112 -36.73 -14.31 -9.35
C LEU A 112 -36.76 -13.65 -7.97
N GLU A 113 -36.80 -14.50 -6.93
CA GLU A 113 -36.86 -14.03 -5.55
C GLU A 113 -35.55 -13.37 -5.12
N GLN A 114 -34.51 -13.57 -5.92
CA GLN A 114 -33.21 -13.02 -5.60
C GLN A 114 -33.29 -11.57 -5.15
N GLY A 115 -32.60 -11.28 -4.04
CA GLY A 115 -32.65 -9.96 -3.43
C GLY A 115 -31.67 -8.85 -3.76
N ALA A 116 -32.07 -7.65 -3.35
CA ALA A 116 -31.30 -6.44 -3.56
C ALA A 116 -29.93 -6.58 -2.93
N GLY A 117 -28.93 -6.07 -3.63
CA GLY A 117 -27.56 -6.13 -3.15
C GLY A 117 -27.30 -5.33 -1.90
N ASP A 118 -28.17 -4.36 -1.63
CA ASP A 118 -28.04 -3.51 -0.45
C ASP A 118 -29.31 -2.71 -0.24
N GLN A 119 -29.37 -1.97 0.87
CA GLN A 119 -30.51 -1.11 1.14
C GLN A 119 -30.19 0.24 0.49
N GLY A 120 -31.18 1.10 0.31
CA GLY A 120 -30.89 2.39 -0.28
C GLY A 120 -31.99 2.93 -1.17
N LEU A 121 -31.83 4.18 -1.57
CA LEU A 121 -32.82 4.83 -2.42
C LEU A 121 -32.15 5.37 -3.68
N MET A 122 -32.88 5.36 -4.79
CA MET A 122 -32.34 5.83 -6.06
C MET A 122 -33.30 6.79 -6.78
N PHE A 123 -32.74 7.78 -7.45
CA PHE A 123 -33.57 8.76 -8.15
C PHE A 123 -33.42 8.77 -9.67
N GLY A 124 -34.54 8.62 -10.36
CA GLY A 124 -34.54 8.63 -11.82
C GLY A 124 -35.06 10.00 -12.26
N TYR A 125 -34.73 10.44 -13.47
CA TYR A 125 -35.19 11.73 -13.91
C TYR A 125 -35.29 11.88 -15.41
N ALA A 126 -36.24 12.70 -15.85
CA ALA A 126 -36.47 12.96 -17.27
C ALA A 126 -37.08 14.36 -17.48
N THR A 127 -36.73 14.99 -18.59
CA THR A 127 -37.22 16.33 -18.88
C THR A 127 -37.28 16.59 -20.39
N ASN A 128 -38.31 17.29 -20.84
CA ASN A 128 -38.43 17.57 -22.26
C ASN A 128 -37.59 18.77 -22.68
N GLU A 129 -36.69 19.20 -21.81
CA GLU A 129 -35.81 20.33 -22.12
C GLU A 129 -34.93 20.07 -23.32
N THR A 130 -34.75 18.80 -23.66
CA THR A 130 -33.92 18.39 -24.80
C THR A 130 -34.38 17.07 -25.42
N ASP A 131 -34.00 16.84 -26.68
CA ASP A 131 -34.36 15.62 -27.41
C ASP A 131 -34.11 14.35 -26.61
N VAL A 132 -32.95 14.27 -25.98
CA VAL A 132 -32.62 13.10 -25.21
C VAL A 132 -33.25 13.16 -23.84
N LEU A 133 -34.22 14.07 -23.70
CA LEU A 133 -34.93 14.24 -22.45
C LEU A 133 -34.04 14.41 -21.22
N MET A 134 -32.89 15.06 -21.40
CA MET A 134 -31.95 15.29 -20.31
C MET A 134 -31.95 16.76 -20.02
N PRO A 135 -31.52 17.15 -18.80
CA PRO A 135 -31.49 18.58 -18.49
C PRO A 135 -30.40 19.16 -19.38
N ALA A 136 -30.49 20.45 -19.65
CA ALA A 136 -29.53 21.10 -20.52
C ALA A 136 -28.18 21.38 -19.88
N PRO A 137 -28.17 22.03 -18.71
CA PRO A 137 -26.87 22.32 -18.07
C PRO A 137 -25.88 21.16 -18.01
N ILE A 138 -26.32 19.99 -17.57
CA ILE A 138 -25.38 18.86 -17.52
C ILE A 138 -24.96 18.40 -18.92
N THR A 139 -25.87 18.51 -19.89
CA THR A 139 -25.56 18.11 -21.27
C THR A 139 -24.43 18.95 -21.89
N TYR A 140 -24.48 20.26 -21.71
CA TYR A 140 -23.45 21.13 -22.27
C TYR A 140 -22.12 21.07 -21.54
N ALA A 141 -22.17 20.87 -20.24
CA ALA A 141 -20.95 20.76 -19.45
C ALA A 141 -20.18 19.52 -19.89
N HIS A 142 -20.89 18.40 -20.07
CA HIS A 142 -20.27 17.16 -20.51
C HIS A 142 -19.60 17.44 -21.87
N ARG A 143 -20.37 18.05 -22.76
CA ARG A 143 -19.88 18.37 -24.11
C ARG A 143 -18.59 19.18 -24.04
N LEU A 144 -18.49 20.09 -23.09
CA LEU A 144 -17.31 20.90 -22.98
C LEU A 144 -16.09 20.06 -22.68
N VAL A 145 -16.14 19.24 -21.63
CA VAL A 145 -14.95 18.44 -21.29
C VAL A 145 -14.69 17.42 -22.37
N GLN A 146 -15.75 16.92 -22.97
CA GLN A 146 -15.61 15.94 -24.03
C GLN A 146 -14.92 16.52 -25.26
N ARG A 147 -15.20 17.79 -25.55
CA ARG A 147 -14.57 18.45 -26.68
C ARG A 147 -13.08 18.64 -26.38
N GLN A 148 -12.78 19.16 -25.21
CA GLN A 148 -11.40 19.37 -24.80
C GLN A 148 -10.59 18.10 -24.98
N ALA A 149 -11.19 16.96 -24.62
CA ALA A 149 -10.50 15.68 -24.70
C ALA A 149 -10.26 15.27 -26.15
N GLU A 150 -11.20 15.62 -27.00
CA GLU A 150 -11.12 15.27 -28.41
C GLU A 150 -10.15 16.16 -29.17
N VAL A 151 -10.09 17.44 -28.79
CA VAL A 151 -9.20 18.40 -29.45
C VAL A 151 -7.76 18.13 -29.00
N ARG A 152 -7.63 17.38 -27.90
CA ARG A 152 -6.33 17.03 -27.36
C ARG A 152 -5.82 15.78 -28.10
N LYS A 153 -6.66 14.76 -28.16
CA LYS A 153 -6.31 13.52 -28.82
C LYS A 153 -6.05 13.69 -30.34
N ASN A 154 -6.91 14.46 -31.01
CA ASN A 154 -6.76 14.68 -32.44
C ASN A 154 -5.55 15.53 -32.78
N GLY A 155 -4.88 16.06 -31.76
CA GLY A 155 -3.71 16.88 -32.02
C GLY A 155 -3.96 18.34 -32.38
N THR A 156 -5.20 18.79 -32.28
CA THR A 156 -5.53 20.19 -32.58
C THR A 156 -4.79 21.07 -31.58
N LEU A 157 -4.90 20.74 -30.30
CA LEU A 157 -4.20 21.48 -29.25
C LEU A 157 -3.33 20.48 -28.51
N PRO A 158 -2.16 20.15 -29.10
CA PRO A 158 -1.22 19.19 -28.54
C PRO A 158 -0.68 19.51 -27.14
N TRP A 159 -0.77 20.76 -26.71
CA TRP A 159 -0.26 21.14 -25.40
C TRP A 159 -1.29 20.93 -24.29
N LEU A 160 -2.44 20.37 -24.64
CA LEU A 160 -3.49 20.11 -23.64
C LEU A 160 -3.16 18.83 -22.92
N ARG A 161 -3.46 18.77 -21.63
CA ARG A 161 -3.19 17.56 -20.85
C ARG A 161 -4.54 16.94 -20.51
N PRO A 162 -4.56 15.67 -20.06
CA PRO A 162 -5.81 14.98 -19.72
C PRO A 162 -6.75 15.60 -18.69
N ASP A 163 -6.18 16.14 -17.63
CA ASP A 163 -6.97 16.73 -16.56
C ASP A 163 -7.68 18.02 -16.92
N ALA A 164 -9.01 18.03 -16.72
CA ALA A 164 -9.82 19.20 -17.01
C ALA A 164 -11.21 19.12 -16.36
N LYS A 165 -11.76 20.29 -16.02
CA LYS A 165 -13.08 20.40 -15.40
C LYS A 165 -13.83 21.57 -16.06
N SER A 166 -15.15 21.44 -16.16
CA SER A 166 -15.97 22.46 -16.81
C SER A 166 -17.24 22.82 -16.02
N GLN A 167 -17.53 24.12 -15.97
CA GLN A 167 -18.70 24.60 -15.26
C GLN A 167 -19.47 25.67 -16.07
N VAL A 168 -20.79 25.50 -16.12
CA VAL A 168 -21.68 26.40 -16.84
C VAL A 168 -22.94 26.71 -16.03
N THR A 169 -23.36 27.95 -16.08
CA THR A 169 -24.56 28.34 -15.37
C THR A 169 -25.50 28.98 -16.38
N PHE A 170 -26.73 28.46 -16.45
CA PHE A 170 -27.73 28.97 -17.38
C PHE A 170 -28.67 29.99 -16.75
N GLN A 171 -29.27 30.84 -17.58
CA GLN A 171 -30.23 31.84 -17.11
C GLN A 171 -31.58 31.20 -17.34
N TYR A 172 -32.40 31.08 -16.30
CA TYR A 172 -33.71 30.49 -16.46
C TYR A 172 -34.82 31.48 -16.14
N ASP A 173 -35.59 31.83 -17.16
CA ASP A 173 -36.70 32.78 -17.01
C ASP A 173 -37.91 32.12 -17.60
N ASP A 174 -39.07 32.34 -16.98
CA ASP A 174 -40.27 31.74 -17.50
C ASP A 174 -40.06 30.22 -17.56
N GLY A 175 -39.21 29.71 -16.68
CA GLY A 175 -38.94 28.29 -16.65
C GLY A 175 -38.15 27.72 -17.82
N LYS A 176 -37.74 28.59 -18.73
CA LYS A 176 -36.98 28.13 -19.88
C LYS A 176 -35.63 28.83 -19.91
N ILE A 177 -34.73 28.33 -20.74
CA ILE A 177 -33.41 28.92 -20.84
C ILE A 177 -33.43 30.18 -21.71
N VAL A 178 -32.79 31.23 -21.23
CA VAL A 178 -32.73 32.46 -22.00
C VAL A 178 -31.28 32.69 -22.42
N GLY A 179 -30.35 32.10 -21.67
CA GLY A 179 -28.94 32.26 -22.00
C GLY A 179 -28.01 31.65 -20.97
N ILE A 180 -26.74 32.05 -21.01
CA ILE A 180 -25.75 31.55 -20.07
C ILE A 180 -24.96 32.69 -19.51
N ASP A 181 -25.00 32.84 -18.19
CA ASP A 181 -24.32 33.94 -17.49
C ASP A 181 -22.82 33.77 -17.34
N ALA A 182 -22.37 32.63 -16.83
CA ALA A 182 -20.93 32.40 -16.65
C ALA A 182 -20.46 31.03 -17.14
N VAL A 183 -19.26 31.01 -17.71
CA VAL A 183 -18.66 29.79 -18.24
C VAL A 183 -17.33 29.51 -17.55
N VAL A 184 -17.15 28.30 -17.03
CA VAL A 184 -15.89 27.93 -16.38
C VAL A 184 -15.28 26.74 -17.09
N LEU A 185 -13.99 26.86 -17.41
CA LEU A 185 -13.26 25.80 -18.09
C LEU A 185 -11.81 25.76 -17.60
N SER A 186 -11.48 24.72 -16.86
CA SER A 186 -10.13 24.55 -16.35
C SER A 186 -9.50 23.32 -16.99
N THR A 187 -8.34 23.49 -17.60
CA THR A 187 -7.63 22.37 -18.25
C THR A 187 -6.14 22.40 -17.96
N GLN A 188 -5.57 21.23 -17.75
CA GLN A 188 -4.13 21.09 -17.51
C GLN A 188 -3.42 21.40 -18.84
N HIS A 189 -2.16 21.81 -18.78
CA HIS A 189 -1.40 22.16 -19.98
C HIS A 189 0.11 21.98 -19.80
N SER A 190 0.86 22.22 -20.87
CA SER A 190 2.31 22.09 -20.84
C SER A 190 2.99 23.39 -20.49
N GLU A 191 4.25 23.29 -20.05
CA GLU A 191 5.03 24.45 -19.69
C GLU A 191 5.33 25.28 -20.93
N GLU A 192 4.94 24.78 -22.10
CA GLU A 192 5.24 25.46 -23.36
C GLU A 192 4.35 26.65 -23.80
N ILE A 193 3.08 26.63 -23.41
CA ILE A 193 2.16 27.71 -23.80
C ILE A 193 1.78 28.70 -22.68
N ASP A 194 1.52 29.95 -23.05
CA ASP A 194 1.15 30.99 -22.09
C ASP A 194 -0.34 31.07 -21.80
N GLN A 195 -0.70 31.67 -20.66
CA GLN A 195 -2.09 31.80 -20.25
C GLN A 195 -2.98 32.45 -21.33
N LYS A 196 -2.67 33.69 -21.69
CA LYS A 196 -3.48 34.36 -22.70
C LYS A 196 -3.74 33.49 -23.91
N SER A 197 -2.67 33.00 -24.53
CA SER A 197 -2.80 32.16 -25.71
C SER A 197 -3.77 31.05 -25.36
N LEU A 198 -3.43 30.30 -24.32
CA LEU A 198 -4.26 29.19 -23.85
C LEU A 198 -5.73 29.60 -23.73
N GLN A 199 -5.99 30.68 -23.00
CA GLN A 199 -7.34 31.15 -22.83
C GLN A 199 -7.99 31.43 -24.19
N GLU A 200 -7.31 32.21 -25.02
CA GLU A 200 -7.83 32.57 -26.33
C GLU A 200 -8.08 31.33 -27.18
N ALA A 201 -7.21 30.34 -27.05
CA ALA A 201 -7.32 29.10 -27.80
C ALA A 201 -8.47 28.25 -27.28
N VAL A 202 -8.66 28.24 -25.97
CA VAL A 202 -9.74 27.45 -25.37
C VAL A 202 -11.10 27.94 -25.87
N MET A 203 -11.22 29.25 -26.05
CA MET A 203 -12.48 29.80 -26.53
C MET A 203 -12.81 29.35 -27.95
N GLU A 204 -11.86 29.51 -28.85
CA GLU A 204 -12.08 29.14 -30.25
C GLU A 204 -12.31 27.66 -30.44
N GLU A 205 -11.43 26.85 -29.86
CA GLU A 205 -11.48 25.40 -30.00
C GLU A 205 -12.44 24.64 -29.11
N ILE A 206 -12.60 25.06 -27.87
CA ILE A 206 -13.48 24.31 -26.99
C ILE A 206 -14.81 24.91 -26.58
N ILE A 207 -14.82 26.20 -26.26
CA ILE A 207 -16.05 26.82 -25.83
C ILE A 207 -16.93 27.31 -26.96
N LYS A 208 -16.39 28.17 -27.81
CA LYS A 208 -17.16 28.70 -28.93
C LYS A 208 -17.84 27.63 -29.77
N PRO A 209 -17.13 26.54 -30.12
CA PRO A 209 -17.79 25.51 -30.93
C PRO A 209 -18.86 24.69 -30.20
N ILE A 210 -18.82 24.67 -28.87
CA ILE A 210 -19.78 23.88 -28.12
C ILE A 210 -21.00 24.62 -27.59
N LEU A 211 -20.82 25.81 -27.06
CA LEU A 211 -21.95 26.56 -26.54
C LEU A 211 -22.73 27.30 -27.64
N PRO A 212 -24.06 27.13 -27.65
CA PRO A 212 -24.89 27.81 -28.66
C PRO A 212 -24.64 29.31 -28.62
N ALA A 213 -24.26 29.87 -29.77
CA ALA A 213 -23.99 31.31 -29.88
C ALA A 213 -25.15 32.19 -29.41
N GLU A 214 -26.37 31.69 -29.48
CA GLU A 214 -27.55 32.44 -29.06
C GLU A 214 -27.50 32.76 -27.56
N TRP A 215 -27.13 31.77 -26.77
CA TRP A 215 -27.05 31.92 -25.32
C TRP A 215 -25.83 32.70 -24.86
N LEU A 216 -24.92 33.00 -25.77
CA LEU A 216 -23.72 33.75 -25.42
C LEU A 216 -23.92 35.20 -25.79
N THR A 217 -23.78 36.07 -24.80
CA THR A 217 -23.95 37.51 -25.00
C THR A 217 -22.80 38.24 -24.35
N SER A 218 -22.76 39.56 -24.54
CA SER A 218 -21.69 40.39 -23.97
C SER A 218 -21.69 40.32 -22.45
N ALA A 219 -22.76 39.77 -21.88
CA ALA A 219 -22.90 39.62 -20.43
C ALA A 219 -22.13 38.40 -19.91
N THR A 220 -22.22 37.28 -20.63
CA THR A 220 -21.53 36.06 -20.23
C THR A 220 -20.13 36.34 -19.72
N LYS A 221 -19.75 35.63 -18.66
CA LYS A 221 -18.43 35.79 -18.05
C LYS A 221 -17.66 34.48 -18.19
N PHE A 222 -16.43 34.58 -18.71
CA PHE A 222 -15.61 33.39 -18.91
C PHE A 222 -14.46 33.25 -17.91
N PHE A 223 -14.41 32.08 -17.28
CA PHE A 223 -13.38 31.79 -16.31
C PHE A 223 -12.53 30.66 -16.86
N ILE A 224 -11.33 30.98 -17.32
CA ILE A 224 -10.41 30.00 -17.89
C ILE A 224 -9.10 29.91 -17.09
N ASN A 225 -8.91 28.77 -16.44
CA ASN A 225 -7.72 28.54 -15.63
C ASN A 225 -7.42 29.68 -14.67
N PRO A 226 -8.43 30.12 -13.89
CA PRO A 226 -8.34 31.21 -12.92
C PRO A 226 -7.09 31.36 -12.05
N THR A 227 -6.66 30.30 -11.37
CA THR A 227 -5.47 30.45 -10.53
C THR A 227 -4.34 31.03 -11.38
N GLY A 228 -4.54 31.03 -12.70
CA GLY A 228 -3.54 31.57 -13.59
C GLY A 228 -2.51 30.55 -14.01
N ARG A 229 -2.54 29.37 -13.39
CA ARG A 229 -1.59 28.32 -13.75
C ARG A 229 -2.05 26.91 -13.37
N PHE A 230 -2.20 26.06 -14.37
CA PHE A 230 -2.62 24.67 -14.19
C PHE A 230 -1.68 23.78 -15.05
N VAL A 231 -0.48 23.54 -14.56
CA VAL A 231 0.51 22.73 -15.27
C VAL A 231 0.58 21.40 -14.55
N ILE A 232 0.35 21.46 -13.24
CA ILE A 232 0.35 20.29 -12.38
C ILE A 232 -1.09 19.85 -12.24
N GLY A 233 -1.36 18.59 -12.56
CA GLY A 233 -2.71 18.06 -12.44
C GLY A 233 -2.70 16.56 -12.23
N GLY A 234 -3.83 15.93 -12.54
CA GLY A 234 -3.92 14.50 -12.37
C GLY A 234 -3.77 14.09 -10.91
N PRO A 235 -3.56 12.79 -10.65
CA PRO A 235 -3.40 12.35 -9.27
C PRO A 235 -2.34 13.14 -8.49
N MET A 236 -1.42 13.80 -9.18
CA MET A 236 -0.38 14.57 -8.49
C MET A 236 -0.98 15.83 -7.85
N GLY A 237 -1.89 16.47 -8.58
CA GLY A 237 -2.50 17.66 -8.05
C GLY A 237 -3.76 17.37 -7.25
N ASP A 238 -4.35 16.19 -7.44
CA ASP A 238 -5.59 15.85 -6.73
C ASP A 238 -5.88 14.36 -6.66
N CYS A 239 -6.14 13.86 -5.45
CA CYS A 239 -6.44 12.44 -5.20
C CYS A 239 -7.72 11.97 -5.90
N GLY A 240 -7.62 10.88 -6.65
CA GLY A 240 -8.78 10.36 -7.34
C GLY A 240 -9.37 9.18 -6.57
N LEU A 241 -10.68 9.11 -6.51
CA LEU A 241 -11.35 8.03 -5.79
C LEU A 241 -12.58 7.58 -6.57
N THR A 242 -13.00 6.32 -6.41
CA THR A 242 -14.20 5.83 -7.09
C THR A 242 -15.50 6.34 -6.45
N GLY A 243 -16.49 6.65 -7.29
CA GLY A 243 -17.76 7.12 -6.78
C GLY A 243 -17.78 8.48 -6.11
N ARG A 244 -17.00 9.43 -6.60
CA ARG A 244 -17.00 10.77 -6.03
C ARG A 244 -17.49 11.79 -7.08
N LYS A 245 -18.09 11.29 -8.15
CA LYS A 245 -18.66 12.13 -9.19
C LYS A 245 -20.13 11.77 -9.34
N ILE A 246 -20.69 11.28 -8.24
CA ILE A 246 -22.10 10.91 -8.13
C ILE A 246 -23.06 11.83 -8.94
N ILE A 247 -22.89 13.14 -8.83
CA ILE A 247 -23.79 14.09 -9.50
C ILE A 247 -23.55 14.34 -10.99
N VAL A 248 -22.30 14.54 -11.39
CA VAL A 248 -22.03 14.80 -12.80
C VAL A 248 -22.33 13.52 -13.56
N ASP A 249 -22.30 12.39 -12.84
CA ASP A 249 -22.57 11.09 -13.42
C ASP A 249 -24.03 10.98 -13.82
N THR A 250 -24.89 11.69 -13.09
CA THR A 250 -26.32 11.65 -13.35
C THR A 250 -27.07 12.80 -14.07
N TYR A 251 -27.47 13.82 -13.31
CA TYR A 251 -28.22 14.95 -13.86
C TYR A 251 -27.71 16.36 -13.56
N GLY A 252 -26.47 16.48 -13.12
CA GLY A 252 -25.90 17.79 -12.84
C GLY A 252 -26.43 18.59 -11.66
N GLY A 253 -27.27 18.00 -10.83
CA GLY A 253 -27.80 18.72 -9.68
C GLY A 253 -29.21 19.21 -9.92
N MET A 254 -29.74 18.97 -11.12
CA MET A 254 -31.10 19.37 -11.46
C MET A 254 -32.14 18.48 -10.77
N ALA A 255 -31.86 17.19 -10.72
CA ALA A 255 -32.76 16.24 -10.08
C ALA A 255 -32.16 15.87 -8.75
N ARG A 256 -32.77 14.93 -8.05
CA ARG A 256 -32.26 14.48 -6.75
C ARG A 256 -31.32 13.27 -6.87
N HIS A 257 -30.78 12.83 -5.73
CA HIS A 257 -29.84 11.70 -5.70
C HIS A 257 -29.86 11.03 -4.33
N GLY A 258 -29.71 9.70 -4.32
CA GLY A 258 -29.74 8.96 -3.07
C GLY A 258 -28.42 8.68 -2.41
N GLY A 259 -27.34 8.76 -3.19
CA GLY A 259 -26.02 8.53 -2.61
C GLY A 259 -25.29 7.30 -3.11
N GLY A 260 -25.86 6.57 -4.06
CA GLY A 260 -25.20 5.36 -4.55
C GLY A 260 -24.38 5.59 -5.81
N ALA A 261 -23.11 5.23 -5.77
CA ALA A 261 -22.25 5.40 -6.95
C ALA A 261 -22.55 4.32 -7.99
N PHE A 262 -22.03 4.49 -9.20
CA PHE A 262 -22.24 3.50 -10.27
C PHE A 262 -21.08 2.57 -10.61
N SER A 263 -19.92 3.14 -10.88
CA SER A 263 -18.77 2.35 -11.28
C SER A 263 -18.24 1.32 -10.27
N GLY A 264 -17.76 0.21 -10.81
CA GLY A 264 -17.19 -0.83 -9.97
C GLY A 264 -18.14 -1.89 -9.48
N LYS A 265 -19.45 -1.68 -9.67
CA LYS A 265 -20.43 -2.65 -9.19
C LYS A 265 -21.20 -3.37 -10.29
N ASP A 266 -21.47 -4.66 -10.07
CA ASP A 266 -22.23 -5.42 -11.04
C ASP A 266 -23.69 -5.03 -10.85
N PRO A 267 -24.55 -5.37 -11.82
CA PRO A 267 -25.99 -5.06 -11.78
C PRO A 267 -26.79 -5.55 -10.56
N SER A 268 -26.32 -6.57 -9.86
CA SER A 268 -27.09 -7.03 -8.70
C SER A 268 -27.04 -5.94 -7.65
N LYS A 269 -26.28 -4.89 -7.93
CA LYS A 269 -26.16 -3.75 -7.03
C LYS A 269 -27.18 -2.68 -7.43
N VAL A 270 -28.29 -2.62 -6.69
CA VAL A 270 -29.37 -1.66 -6.94
C VAL A 270 -28.93 -0.21 -7.12
N ASP A 271 -27.80 0.15 -6.52
CA ASP A 271 -27.29 1.51 -6.65
C ASP A 271 -27.19 1.86 -8.16
N ARG A 272 -26.73 0.88 -8.95
CA ARG A 272 -26.58 1.08 -10.40
C ARG A 272 -27.74 0.62 -11.26
N SER A 273 -28.25 -0.59 -11.02
CA SER A 273 -29.36 -1.13 -11.80
C SER A 273 -30.73 -0.47 -11.59
N ALA A 274 -31.06 -0.15 -10.33
CA ALA A 274 -32.32 0.50 -9.95
C ALA A 274 -32.25 1.92 -10.40
N ALA A 275 -31.04 2.46 -10.42
CA ALA A 275 -30.84 3.83 -10.85
C ALA A 275 -31.19 3.89 -12.35
N TYR A 276 -30.52 3.04 -13.13
CA TYR A 276 -30.74 2.97 -14.57
C TYR A 276 -32.24 2.73 -14.84
N ALA A 277 -32.83 1.74 -14.20
CA ALA A 277 -34.25 1.44 -14.40
C ALA A 277 -35.11 2.68 -14.10
N ALA A 278 -34.64 3.51 -13.18
CA ALA A 278 -35.37 4.71 -12.80
C ALA A 278 -35.32 5.76 -13.91
N ARG A 279 -34.18 5.86 -14.59
CA ARG A 279 -34.07 6.83 -15.69
C ARG A 279 -34.93 6.29 -16.82
N TYR A 280 -34.98 4.98 -16.90
CA TYR A 280 -35.75 4.27 -17.92
C TYR A 280 -37.25 4.62 -17.88
N VAL A 281 -37.88 4.51 -16.71
CA VAL A 281 -39.31 4.82 -16.64
C VAL A 281 -39.57 6.33 -16.73
N ALA A 282 -38.74 7.13 -16.06
CA ALA A 282 -38.90 8.58 -16.10
C ALA A 282 -38.81 9.10 -17.54
N LYS A 283 -37.81 8.63 -18.27
CA LYS A 283 -37.64 9.04 -19.65
C LYS A 283 -38.85 8.55 -20.45
N ASN A 284 -39.16 7.26 -20.29
CA ASN A 284 -40.28 6.66 -21.00
C ASN A 284 -41.62 7.34 -20.73
N ILE A 285 -41.80 7.84 -19.51
CA ILE A 285 -43.03 8.51 -19.16
C ILE A 285 -43.14 9.82 -19.93
N VAL A 286 -42.06 10.61 -19.95
CA VAL A 286 -42.08 11.88 -20.67
C VAL A 286 -42.20 11.65 -22.18
N ALA A 287 -41.55 10.61 -22.68
CA ALA A 287 -41.64 10.30 -24.10
C ALA A 287 -43.08 9.91 -24.40
N ALA A 288 -43.67 9.18 -23.47
CA ALA A 288 -45.05 8.74 -23.62
C ALA A 288 -45.97 9.96 -23.53
N GLY A 289 -45.38 11.10 -23.17
CA GLY A 289 -46.15 12.33 -23.07
C GLY A 289 -47.06 12.44 -21.87
N LEU A 290 -46.87 11.59 -20.87
CA LEU A 290 -47.71 11.63 -19.66
C LEU A 290 -47.28 12.75 -18.70
N ALA A 291 -46.13 13.37 -18.97
CA ALA A 291 -45.65 14.46 -18.14
C ALA A 291 -44.52 15.17 -18.86
N ASP A 292 -44.28 16.43 -18.52
CA ASP A 292 -43.21 17.19 -19.15
C ASP A 292 -41.88 16.90 -18.47
N ARG A 293 -41.97 16.58 -17.19
CA ARG A 293 -40.77 16.25 -16.43
C ARG A 293 -41.16 15.49 -15.17
N CYS A 294 -40.52 14.35 -14.94
CA CYS A 294 -40.86 13.63 -13.75
C CYS A 294 -39.67 12.94 -13.13
N GLU A 295 -39.64 12.96 -11.80
CA GLU A 295 -38.57 12.39 -11.00
C GLU A 295 -39.14 11.12 -10.37
N ILE A 296 -38.40 10.01 -10.47
CA ILE A 296 -38.84 8.75 -9.89
C ILE A 296 -37.92 8.39 -8.74
N GLN A 297 -38.43 7.67 -7.76
CA GLN A 297 -37.59 7.29 -6.65
C GLN A 297 -37.97 5.95 -6.08
N VAL A 298 -37.01 5.03 -6.05
CA VAL A 298 -37.24 3.71 -5.48
C VAL A 298 -36.23 3.55 -4.36
N SER A 299 -36.55 2.65 -3.44
CA SER A 299 -35.67 2.37 -2.32
C SER A 299 -35.73 0.86 -2.10
N TYR A 300 -34.64 0.28 -1.60
CA TYR A 300 -34.61 -1.16 -1.39
C TYR A 300 -34.09 -1.57 -0.01
N ALA A 301 -34.23 -2.86 0.28
CA ALA A 301 -33.74 -3.45 1.52
C ALA A 301 -32.90 -4.68 1.18
N ILE A 302 -31.66 -4.68 1.66
CA ILE A 302 -30.75 -5.79 1.39
C ILE A 302 -31.39 -7.17 1.55
N GLY A 303 -31.14 -8.06 0.61
CA GLY A 303 -31.68 -9.40 0.68
C GLY A 303 -33.17 -9.48 0.38
N VAL A 304 -33.78 -8.33 0.14
CA VAL A 304 -35.19 -8.26 -0.16
C VAL A 304 -35.43 -7.93 -1.63
N ALA A 305 -36.19 -8.78 -2.32
CA ALA A 305 -36.47 -8.58 -3.74
C ALA A 305 -37.47 -7.48 -4.10
N GLU A 306 -38.49 -7.31 -3.27
CA GLU A 306 -39.53 -6.30 -3.54
C GLU A 306 -39.22 -4.92 -2.99
N PRO A 307 -39.20 -3.92 -3.88
CA PRO A 307 -38.94 -2.53 -3.52
C PRO A 307 -39.65 -2.05 -2.24
N THR A 308 -38.92 -1.34 -1.39
CA THR A 308 -39.49 -0.82 -0.15
C THR A 308 -40.28 0.48 -0.35
N SER A 309 -39.98 1.18 -1.45
CA SER A 309 -40.65 2.43 -1.77
C SER A 309 -40.56 2.84 -3.24
N ILE A 310 -41.60 3.51 -3.70
CA ILE A 310 -41.67 4.00 -5.07
C ILE A 310 -42.53 5.23 -5.07
N MET A 311 -42.08 6.27 -5.78
CA MET A 311 -42.82 7.51 -5.85
C MET A 311 -42.49 8.29 -7.12
N VAL A 312 -43.51 8.76 -7.81
CA VAL A 312 -43.31 9.52 -9.02
C VAL A 312 -43.66 10.97 -8.73
N GLU A 313 -42.82 11.89 -9.18
CA GLU A 313 -43.06 13.31 -8.96
C GLU A 313 -43.06 13.97 -10.32
N THR A 314 -44.18 14.58 -10.68
CA THR A 314 -44.29 15.21 -11.98
C THR A 314 -44.33 16.74 -11.92
N PHE A 315 -44.13 17.29 -10.73
CA PHE A 315 -44.11 18.74 -10.56
C PHE A 315 -45.32 19.41 -11.20
N GLY A 316 -46.47 18.75 -11.14
CA GLY A 316 -47.68 19.30 -11.71
C GLY A 316 -47.78 19.21 -13.23
N THR A 317 -46.66 18.96 -13.89
CA THR A 317 -46.64 18.87 -15.36
C THR A 317 -47.28 17.59 -15.90
N GLU A 318 -47.83 16.76 -15.02
CA GLU A 318 -48.44 15.52 -15.45
C GLU A 318 -49.67 15.77 -16.30
N LYS A 319 -50.10 14.74 -17.04
CA LYS A 319 -51.26 14.86 -17.92
C LYS A 319 -52.34 13.83 -17.60
N VAL A 320 -52.04 12.95 -16.65
CA VAL A 320 -53.01 11.96 -16.20
C VAL A 320 -52.83 12.03 -14.69
N PRO A 321 -53.93 12.02 -13.93
CA PRO A 321 -53.74 12.09 -12.48
C PRO A 321 -52.66 11.12 -12.01
N SER A 322 -51.73 11.65 -11.22
CA SER A 322 -50.63 10.87 -10.68
C SER A 322 -51.08 9.47 -10.34
N GLU A 323 -52.23 9.37 -9.68
CA GLU A 323 -52.81 8.09 -9.28
C GLU A 323 -52.58 7.00 -10.33
N GLN A 324 -53.23 7.14 -11.48
CA GLN A 324 -53.11 6.14 -12.53
C GLN A 324 -51.68 6.14 -13.05
N LEU A 325 -51.00 7.27 -12.90
CA LEU A 325 -49.62 7.39 -13.38
C LEU A 325 -48.68 6.57 -12.51
N THR A 326 -49.03 6.40 -11.25
CA THR A 326 -48.19 5.64 -10.33
C THR A 326 -48.55 4.17 -10.33
N LEU A 327 -49.83 3.90 -10.59
CA LEU A 327 -50.33 2.54 -10.65
C LEU A 327 -49.92 1.94 -11.99
N LEU A 328 -49.62 2.82 -12.94
CA LEU A 328 -49.20 2.40 -14.26
C LEU A 328 -47.73 1.93 -14.17
N VAL A 329 -46.96 2.67 -13.37
CA VAL A 329 -45.53 2.38 -13.18
C VAL A 329 -45.25 0.94 -12.75
N ARG A 330 -45.76 0.57 -11.59
CA ARG A 330 -45.56 -0.79 -11.09
C ARG A 330 -46.32 -1.79 -11.95
N GLU A 331 -47.16 -1.26 -12.83
CA GLU A 331 -47.94 -2.10 -13.72
C GLU A 331 -47.08 -2.51 -14.90
N PHE A 332 -46.40 -1.54 -15.48
CA PHE A 332 -45.56 -1.79 -16.64
C PHE A 332 -44.15 -2.34 -16.40
N PHE A 333 -43.42 -1.76 -15.46
CA PHE A 333 -42.06 -2.21 -15.21
C PHE A 333 -41.90 -3.07 -13.96
N ASP A 334 -40.84 -3.88 -13.96
CA ASP A 334 -40.47 -4.76 -12.85
C ASP A 334 -39.22 -4.16 -12.18
N LEU A 335 -39.37 -3.59 -11.00
CA LEU A 335 -38.22 -3.01 -10.32
C LEU A 335 -37.57 -3.98 -9.35
N ARG A 336 -37.96 -5.24 -9.42
CA ARG A 336 -37.34 -6.25 -8.54
C ARG A 336 -35.95 -6.52 -9.09
N PRO A 337 -34.97 -6.70 -8.20
CA PRO A 337 -33.60 -6.96 -8.65
C PRO A 337 -33.49 -7.78 -9.93
N TYR A 338 -34.05 -8.97 -9.89
CA TYR A 338 -33.95 -9.87 -11.03
C TYR A 338 -34.98 -9.70 -12.11
N GLY A 339 -35.53 -8.49 -12.16
CA GLY A 339 -36.50 -8.12 -13.17
C GLY A 339 -35.93 -6.99 -14.03
N LEU A 340 -35.20 -6.07 -13.39
CA LEU A 340 -34.57 -4.95 -14.08
C LEU A 340 -33.34 -5.39 -14.87
N ILE A 341 -32.66 -6.41 -14.37
CA ILE A 341 -31.49 -6.88 -15.07
C ILE A 341 -31.91 -7.49 -16.41
N GLN A 342 -33.03 -8.20 -16.41
CA GLN A 342 -33.51 -8.78 -17.66
C GLN A 342 -34.12 -7.63 -18.45
N MET A 343 -34.89 -6.79 -17.75
CA MET A 343 -35.53 -5.63 -18.37
C MET A 343 -34.57 -4.83 -19.20
N LEU A 344 -33.35 -4.64 -18.68
CA LEU A 344 -32.35 -3.86 -19.39
C LEU A 344 -31.17 -4.68 -19.89
N ASP A 345 -31.20 -5.99 -19.69
CA ASP A 345 -30.12 -6.88 -20.12
C ASP A 345 -28.78 -6.35 -19.63
N LEU A 346 -28.66 -6.22 -18.32
CA LEU A 346 -27.43 -5.70 -17.73
C LEU A 346 -26.25 -6.68 -17.56
N LEU A 347 -26.42 -7.97 -17.90
CA LEU A 347 -25.30 -8.91 -17.72
C LEU A 347 -24.38 -8.89 -18.93
N HIS A 348 -23.72 -7.76 -19.13
CA HIS A 348 -22.81 -7.60 -20.26
C HIS A 348 -21.76 -6.57 -19.93
N PRO A 349 -20.60 -6.64 -20.59
CA PRO A 349 -19.57 -5.66 -20.29
C PRO A 349 -19.78 -4.39 -21.07
N ILE A 350 -20.66 -3.54 -20.57
CA ILE A 350 -20.99 -2.29 -21.23
C ILE A 350 -20.79 -1.08 -20.33
N TYR A 351 -20.09 -1.24 -19.20
CA TYR A 351 -19.99 -0.13 -18.27
C TYR A 351 -18.81 0.82 -18.32
N LYS A 352 -17.62 0.34 -18.69
CA LYS A 352 -16.48 1.25 -18.80
C LYS A 352 -16.90 2.50 -19.58
N GLU A 353 -17.51 2.28 -20.75
CA GLU A 353 -17.98 3.36 -21.62
C GLU A 353 -18.85 4.36 -20.88
N THR A 354 -19.49 3.91 -19.81
CA THR A 354 -20.37 4.74 -19.02
C THR A 354 -19.67 5.54 -17.93
N ALA A 355 -18.39 5.23 -17.70
CA ALA A 355 -17.59 5.86 -16.64
C ALA A 355 -17.11 7.31 -16.84
N ALA A 356 -17.32 7.87 -18.02
CA ALA A 356 -16.91 9.24 -18.27
C ALA A 356 -17.95 9.91 -19.13
N TYR A 357 -18.25 11.16 -18.80
CA TYR A 357 -19.22 11.95 -19.54
C TYR A 357 -20.70 11.59 -19.41
N GLY A 358 -21.11 11.17 -18.21
CA GLY A 358 -22.51 10.89 -17.98
C GLY A 358 -23.01 9.50 -18.23
N HIS A 359 -23.90 9.03 -17.37
CA HIS A 359 -24.47 7.70 -17.51
C HIS A 359 -25.79 7.83 -18.24
N PHE A 360 -26.24 9.05 -18.45
CA PHE A 360 -27.49 9.28 -19.14
C PHE A 360 -27.29 10.26 -20.29
N GLY A 361 -28.15 10.15 -21.30
CA GLY A 361 -28.07 11.03 -22.46
C GLY A 361 -27.62 10.32 -23.72
N ARG A 362 -27.02 9.13 -23.57
CA ARG A 362 -26.55 8.33 -24.71
C ARG A 362 -27.64 7.32 -25.09
N GLU A 363 -28.43 7.69 -26.09
CA GLU A 363 -29.56 6.89 -26.56
C GLU A 363 -29.28 5.45 -26.94
N HIS A 364 -28.01 5.07 -27.10
CA HIS A 364 -27.72 3.69 -27.44
C HIS A 364 -27.62 2.81 -26.20
N PHE A 365 -27.61 3.43 -25.02
CA PHE A 365 -27.56 2.67 -23.78
C PHE A 365 -28.94 2.05 -23.64
N PRO A 366 -29.02 0.85 -23.07
CA PRO A 366 -30.30 0.16 -22.89
C PRO A 366 -31.34 0.94 -22.06
N TRP A 367 -30.88 1.80 -21.14
CA TRP A 367 -31.83 2.54 -20.33
C TRP A 367 -32.29 3.85 -20.96
N GLU A 368 -31.65 4.22 -22.05
CA GLU A 368 -32.00 5.46 -22.76
C GLU A 368 -33.06 5.22 -23.81
N LYS A 369 -33.32 3.96 -24.13
CA LYS A 369 -34.32 3.63 -25.12
C LYS A 369 -35.73 3.87 -24.64
N THR A 370 -36.60 4.32 -25.54
CA THR A 370 -37.97 4.55 -25.13
C THR A 370 -38.89 3.72 -26.01
N ASP A 371 -39.09 2.47 -25.62
CA ASP A 371 -39.95 1.56 -26.37
C ASP A 371 -41.30 1.43 -25.69
N LYS A 372 -41.29 1.49 -24.37
CA LYS A 372 -42.50 1.37 -23.57
C LYS A 372 -43.40 2.61 -23.59
N ALA A 373 -42.90 3.71 -24.13
CA ALA A 373 -43.68 4.95 -24.18
C ALA A 373 -45.02 4.76 -24.86
N GLN A 374 -45.01 4.46 -26.15
CA GLN A 374 -46.24 4.26 -26.88
C GLN A 374 -47.19 3.30 -26.17
N LEU A 375 -46.63 2.29 -25.52
CA LEU A 375 -47.46 1.32 -24.81
C LEU A 375 -47.91 1.90 -23.47
N LEU A 376 -47.09 2.79 -22.93
CA LEU A 376 -47.38 3.46 -21.67
C LEU A 376 -48.45 4.50 -21.98
N ARG A 377 -48.61 4.78 -23.27
CA ARG A 377 -49.60 5.74 -23.73
C ARG A 377 -50.96 5.04 -23.86
N ASP A 378 -50.95 3.84 -24.43
CA ASP A 378 -52.16 3.06 -24.61
C ASP A 378 -52.88 2.91 -23.29
N ALA A 379 -52.11 2.78 -22.22
CA ALA A 379 -52.71 2.60 -20.90
C ALA A 379 -53.38 3.87 -20.40
N ALA A 380 -53.40 4.92 -21.23
CA ALA A 380 -54.05 6.17 -20.86
C ALA A 380 -54.34 6.98 -22.11
N GLY A 381 -55.62 7.20 -22.40
CA GLY A 381 -55.97 7.97 -23.59
C GLY A 381 -54.98 7.79 -24.72
N LEU A 382 -55.06 6.64 -25.38
CA LEU A 382 -54.15 6.34 -26.48
C LEU A 382 -54.19 7.45 -27.53
N LYS A 383 -55.26 7.43 -28.32
CA LYS A 383 -55.49 8.37 -29.42
C LYS A 383 -54.26 9.23 -29.77
N ALA B 1 -51.73 13.92 -3.74
CA ALA B 1 -51.72 14.12 -2.27
C ALA B 1 -50.83 13.10 -1.53
N LYS B 2 -51.10 11.81 -1.73
CA LYS B 2 -50.32 10.77 -1.06
C LYS B 2 -49.12 10.33 -1.87
N HIS B 3 -48.02 10.04 -1.17
CA HIS B 3 -46.80 9.59 -1.81
C HIS B 3 -45.81 9.12 -0.76
N LEU B 4 -44.86 8.28 -1.17
CA LEU B 4 -43.86 7.75 -0.26
C LEU B 4 -42.44 8.27 -0.49
N PHE B 5 -41.77 8.66 0.60
CA PHE B 5 -40.40 9.17 0.52
C PHE B 5 -39.49 8.41 1.50
N THR B 6 -38.36 7.91 0.98
CA THR B 6 -37.42 7.13 1.78
C THR B 6 -36.04 7.76 1.98
N SER B 7 -35.51 7.64 3.19
CA SER B 7 -34.19 8.15 3.51
C SER B 7 -33.44 7.06 4.29
N GLU B 8 -32.13 7.25 4.50
CA GLU B 8 -31.34 6.24 5.19
C GLU B 8 -30.18 6.85 5.94
N SER B 9 -29.64 6.09 6.89
CA SER B 9 -28.49 6.53 7.64
C SER B 9 -27.57 5.36 7.97
N VAL B 10 -26.36 5.67 8.43
CA VAL B 10 -25.38 4.65 8.76
C VAL B 10 -24.68 4.92 10.08
N SER B 11 -24.38 3.87 10.82
CA SER B 11 -23.70 3.98 12.12
C SER B 11 -22.28 4.50 11.98
N GLU B 12 -21.70 4.90 13.10
CA GLU B 12 -20.34 5.39 13.08
C GLU B 12 -19.42 4.21 12.80
N GLY B 13 -19.98 3.01 12.85
CA GLY B 13 -19.20 1.81 12.58
C GLY B 13 -19.19 1.39 11.12
N HIS B 14 -19.86 2.16 10.27
CA HIS B 14 -19.91 1.87 8.84
C HIS B 14 -18.57 2.24 8.17
N PRO B 15 -18.01 1.33 7.35
CA PRO B 15 -16.73 1.57 6.64
C PRO B 15 -16.56 2.97 6.08
N ASP B 16 -17.54 3.42 5.32
CA ASP B 16 -17.49 4.75 4.74
C ASP B 16 -17.36 5.80 5.83
N LYS B 17 -18.21 5.71 6.84
CA LYS B 17 -18.14 6.67 7.94
C LYS B 17 -16.81 6.59 8.70
N ILE B 18 -16.25 5.39 8.81
CA ILE B 18 -14.97 5.23 9.51
C ILE B 18 -13.97 6.12 8.81
N ALA B 19 -14.01 6.10 7.47
CA ALA B 19 -13.13 6.94 6.66
C ALA B 19 -13.32 8.40 7.07
N ASP B 20 -14.53 8.90 6.86
CA ASP B 20 -14.88 10.28 7.18
C ASP B 20 -14.36 10.67 8.56
N GLN B 21 -14.66 9.85 9.55
CA GLN B 21 -14.24 10.12 10.92
C GLN B 21 -12.74 10.27 10.95
N ILE B 22 -12.04 9.30 10.37
CA ILE B 22 -10.58 9.35 10.32
C ILE B 22 -10.13 10.64 9.65
N SER B 23 -10.62 10.85 8.43
CA SER B 23 -10.30 12.03 7.65
C SER B 23 -10.48 13.31 8.46
N ASP B 24 -11.68 13.52 9.02
CA ASP B 24 -11.93 14.73 9.78
C ASP B 24 -11.21 14.74 11.13
N ALA B 25 -10.76 13.56 11.57
CA ALA B 25 -10.02 13.46 12.83
C ALA B 25 -8.62 14.01 12.61
N VAL B 26 -8.07 13.76 11.44
CA VAL B 26 -6.74 14.27 11.13
C VAL B 26 -6.76 15.79 10.97
N LEU B 27 -7.80 16.32 10.31
CA LEU B 27 -7.91 17.76 10.12
C LEU B 27 -7.94 18.51 11.45
N ASP B 28 -8.89 18.14 12.32
CA ASP B 28 -9.02 18.75 13.64
C ASP B 28 -7.66 18.81 14.32
N ALA B 29 -7.02 17.66 14.46
CA ALA B 29 -5.70 17.61 15.07
C ALA B 29 -4.81 18.68 14.45
N ILE B 30 -4.73 18.68 13.13
CA ILE B 30 -3.90 19.65 12.42
C ILE B 30 -4.35 21.07 12.76
N LEU B 31 -5.62 21.35 12.49
CA LEU B 31 -6.15 22.68 12.74
C LEU B 31 -5.84 23.16 14.15
N GLU B 32 -6.06 22.28 15.14
CA GLU B 32 -5.79 22.65 16.53
C GLU B 32 -4.44 23.35 16.61
N GLN B 33 -3.50 22.85 15.82
CA GLN B 33 -2.15 23.39 15.81
C GLN B 33 -1.99 24.56 14.84
N ASP B 34 -2.73 24.51 13.75
CA ASP B 34 -2.66 25.55 12.74
C ASP B 34 -4.02 25.68 12.05
N PRO B 35 -4.74 26.77 12.36
CA PRO B 35 -6.08 27.01 11.80
C PRO B 35 -6.10 27.32 10.30
N LYS B 36 -5.02 27.93 9.80
CA LYS B 36 -4.96 28.30 8.39
C LYS B 36 -4.27 27.24 7.52
N ALA B 37 -4.20 26.02 8.05
CA ALA B 37 -3.60 24.89 7.32
C ALA B 37 -4.48 24.50 6.15
N ARG B 38 -3.90 23.93 5.11
CA ARG B 38 -4.70 23.49 3.97
C ARG B 38 -4.69 21.96 3.96
N VAL B 39 -5.85 21.39 4.28
CA VAL B 39 -6.01 19.94 4.38
C VAL B 39 -7.03 19.31 3.43
N ALA B 40 -6.56 18.39 2.59
CA ALA B 40 -7.42 17.66 1.66
C ALA B 40 -7.03 16.21 1.91
N CYS B 41 -7.63 15.62 2.93
CA CYS B 41 -7.31 14.25 3.33
C CYS B 41 -8.32 13.20 2.98
N GLU B 42 -7.91 12.25 2.13
CA GLU B 42 -8.81 11.18 1.69
C GLU B 42 -8.39 9.86 2.33
N THR B 43 -9.35 9.16 2.94
CA THR B 43 -9.04 7.88 3.57
C THR B 43 -9.69 6.66 2.91
N TYR B 44 -8.94 5.57 2.83
CA TYR B 44 -9.40 4.32 2.21
C TYR B 44 -9.29 3.26 3.30
N VAL B 45 -10.36 2.53 3.55
CA VAL B 45 -10.34 1.52 4.59
C VAL B 45 -10.84 0.15 4.19
N LYS B 46 -10.01 -0.87 4.43
CA LYS B 46 -10.37 -2.24 4.11
C LYS B 46 -9.90 -3.23 5.15
N THR B 47 -10.21 -4.49 4.91
CA THR B 47 -9.93 -5.61 5.83
C THR B 47 -8.93 -5.47 6.99
N GLY B 48 -7.70 -5.12 6.71
CA GLY B 48 -6.80 -5.02 7.84
C GLY B 48 -5.99 -3.77 7.79
N MET B 49 -6.43 -2.82 6.95
CA MET B 49 -5.68 -1.60 6.80
C MET B 49 -6.53 -0.34 6.79
N VAL B 50 -5.82 0.78 6.81
CA VAL B 50 -6.42 2.10 6.78
C VAL B 50 -5.40 2.93 6.00
N LEU B 51 -5.87 3.57 4.93
CA LEU B 51 -5.00 4.38 4.09
C LEU B 51 -5.39 5.85 4.21
N VAL B 52 -4.47 6.65 4.77
CA VAL B 52 -4.73 8.06 4.91
C VAL B 52 -3.82 8.73 3.89
N GLY B 53 -4.43 9.42 2.93
CA GLY B 53 -3.65 10.09 1.89
C GLY B 53 -4.25 11.41 1.46
N GLY B 54 -3.72 11.94 0.36
CA GLY B 54 -4.20 13.21 -0.18
C GLY B 54 -3.11 14.28 -0.11
N GLU B 55 -3.51 15.54 -0.03
CA GLU B 55 -2.54 16.63 0.02
C GLU B 55 -2.77 17.54 1.20
N ILE B 56 -1.74 17.67 2.03
CA ILE B 56 -1.78 18.51 3.21
C ILE B 56 -0.56 19.43 3.27
N THR B 57 -0.82 20.71 3.44
CA THR B 57 0.23 21.71 3.55
C THR B 57 -0.03 22.49 4.83
N THR B 58 0.69 22.09 5.89
CA THR B 58 0.55 22.72 7.20
C THR B 58 1.89 22.79 7.93
N SER B 59 1.95 23.64 8.95
CA SER B 59 3.16 23.81 9.77
C SER B 59 3.03 22.96 11.02
N ALA B 60 1.84 22.38 11.17
CA ALA B 60 1.50 21.51 12.28
C ALA B 60 2.29 20.22 12.23
N TRP B 61 2.44 19.56 13.38
CA TRP B 61 3.14 18.29 13.41
C TRP B 61 2.23 17.30 14.15
N VAL B 62 1.67 16.35 13.41
CA VAL B 62 0.74 15.38 13.95
C VAL B 62 1.15 13.93 13.75
N ASP B 63 0.52 13.03 14.50
CA ASP B 63 0.80 11.60 14.38
C ASP B 63 -0.41 10.85 13.80
N ILE B 64 -0.34 10.53 12.51
CA ILE B 64 -1.42 9.83 11.81
C ILE B 64 -1.80 8.48 12.43
N GLU B 65 -0.80 7.65 12.72
CA GLU B 65 -1.08 6.35 13.32
C GLU B 65 -1.89 6.53 14.59
N GLU B 66 -1.43 7.40 15.48
CA GLU B 66 -2.11 7.63 16.74
C GLU B 66 -3.51 8.18 16.55
N ILE B 67 -3.64 9.23 15.74
CA ILE B 67 -4.96 9.79 15.53
C ILE B 67 -5.88 8.74 14.94
N THR B 68 -5.36 7.97 14.00
CA THR B 68 -6.13 6.90 13.35
C THR B 68 -6.52 5.78 14.32
N ARG B 69 -5.52 5.09 14.87
CA ARG B 69 -5.79 4.00 15.81
C ARG B 69 -6.79 4.41 16.89
N ASN B 70 -6.60 5.59 17.46
CA ASN B 70 -7.50 6.12 18.50
C ASN B 70 -8.92 6.37 17.95
N THR B 71 -9.02 6.91 16.74
CA THR B 71 -10.31 7.18 16.13
C THR B 71 -11.08 5.89 15.87
N VAL B 72 -10.40 4.87 15.35
CA VAL B 72 -11.04 3.60 15.09
C VAL B 72 -11.39 2.98 16.44
N ARG B 73 -10.43 3.00 17.36
CA ARG B 73 -10.66 2.47 18.70
C ARG B 73 -11.99 3.00 19.28
N GLU B 74 -12.17 4.31 19.28
CA GLU B 74 -13.39 4.91 19.80
C GLU B 74 -14.63 4.40 19.05
N ILE B 75 -14.50 4.26 17.74
CA ILE B 75 -15.63 3.76 16.95
C ILE B 75 -16.07 2.42 17.56
N GLY B 76 -15.11 1.55 17.85
CA GLY B 76 -15.48 0.30 18.47
C GLY B 76 -14.74 -0.96 18.07
N TYR B 77 -14.11 -0.98 16.91
CA TYR B 77 -13.40 -2.19 16.46
C TYR B 77 -12.11 -2.38 17.24
N VAL B 78 -12.11 -3.31 18.20
CA VAL B 78 -10.96 -3.58 19.03
C VAL B 78 -10.59 -5.04 19.20
N HIS B 79 -11.06 -5.89 18.29
CA HIS B 79 -10.77 -7.31 18.40
C HIS B 79 -10.94 -7.92 17.01
N SER B 80 -10.14 -8.94 16.69
CA SER B 80 -10.26 -9.59 15.39
C SER B 80 -11.65 -10.23 15.30
N ASP B 81 -12.26 -10.49 16.45
CA ASP B 81 -13.59 -11.08 16.52
C ASP B 81 -14.61 -10.26 15.72
N MET B 82 -14.47 -8.94 15.75
CA MET B 82 -15.39 -8.06 15.02
C MET B 82 -14.89 -7.73 13.61
N GLY B 83 -13.78 -8.34 13.20
CA GLY B 83 -13.27 -8.11 11.87
C GLY B 83 -12.20 -7.05 11.67
N PHE B 84 -12.14 -6.06 12.55
CA PHE B 84 -11.14 -5.00 12.45
C PHE B 84 -10.67 -4.68 13.87
N ASP B 85 -9.42 -4.22 14.00
CA ASP B 85 -8.88 -3.87 15.32
C ASP B 85 -7.90 -2.71 15.24
N ALA B 86 -8.27 -1.60 15.87
CA ALA B 86 -7.47 -0.38 15.93
C ALA B 86 -6.03 -0.65 16.37
N ASN B 87 -5.86 -1.59 17.29
CA ASN B 87 -4.54 -1.90 17.79
C ASN B 87 -3.70 -2.73 16.83
N SER B 88 -4.31 -3.67 16.14
CA SER B 88 -3.56 -4.55 15.24
C SER B 88 -3.74 -4.33 13.75
N CYS B 89 -4.51 -3.33 13.35
CA CYS B 89 -4.69 -3.08 11.92
C CYS B 89 -3.50 -2.31 11.36
N ALA B 90 -3.42 -2.22 10.04
CA ALA B 90 -2.33 -1.49 9.41
C ALA B 90 -2.73 -0.03 9.19
N VAL B 91 -1.78 0.88 9.36
CA VAL B 91 -2.05 2.29 9.12
C VAL B 91 -1.04 2.74 8.09
N LEU B 92 -1.53 3.07 6.89
CA LEU B 92 -0.69 3.50 5.78
C LEU B 92 -0.92 4.97 5.49
N SER B 93 0.12 5.61 4.96
CA SER B 93 0.05 7.04 4.60
C SER B 93 0.67 7.41 3.25
N ALA B 94 -0.12 8.13 2.45
CA ALA B 94 0.34 8.64 1.17
C ALA B 94 -0.13 10.10 1.15
N ILE B 95 0.55 10.96 1.91
CA ILE B 95 0.16 12.36 1.97
C ILE B 95 1.21 13.29 1.41
N GLY B 96 0.87 13.95 0.31
CA GLY B 96 1.76 14.90 -0.32
C GLY B 96 1.29 16.29 0.09
N LYS B 97 1.87 17.33 -0.51
CA LYS B 97 1.50 18.71 -0.19
C LYS B 97 0.60 19.30 -1.28
N GLN B 98 -0.15 20.34 -0.93
CA GLN B 98 -1.05 20.98 -1.88
C GLN B 98 -0.28 21.61 -3.04
N SER B 99 -0.81 21.43 -4.24
CA SER B 99 -0.19 21.98 -5.42
C SER B 99 -0.17 23.51 -5.34
N PRO B 100 1.01 24.11 -5.56
CA PRO B 100 1.13 25.57 -5.51
C PRO B 100 0.26 26.21 -6.59
N ASP B 101 0.05 25.49 -7.70
CA ASP B 101 -0.76 25.98 -8.80
C ASP B 101 -2.16 26.33 -8.30
N ILE B 102 -2.70 25.47 -7.45
CA ILE B 102 -4.02 25.72 -6.89
C ILE B 102 -3.93 26.87 -5.89
N ASN B 103 -2.93 26.78 -5.01
CA ASN B 103 -2.72 27.77 -3.97
C ASN B 103 -2.67 29.24 -4.39
N GLN B 104 -2.02 29.55 -5.50
CA GLN B 104 -1.93 30.94 -5.93
C GLN B 104 -3.30 31.54 -6.16
N GLY B 105 -4.26 30.70 -6.48
CA GLY B 105 -5.59 31.20 -6.73
C GLY B 105 -6.41 31.25 -5.49
N VAL B 106 -5.98 30.54 -4.47
CA VAL B 106 -6.71 30.52 -3.20
C VAL B 106 -6.28 31.64 -2.25
N ASP B 107 -5.01 31.62 -1.90
CA ASP B 107 -4.46 32.62 -0.99
C ASP B 107 -3.73 33.69 -1.77
N ARG B 108 -4.38 34.84 -1.93
CA ARG B 108 -3.79 35.96 -2.65
C ARG B 108 -3.36 37.02 -1.65
N ALA B 109 -2.69 38.07 -2.14
CA ALA B 109 -2.21 39.15 -1.29
C ALA B 109 -3.26 39.59 -0.28
N ASP B 110 -4.36 40.12 -0.81
CA ASP B 110 -5.44 40.57 0.04
C ASP B 110 -6.23 39.35 0.48
N PRO B 111 -6.33 39.13 1.80
CA PRO B 111 -7.09 38.00 2.36
C PRO B 111 -8.58 37.95 1.96
N LEU B 112 -9.20 39.11 1.79
CA LEU B 112 -10.60 39.18 1.40
C LEU B 112 -10.78 38.60 0.00
N GLU B 113 -9.93 39.05 -0.92
CA GLU B 113 -9.96 38.63 -2.32
C GLU B 113 -9.67 37.13 -2.47
N GLN B 114 -9.15 36.52 -1.41
CA GLN B 114 -8.79 35.11 -1.47
C GLN B 114 -9.89 34.25 -2.10
N GLY B 115 -9.47 33.41 -3.05
CA GLY B 115 -10.38 32.58 -3.80
C GLY B 115 -10.85 31.19 -3.36
N ALA B 116 -11.93 30.76 -4.02
CA ALA B 116 -12.54 29.48 -3.75
C ALA B 116 -11.53 28.38 -4.00
N GLY B 117 -11.59 27.36 -3.15
CA GLY B 117 -10.68 26.25 -3.25
C GLY B 117 -10.82 25.45 -4.53
N ASP B 118 -12.00 25.53 -5.15
CA ASP B 118 -12.28 24.79 -6.37
C ASP B 118 -13.55 25.30 -7.00
N GLN B 119 -13.93 24.73 -8.15
CA GLN B 119 -15.17 25.10 -8.82
C GLN B 119 -16.23 24.14 -8.29
N GLY B 120 -17.50 24.43 -8.55
CA GLY B 120 -18.54 23.53 -8.07
C GLY B 120 -19.78 24.23 -7.56
N LEU B 121 -20.82 23.44 -7.30
CA LEU B 121 -22.08 23.98 -6.82
C LEU B 121 -22.48 23.32 -5.50
N MET B 122 -23.14 24.08 -4.61
CA MET B 122 -23.59 23.56 -3.31
C MET B 122 -25.04 23.87 -3.00
N PHE B 123 -25.70 22.92 -2.34
CA PHE B 123 -27.11 23.09 -2.02
C PHE B 123 -27.39 23.16 -0.52
N GLY B 124 -28.09 24.22 -0.12
CA GLY B 124 -28.48 24.39 1.26
C GLY B 124 -29.97 24.08 1.36
N TYR B 125 -30.44 23.69 2.54
CA TYR B 125 -31.86 23.39 2.68
C TYR B 125 -32.42 23.57 4.07
N ALA B 126 -33.69 23.98 4.13
CA ALA B 126 -34.40 24.17 5.39
C ALA B 126 -35.89 23.85 5.22
N THR B 127 -36.51 23.36 6.29
CA THR B 127 -37.93 23.02 6.25
C THR B 127 -38.56 23.13 7.64
N ASN B 128 -39.82 23.57 7.71
CA ASN B 128 -40.49 23.72 9.00
C ASN B 128 -41.14 22.40 9.47
N GLU B 129 -40.75 21.30 8.84
CA GLU B 129 -41.27 20.00 9.21
C GLU B 129 -40.89 19.65 10.64
N THR B 130 -39.80 20.24 11.12
CA THR B 130 -39.32 19.99 12.47
C THR B 130 -38.67 21.22 13.15
N ASP B 131 -38.61 21.18 14.48
CA ASP B 131 -38.02 22.26 15.27
C ASP B 131 -36.67 22.72 14.75
N VAL B 132 -35.79 21.78 14.45
CA VAL B 132 -34.46 22.11 13.97
C VAL B 132 -34.50 22.37 12.48
N LEU B 133 -35.71 22.58 11.97
CA LEU B 133 -35.92 22.88 10.56
C LEU B 133 -35.24 21.90 9.61
N MET B 134 -35.21 20.63 10.00
CA MET B 134 -34.62 19.58 9.16
C MET B 134 -35.75 18.70 8.67
N PRO B 135 -35.53 17.99 7.57
CA PRO B 135 -36.58 17.11 7.07
C PRO B 135 -36.70 16.00 8.12
N ALA B 136 -37.87 15.37 8.19
CA ALA B 136 -38.08 14.32 9.18
C ALA B 136 -37.37 13.00 8.88
N PRO B 137 -37.57 12.43 7.67
CA PRO B 137 -36.93 11.16 7.36
C PRO B 137 -35.45 11.02 7.74
N ILE B 138 -34.63 12.00 7.40
CA ILE B 138 -33.22 11.88 7.73
C ILE B 138 -32.99 12.01 9.24
N THR B 139 -33.86 12.78 9.90
CA THR B 139 -33.70 12.97 11.35
C THR B 139 -33.92 11.66 12.10
N TYR B 140 -34.96 10.92 11.73
CA TYR B 140 -35.23 9.66 12.42
C TYR B 140 -34.25 8.53 12.08
N ALA B 141 -33.80 8.50 10.84
CA ALA B 141 -32.85 7.47 10.43
C ALA B 141 -31.54 7.67 11.22
N HIS B 142 -31.11 8.91 11.37
CA HIS B 142 -29.89 9.20 12.13
C HIS B 142 -30.09 8.70 13.55
N ARG B 143 -31.25 9.03 14.12
CA ARG B 143 -31.58 8.63 15.48
C ARG B 143 -31.51 7.13 15.62
N LEU B 144 -31.97 6.41 14.61
CA LEU B 144 -31.93 4.97 14.70
C LEU B 144 -30.51 4.42 14.83
N VAL B 145 -29.60 4.78 13.91
CA VAL B 145 -28.24 4.25 14.01
C VAL B 145 -27.54 4.78 15.25
N GLN B 146 -27.87 5.99 15.63
CA GLN B 146 -27.27 6.60 16.80
C GLN B 146 -27.70 5.87 18.07
N ARG B 147 -28.94 5.40 18.08
CA ARG B 147 -29.43 4.67 19.24
C ARG B 147 -28.67 3.36 19.34
N GLN B 148 -28.66 2.61 18.24
CA GLN B 148 -27.96 1.32 18.18
C GLN B 148 -26.55 1.46 18.73
N ALA B 149 -25.88 2.54 18.35
CA ALA B 149 -24.51 2.74 18.79
C ALA B 149 -24.43 2.92 20.29
N GLU B 150 -25.42 3.62 20.83
CA GLU B 150 -25.46 3.93 22.25
C GLU B 150 -25.86 2.73 23.12
N VAL B 151 -26.76 1.90 22.59
CA VAL B 151 -27.22 0.72 23.30
C VAL B 151 -26.11 -0.33 23.27
N ARG B 152 -25.16 -0.14 22.35
CA ARG B 152 -24.03 -1.04 22.21
C ARG B 152 -22.95 -0.61 23.21
N LYS B 153 -22.65 0.69 23.23
CA LYS B 153 -21.64 1.24 24.10
C LYS B 153 -22.01 1.16 25.58
N ASN B 154 -23.27 1.44 25.91
CA ASN B 154 -23.72 1.37 27.31
C ASN B 154 -23.83 -0.06 27.81
N GLY B 155 -23.64 -1.03 26.91
CA GLY B 155 -23.71 -2.41 27.32
C GLY B 155 -25.10 -3.02 27.44
N THR B 156 -26.10 -2.31 26.93
CA THR B 156 -27.46 -2.83 26.98
C THR B 156 -27.51 -4.08 26.11
N LEU B 157 -27.00 -3.98 24.88
CA LEU B 157 -26.95 -5.12 23.96
C LEU B 157 -25.49 -5.31 23.63
N PRO B 158 -24.76 -5.99 24.53
CA PRO B 158 -23.33 -6.25 24.37
C PRO B 158 -22.94 -7.03 23.12
N TRP B 159 -23.88 -7.77 22.54
CA TRP B 159 -23.56 -8.56 21.36
C TRP B 159 -23.66 -7.77 20.06
N LEU B 160 -23.93 -6.47 20.16
CA LEU B 160 -24.00 -5.61 18.98
C LEU B 160 -22.58 -5.22 18.54
N ARG B 161 -22.37 -5.11 17.24
CA ARG B 161 -21.08 -4.74 16.71
C ARG B 161 -21.22 -3.33 16.13
N PRO B 162 -20.10 -2.64 15.88
CA PRO B 162 -20.15 -1.27 15.33
C PRO B 162 -20.92 -1.04 14.04
N ASP B 163 -20.70 -1.90 13.05
CA ASP B 163 -21.35 -1.76 11.76
C ASP B 163 -22.87 -1.87 11.76
N ALA B 164 -23.53 -0.87 11.19
CA ALA B 164 -24.99 -0.88 11.13
C ALA B 164 -25.52 0.19 10.17
N LYS B 165 -26.66 -0.10 9.56
CA LYS B 165 -27.30 0.81 8.61
C LYS B 165 -28.80 0.85 8.92
N SER B 166 -29.43 1.98 8.65
CA SER B 166 -30.85 2.14 8.92
C SER B 166 -31.61 2.83 7.80
N GLN B 167 -32.80 2.30 7.50
CA GLN B 167 -33.66 2.86 6.46
C GLN B 167 -35.12 3.02 6.91
N VAL B 168 -35.71 4.19 6.62
CA VAL B 168 -37.10 4.45 6.97
C VAL B 168 -37.81 5.17 5.85
N THR B 169 -39.07 4.79 5.61
CA THR B 169 -39.84 5.43 4.57
C THR B 169 -41.13 5.95 5.18
N PHE B 170 -41.39 7.25 4.99
CA PHE B 170 -42.56 7.89 5.55
C PHE B 170 -43.73 7.96 4.59
N GLN B 171 -44.95 8.04 5.13
CA GLN B 171 -46.15 8.18 4.31
C GLN B 171 -46.43 9.67 4.27
N TYR B 172 -46.51 10.25 3.08
CA TYR B 172 -46.78 11.66 2.98
C TYR B 172 -48.09 11.94 2.25
N ASP B 173 -49.05 12.48 2.99
CA ASP B 173 -50.35 12.80 2.42
C ASP B 173 -50.63 14.24 2.75
N ASP B 174 -51.26 14.94 1.82
CA ASP B 174 -51.58 16.34 2.04
C ASP B 174 -50.26 17.07 2.36
N GLY B 175 -49.15 16.55 1.85
CA GLY B 175 -47.86 17.19 2.09
C GLY B 175 -47.30 17.02 3.50
N LYS B 176 -48.01 16.32 4.37
CA LYS B 176 -47.54 16.10 5.72
C LYS B 176 -47.41 14.62 6.01
N ILE B 177 -46.72 14.31 7.09
CA ILE B 177 -46.50 12.92 7.45
C ILE B 177 -47.75 12.34 8.09
N VAL B 178 -48.10 11.12 7.69
CA VAL B 178 -49.26 10.45 8.26
C VAL B 178 -48.76 9.23 8.97
N GLY B 179 -47.58 8.76 8.60
CA GLY B 179 -47.01 7.58 9.22
C GLY B 179 -45.78 7.03 8.53
N ILE B 180 -45.44 5.79 8.86
CA ILE B 180 -44.27 5.14 8.28
C ILE B 180 -44.63 3.75 7.79
N ASP B 181 -44.41 3.51 6.50
CA ASP B 181 -44.74 2.23 5.89
C ASP B 181 -43.72 1.13 6.19
N ALA B 182 -42.45 1.37 5.89
CA ALA B 182 -41.43 0.35 6.13
C ALA B 182 -40.23 0.83 6.93
N VAL B 183 -39.70 -0.06 7.75
CA VAL B 183 -38.55 0.25 8.58
C VAL B 183 -37.45 -0.77 8.29
N VAL B 184 -36.24 -0.29 8.04
CA VAL B 184 -35.11 -1.19 7.79
C VAL B 184 -34.01 -0.92 8.79
N LEU B 185 -33.51 -1.97 9.41
CA LEU B 185 -32.44 -1.84 10.39
C LEU B 185 -31.47 -3.03 10.31
N SER B 186 -30.26 -2.75 9.81
CA SER B 186 -29.24 -3.77 9.70
C SER B 186 -28.12 -3.46 10.67
N THR B 187 -27.75 -4.44 11.49
CA THR B 187 -26.67 -4.29 12.46
C THR B 187 -25.82 -5.55 12.54
N GLN B 188 -24.50 -5.36 12.65
CA GLN B 188 -23.57 -6.47 12.78
C GLN B 188 -23.73 -7.05 14.21
N HIS B 189 -23.48 -8.35 14.39
CA HIS B 189 -23.63 -8.98 15.70
C HIS B 189 -22.63 -10.11 15.93
N SER B 190 -22.67 -10.68 17.14
CA SER B 190 -21.79 -11.77 17.54
C SER B 190 -22.36 -13.13 17.21
N GLU B 191 -21.48 -14.12 17.11
CA GLU B 191 -21.91 -15.48 16.79
C GLU B 191 -22.73 -16.03 17.93
N GLU B 192 -22.83 -15.28 19.02
CA GLU B 192 -23.55 -15.77 20.21
C GLU B 192 -25.06 -15.67 20.24
N ILE B 193 -25.66 -14.71 19.52
CA ILE B 193 -27.11 -14.56 19.54
C ILE B 193 -27.80 -14.98 18.24
N ASP B 194 -29.06 -15.42 18.34
CA ASP B 194 -29.84 -15.86 17.18
C ASP B 194 -30.63 -14.73 16.52
N GLN B 195 -31.03 -14.95 15.27
CA GLN B 195 -31.79 -13.96 14.50
C GLN B 195 -33.05 -13.49 15.20
N LYS B 196 -33.97 -14.41 15.51
CA LYS B 196 -35.21 -14.02 16.18
C LYS B 196 -34.95 -13.16 17.40
N SER B 197 -34.11 -13.66 18.32
CA SER B 197 -33.81 -12.91 19.53
C SER B 197 -33.35 -11.53 19.12
N LEU B 198 -32.34 -11.50 18.26
CA LEU B 198 -31.78 -10.27 17.75
C LEU B 198 -32.88 -9.34 17.22
N GLN B 199 -33.67 -9.84 16.28
CA GLN B 199 -34.74 -9.04 15.71
C GLN B 199 -35.66 -8.51 16.81
N GLU B 200 -36.14 -9.41 17.67
CA GLU B 200 -37.05 -9.03 18.76
C GLU B 200 -36.41 -8.00 19.68
N ALA B 201 -35.11 -8.14 19.88
CA ALA B 201 -34.38 -7.23 20.73
C ALA B 201 -34.20 -5.87 20.06
N VAL B 202 -33.93 -5.87 18.77
CA VAL B 202 -33.73 -4.62 18.03
C VAL B 202 -34.97 -3.75 18.06
N MET B 203 -36.14 -4.38 18.07
CA MET B 203 -37.36 -3.62 18.10
C MET B 203 -37.57 -2.90 19.45
N GLU B 204 -37.38 -3.64 20.54
CA GLU B 204 -37.57 -3.10 21.89
C GLU B 204 -36.58 -2.03 22.25
N GLU B 205 -35.30 -2.32 22.01
CA GLU B 205 -34.21 -1.42 22.33
C GLU B 205 -33.89 -0.31 21.32
N ILE B 206 -33.99 -0.60 20.03
CA ILE B 206 -33.63 0.42 19.05
C ILE B 206 -34.73 1.08 18.23
N ILE B 207 -35.68 0.31 17.74
CA ILE B 207 -36.72 0.89 16.94
C ILE B 207 -37.88 1.46 17.74
N LYS B 208 -38.51 0.64 18.55
CA LYS B 208 -39.64 1.09 19.35
C LYS B 208 -39.37 2.38 20.15
N PRO B 209 -38.20 2.50 20.79
CA PRO B 209 -37.95 3.74 21.55
C PRO B 209 -37.65 4.96 20.70
N ILE B 210 -37.35 4.76 19.42
CA ILE B 210 -36.99 5.90 18.58
C ILE B 210 -38.08 6.36 17.61
N LEU B 211 -38.85 5.43 17.08
CA LEU B 211 -39.90 5.83 16.15
C LEU B 211 -41.20 6.19 16.88
N PRO B 212 -41.78 7.35 16.54
CA PRO B 212 -43.03 7.76 17.20
C PRO B 212 -44.09 6.68 17.05
N ALA B 213 -44.62 6.21 18.18
CA ALA B 213 -45.65 5.17 18.16
C ALA B 213 -46.88 5.52 17.30
N GLU B 214 -47.15 6.81 17.13
CA GLU B 214 -48.27 7.27 16.32
C GLU B 214 -48.12 6.84 14.88
N TRP B 215 -46.91 7.01 14.36
CA TRP B 215 -46.62 6.66 12.97
C TRP B 215 -46.45 5.17 12.71
N LEU B 216 -46.45 4.38 13.78
CA LEU B 216 -46.31 2.94 13.62
C LEU B 216 -47.67 2.30 13.74
N THR B 217 -48.04 1.54 12.71
CA THR B 217 -49.33 0.88 12.68
C THR B 217 -49.13 -0.56 12.23
N SER B 218 -50.21 -1.34 12.26
CA SER B 218 -50.15 -2.73 11.88
C SER B 218 -49.71 -2.89 10.43
N ALA B 219 -49.72 -1.78 9.70
CA ALA B 219 -49.32 -1.77 8.29
C ALA B 219 -47.79 -1.75 8.12
N THR B 220 -47.11 -0.96 8.96
CA THR B 220 -45.67 -0.85 8.91
C THR B 220 -45.00 -2.22 8.73
N LYS B 221 -43.94 -2.24 7.93
CA LYS B 221 -43.22 -3.48 7.66
C LYS B 221 -41.80 -3.30 8.17
N PHE B 222 -41.33 -4.25 8.97
CA PHE B 222 -39.99 -4.18 9.52
C PHE B 222 -39.02 -5.15 8.87
N PHE B 223 -37.88 -4.63 8.45
CA PHE B 223 -36.85 -5.43 7.83
C PHE B 223 -35.61 -5.36 8.71
N ILE B 224 -35.33 -6.45 9.42
CA ILE B 224 -34.21 -6.53 10.34
C ILE B 224 -33.22 -7.63 9.94
N ASN B 225 -32.04 -7.22 9.50
CA ASN B 225 -30.96 -8.14 9.07
C ASN B 225 -31.47 -9.19 8.08
N PRO B 226 -32.18 -8.74 7.03
CA PRO B 226 -32.77 -9.58 5.99
C PRO B 226 -31.99 -10.77 5.44
N THR B 227 -30.71 -10.61 5.11
CA THR B 227 -29.98 -11.74 4.56
C THR B 227 -30.07 -12.90 5.54
N GLY B 228 -30.50 -12.59 6.75
CA GLY B 228 -30.64 -13.61 7.76
C GLY B 228 -29.38 -13.77 8.58
N ARG B 229 -28.30 -13.12 8.16
CA ARG B 229 -27.04 -13.20 8.89
C ARG B 229 -26.08 -12.04 8.60
N PHE B 230 -25.71 -11.34 9.66
CA PHE B 230 -24.78 -10.21 9.55
C PHE B 230 -23.78 -10.33 10.74
N VAL B 231 -22.80 -11.22 10.60
CA VAL B 231 -21.80 -11.44 11.66
C VAL B 231 -20.51 -10.81 11.17
N ILE B 232 -20.33 -10.84 9.85
CA ILE B 232 -19.17 -10.29 9.20
C ILE B 232 -19.56 -8.89 8.73
N GLY B 233 -18.80 -7.89 9.14
CA GLY B 233 -19.09 -6.53 8.72
C GLY B 233 -17.83 -5.69 8.73
N GLY B 234 -18.01 -4.38 8.82
CA GLY B 234 -16.87 -3.48 8.83
C GLY B 234 -16.08 -3.56 7.54
N PRO B 235 -14.87 -3.00 7.50
CA PRO B 235 -14.10 -3.06 6.26
C PRO B 235 -13.93 -4.47 5.70
N MET B 236 -14.14 -5.51 6.51
CA MET B 236 -13.99 -6.89 6.02
C MET B 236 -15.12 -7.24 5.06
N GLY B 237 -16.33 -6.82 5.42
CA GLY B 237 -17.47 -7.09 4.59
C GLY B 237 -17.69 -6.01 3.53
N ASP B 238 -17.15 -4.81 3.75
CA ASP B 238 -17.36 -3.72 2.80
C ASP B 238 -16.32 -2.62 2.85
N CYS B 239 -15.79 -2.26 1.68
CA CYS B 239 -14.76 -1.22 1.58
C CYS B 239 -15.21 0.17 1.99
N GLY B 240 -14.47 0.80 2.90
CA GLY B 240 -14.83 2.15 3.35
C GLY B 240 -14.01 3.22 2.63
N LEU B 241 -14.66 4.30 2.21
CA LEU B 241 -13.99 5.36 1.49
C LEU B 241 -14.50 6.72 1.96
N THR B 242 -13.65 7.74 1.88
CA THR B 242 -14.09 9.08 2.30
C THR B 242 -15.04 9.74 1.28
N GLY B 243 -16.03 10.46 1.80
CA GLY B 243 -16.96 11.17 0.96
C GLY B 243 -17.89 10.31 0.12
N ARG B 244 -18.37 9.21 0.68
CA ARG B 244 -19.28 8.35 -0.07
C ARG B 244 -20.63 8.27 0.63
N LYS B 245 -20.81 9.18 1.58
CA LYS B 245 -22.06 9.29 2.32
C LYS B 245 -22.63 10.69 2.13
N ILE B 246 -22.25 11.29 1.00
CA ILE B 246 -22.69 12.61 0.60
C ILE B 246 -24.14 12.94 1.05
N ILE B 247 -25.09 12.07 0.71
CA ILE B 247 -26.52 12.30 1.03
C ILE B 247 -26.96 12.15 2.50
N VAL B 248 -26.55 11.08 3.17
CA VAL B 248 -26.96 10.93 4.55
C VAL B 248 -26.27 12.03 5.37
N ASP B 249 -25.17 12.55 4.85
CA ASP B 249 -24.42 13.59 5.54
C ASP B 249 -25.23 14.87 5.59
N THR B 250 -26.06 15.08 4.56
CA THR B 250 -26.87 16.26 4.45
C THR B 250 -28.37 16.27 4.77
N TYR B 251 -29.20 15.92 3.79
CA TYR B 251 -30.66 15.96 3.96
C TYR B 251 -31.44 14.70 3.64
N GLY B 252 -30.75 13.57 3.49
CA GLY B 252 -31.43 12.32 3.21
C GLY B 252 -32.07 12.15 1.83
N GLY B 253 -31.80 13.07 0.90
CA GLY B 253 -32.36 12.95 -0.43
C GLY B 253 -33.61 13.79 -0.67
N MET B 254 -34.02 14.49 0.38
CA MET B 254 -35.20 15.36 0.31
C MET B 254 -34.86 16.60 -0.50
N ALA B 255 -33.67 17.14 -0.27
CA ALA B 255 -33.19 18.32 -0.96
C ALA B 255 -32.18 17.89 -2.02
N ARG B 256 -31.61 18.85 -2.74
CA ARG B 256 -30.65 18.51 -3.77
C ARG B 256 -29.19 18.47 -3.27
N HIS B 257 -28.27 18.13 -4.16
CA HIS B 257 -26.85 18.05 -3.83
C HIS B 257 -25.99 18.31 -5.07
N GLY B 258 -24.82 18.93 -4.84
CA GLY B 258 -23.91 19.25 -5.93
C GLY B 258 -22.80 18.26 -6.19
N GLY B 259 -22.47 17.44 -5.20
CA GLY B 259 -21.43 16.45 -5.39
C GLY B 259 -20.18 16.62 -4.56
N GLY B 260 -20.19 17.57 -3.63
CA GLY B 260 -19.01 17.81 -2.82
C GLY B 260 -19.05 17.18 -1.45
N ALA B 261 -18.01 16.41 -1.12
CA ALA B 261 -17.94 15.77 0.18
C ALA B 261 -17.51 16.76 1.24
N PHE B 262 -17.75 16.43 2.50
CA PHE B 262 -17.37 17.30 3.60
C PHE B 262 -16.08 16.94 4.34
N SER B 263 -15.97 15.70 4.81
CA SER B 263 -14.81 15.29 5.59
C SER B 263 -13.45 15.32 4.91
N GLY B 264 -12.43 15.67 5.69
CA GLY B 264 -11.08 15.73 5.18
C GLY B 264 -10.64 17.05 4.60
N LYS B 265 -11.56 18.01 4.45
CA LYS B 265 -11.17 19.30 3.88
C LYS B 265 -11.31 20.48 4.83
N ASP B 266 -10.36 21.42 4.74
CA ASP B 266 -10.40 22.62 5.57
C ASP B 266 -11.45 23.53 4.95
N PRO B 267 -11.88 24.58 5.68
CA PRO B 267 -12.90 25.54 5.23
C PRO B 267 -12.65 26.30 3.91
N SER B 268 -11.40 26.46 3.52
CA SER B 268 -11.12 27.16 2.29
C SER B 268 -11.72 26.35 1.14
N LYS B 269 -12.22 25.17 1.47
CA LYS B 269 -12.82 24.29 0.48
C LYS B 269 -14.33 24.55 0.46
N VAL B 270 -14.78 25.27 -0.56
CA VAL B 270 -16.19 25.62 -0.69
C VAL B 270 -17.15 24.44 -0.63
N ASP B 271 -16.65 23.25 -0.90
CA ASP B 271 -17.51 22.06 -0.85
C ASP B 271 -18.13 21.95 0.53
N ARG B 272 -17.33 22.26 1.56
CA ARG B 272 -17.78 22.20 2.95
C ARG B 272 -18.28 23.53 3.54
N SER B 273 -17.53 24.60 3.33
CA SER B 273 -17.87 25.93 3.86
C SER B 273 -19.07 26.63 3.19
N ALA B 274 -19.16 26.54 1.86
CA ALA B 274 -20.27 27.14 1.12
C ALA B 274 -21.51 26.30 1.39
N ALA B 275 -21.28 25.01 1.63
CA ALA B 275 -22.36 24.09 1.91
C ALA B 275 -23.00 24.51 3.23
N TYR B 276 -22.17 24.61 4.27
CA TYR B 276 -22.63 25.03 5.60
C TYR B 276 -23.32 26.40 5.52
N ALA B 277 -22.66 27.37 4.89
CA ALA B 277 -23.23 28.70 4.75
C ALA B 277 -24.59 28.66 4.06
N ALA B 278 -24.80 27.67 3.20
CA ALA B 278 -26.08 27.53 2.48
C ALA B 278 -27.20 27.01 3.40
N ARG B 279 -26.84 26.14 4.34
CA ARG B 279 -27.84 25.61 5.29
C ARG B 279 -28.15 26.75 6.23
N TYR B 280 -27.14 27.59 6.47
CA TYR B 280 -27.26 28.73 7.36
C TYR B 280 -28.33 29.72 6.89
N VAL B 281 -28.28 30.15 5.63
CA VAL B 281 -29.28 31.11 5.14
C VAL B 281 -30.64 30.45 4.95
N ALA B 282 -30.64 29.22 4.45
CA ALA B 282 -31.90 28.51 4.24
C ALA B 282 -32.64 28.35 5.57
N LYS B 283 -31.93 27.85 6.57
CA LYS B 283 -32.54 27.68 7.88
C LYS B 283 -33.00 29.03 8.41
N ASN B 284 -32.09 30.02 8.39
CA ASN B 284 -32.40 31.38 8.86
C ASN B 284 -33.56 32.03 8.12
N ILE B 285 -33.75 31.68 6.85
CA ILE B 285 -34.84 32.26 6.10
C ILE B 285 -36.15 31.72 6.66
N VAL B 286 -36.24 30.40 6.80
CA VAL B 286 -37.46 29.80 7.33
C VAL B 286 -37.74 30.25 8.76
N ALA B 287 -36.68 30.36 9.57
CA ALA B 287 -36.82 30.80 10.95
C ALA B 287 -37.36 32.21 10.90
N ALA B 288 -36.84 33.00 9.98
CA ALA B 288 -37.27 34.37 9.81
C ALA B 288 -38.72 34.39 9.34
N GLY B 289 -39.26 33.20 9.04
CA GLY B 289 -40.62 33.09 8.58
C GLY B 289 -40.90 33.58 7.16
N LEU B 290 -39.85 33.78 6.36
CA LEU B 290 -40.02 34.27 4.99
C LEU B 290 -40.47 33.17 4.02
N ALA B 291 -40.42 31.92 4.46
CA ALA B 291 -40.83 30.79 3.63
C ALA B 291 -40.91 29.54 4.49
N ASP B 292 -41.76 28.60 4.10
CA ASP B 292 -41.93 27.37 4.87
C ASP B 292 -40.81 26.38 4.58
N ARG B 293 -40.27 26.47 3.38
CA ARG B 293 -39.17 25.61 3.03
C ARG B 293 -38.45 26.21 1.86
N CYS B 294 -37.13 26.26 1.93
CA CYS B 294 -36.42 26.82 0.81
C CYS B 294 -35.06 26.18 0.61
N GLU B 295 -34.73 25.96 -0.67
CA GLU B 295 -33.47 25.37 -1.09
C GLU B 295 -32.63 26.50 -1.68
N ILE B 296 -31.37 26.57 -1.25
CA ILE B 296 -30.45 27.59 -1.74
C ILE B 296 -29.38 26.88 -2.56
N GLN B 297 -28.78 27.58 -3.50
CA GLN B 297 -27.74 26.99 -4.31
C GLN B 297 -26.71 28.01 -4.77
N VAL B 298 -25.45 27.77 -4.44
CA VAL B 298 -24.37 28.64 -4.86
C VAL B 298 -23.41 27.78 -5.67
N SER B 299 -22.61 28.44 -6.50
CA SER B 299 -21.64 27.71 -7.31
C SER B 299 -20.42 28.59 -7.33
N TYR B 300 -19.23 27.99 -7.46
CA TYR B 300 -17.99 28.77 -7.47
C TYR B 300 -17.02 28.39 -8.61
N ALA B 301 -15.98 29.20 -8.75
CA ALA B 301 -14.94 29.01 -9.75
C ALA B 301 -13.60 29.12 -9.03
N ILE B 302 -12.77 28.09 -9.16
CA ILE B 302 -11.48 28.03 -8.50
C ILE B 302 -10.69 29.33 -8.61
N GLY B 303 -10.06 29.73 -7.50
CA GLY B 303 -9.25 30.93 -7.48
C GLY B 303 -10.06 32.20 -7.54
N VAL B 304 -11.37 32.06 -7.66
CA VAL B 304 -12.27 33.19 -7.78
C VAL B 304 -13.04 33.38 -6.49
N ALA B 305 -12.95 34.57 -5.89
CA ALA B 305 -13.63 34.86 -4.64
C ALA B 305 -15.14 35.08 -4.73
N GLU B 306 -15.60 35.71 -5.82
CA GLU B 306 -17.03 35.99 -5.96
C GLU B 306 -17.84 34.86 -6.60
N PRO B 307 -18.84 34.36 -5.86
CA PRO B 307 -19.71 33.29 -6.33
C PRO B 307 -20.15 33.45 -7.79
N THR B 308 -20.15 32.33 -8.53
CA THR B 308 -20.55 32.33 -9.93
C THR B 308 -22.08 32.22 -10.10
N SER B 309 -22.76 31.72 -9.08
CA SER B 309 -24.21 31.59 -9.14
C SER B 309 -24.89 31.46 -7.77
N ILE B 310 -26.10 32.00 -7.66
CA ILE B 310 -26.88 31.95 -6.45
C ILE B 310 -28.35 31.89 -6.85
N MET B 311 -29.12 31.05 -6.18
CA MET B 311 -30.53 30.91 -6.47
C MET B 311 -31.29 30.37 -5.28
N VAL B 312 -32.43 30.99 -4.98
CA VAL B 312 -33.22 30.54 -3.85
C VAL B 312 -34.50 29.94 -4.39
N GLU B 313 -34.89 28.80 -3.86
CA GLU B 313 -36.11 28.13 -4.29
C GLU B 313 -37.01 27.93 -3.06
N THR B 314 -38.18 28.57 -3.07
CA THR B 314 -39.10 28.46 -1.96
C THR B 314 -40.31 27.59 -2.25
N PHE B 315 -40.33 26.96 -3.42
CA PHE B 315 -41.42 26.08 -3.81
C PHE B 315 -42.79 26.72 -3.56
N GLY B 316 -42.90 28.00 -3.88
CA GLY B 316 -44.17 28.70 -3.68
C GLY B 316 -44.49 29.03 -2.25
N THR B 317 -43.82 28.38 -1.30
CA THR B 317 -44.09 28.61 0.12
C THR B 317 -43.52 29.93 0.66
N GLU B 318 -42.97 30.76 -0.22
CA GLU B 318 -42.41 32.05 0.22
C GLU B 318 -43.51 33.01 0.69
N LYS B 319 -43.12 34.03 1.45
CA LYS B 319 -44.06 35.01 1.97
C LYS B 319 -43.77 36.43 1.51
N VAL B 320 -42.67 36.58 0.79
CA VAL B 320 -42.27 37.85 0.23
C VAL B 320 -41.83 37.50 -1.18
N PRO B 321 -42.24 38.26 -2.19
CA PRO B 321 -41.81 37.90 -3.54
C PRO B 321 -40.33 37.54 -3.59
N SER B 322 -40.05 36.38 -4.18
CA SER B 322 -38.69 35.87 -4.30
C SER B 322 -37.71 37.01 -4.54
N GLU B 323 -38.08 37.89 -5.45
CA GLU B 323 -37.26 39.05 -5.80
C GLU B 323 -36.54 39.65 -4.60
N GLN B 324 -37.31 40.24 -3.69
CA GLN B 324 -36.71 40.85 -2.51
C GLN B 324 -36.08 39.77 -1.64
N LEU B 325 -36.59 38.55 -1.76
CA LEU B 325 -36.06 37.46 -0.97
C LEU B 325 -34.66 37.06 -1.45
N THR B 326 -34.39 37.30 -2.72
CA THR B 326 -33.09 36.95 -3.29
C THR B 326 -32.10 38.10 -3.20
N LEU B 327 -32.64 39.31 -3.23
CA LEU B 327 -31.82 40.50 -3.13
C LEU B 327 -31.45 40.68 -1.68
N LEU B 328 -32.24 40.05 -0.81
CA LEU B 328 -32.01 40.11 0.63
C LEU B 328 -30.84 39.18 1.00
N VAL B 329 -30.79 38.04 0.32
CA VAL B 329 -29.76 37.04 0.54
C VAL B 329 -28.34 37.60 0.40
N ARG B 330 -28.02 38.07 -0.81
CA ARG B 330 -26.70 38.64 -1.06
C ARG B 330 -26.51 39.93 -0.27
N GLU B 331 -27.61 40.45 0.27
CA GLU B 331 -27.58 41.68 1.06
C GLU B 331 -27.08 41.38 2.48
N PHE B 332 -27.65 40.34 3.08
CA PHE B 332 -27.30 39.96 4.44
C PHE B 332 -26.06 39.09 4.65
N PHE B 333 -25.88 38.05 3.84
CA PHE B 333 -24.72 37.18 4.01
C PHE B 333 -23.63 37.38 2.97
N ASP B 334 -22.41 37.01 3.34
CA ASP B 334 -21.22 37.09 2.48
C ASP B 334 -20.85 35.65 2.09
N LEU B 335 -21.05 35.29 0.84
CA LEU B 335 -20.72 33.94 0.41
C LEU B 335 -19.35 33.87 -0.22
N ARG B 336 -18.56 34.91 -0.06
CA ARG B 336 -17.23 34.88 -0.62
C ARG B 336 -16.40 33.99 0.30
N PRO B 337 -15.49 33.20 -0.27
CA PRO B 337 -14.66 32.30 0.53
C PRO B 337 -14.26 32.84 1.88
N TYR B 338 -13.61 34.00 1.88
CA TYR B 338 -13.12 34.57 3.13
C TYR B 338 -14.09 35.43 3.92
N GLY B 339 -15.38 35.21 3.61
CA GLY B 339 -16.47 35.90 4.28
C GLY B 339 -17.30 34.92 5.10
N LEU B 340 -17.47 33.71 4.56
CA LEU B 340 -18.22 32.65 5.24
C LEU B 340 -17.38 32.08 6.40
N ILE B 341 -16.07 31.96 6.22
CA ILE B 341 -15.22 31.43 7.26
C ILE B 341 -15.29 32.31 8.49
N GLN B 342 -15.35 33.62 8.29
CA GLN B 342 -15.47 34.53 9.44
C GLN B 342 -16.93 34.47 9.88
N MET B 343 -17.83 34.45 8.90
CA MET B 343 -19.26 34.39 9.16
C MET B 343 -19.59 33.27 10.12
N LEU B 344 -18.97 32.11 9.90
CA LEU B 344 -19.23 30.95 10.74
C LEU B 344 -18.06 30.57 11.66
N ASP B 345 -16.98 31.32 11.59
CA ASP B 345 -15.80 31.04 12.40
C ASP B 345 -15.36 29.60 12.22
N LEU B 346 -15.09 29.22 10.97
CA LEU B 346 -14.69 27.86 10.65
C LEU B 346 -13.23 27.45 10.93
N LEU B 347 -12.37 28.39 11.37
CA LEU B 347 -10.98 28.00 11.61
C LEU B 347 -10.81 27.42 13.01
N HIS B 348 -11.39 26.24 13.23
CA HIS B 348 -11.31 25.58 14.52
C HIS B 348 -11.48 24.08 14.32
N PRO B 349 -10.98 23.27 15.25
CA PRO B 349 -11.14 21.83 15.07
C PRO B 349 -12.50 21.40 15.63
N ILE B 350 -13.52 21.53 14.80
CA ILE B 350 -14.88 21.17 15.17
C ILE B 350 -15.53 20.21 14.19
N TYR B 351 -14.74 19.57 13.35
CA TYR B 351 -15.31 18.70 12.32
C TYR B 351 -15.45 17.19 12.57
N LYS B 352 -14.48 16.58 13.25
CA LYS B 352 -14.63 15.15 13.53
C LYS B 352 -16.07 14.88 14.00
N GLU B 353 -16.50 15.60 15.05
CA GLU B 353 -17.85 15.49 15.60
C GLU B 353 -18.93 15.54 14.53
N THR B 354 -18.59 16.11 13.39
CA THR B 354 -19.53 16.25 12.31
C THR B 354 -19.52 15.08 11.32
N ALA B 355 -18.54 14.19 11.46
CA ALA B 355 -18.39 13.05 10.56
C ALA B 355 -19.33 11.82 10.70
N ALA B 356 -20.22 11.82 11.67
CA ALA B 356 -21.14 10.71 11.86
C ALA B 356 -22.45 11.26 12.38
N TYR B 357 -23.54 10.80 11.77
CA TYR B 357 -24.89 11.22 12.13
C TYR B 357 -25.38 12.62 11.68
N GLY B 358 -25.00 13.00 10.46
CA GLY B 358 -25.46 14.26 9.90
C GLY B 358 -24.65 15.50 10.21
N HIS B 359 -24.53 16.37 9.22
CA HIS B 359 -23.79 17.62 9.39
C HIS B 359 -24.77 18.73 9.75
N PHE B 360 -26.06 18.42 9.65
CA PHE B 360 -27.11 19.38 9.99
C PHE B 360 -28.09 18.81 10.99
N GLY B 361 -28.70 19.71 11.77
CA GLY B 361 -29.66 19.29 12.78
C GLY B 361 -29.18 19.49 14.20
N ARG B 362 -27.87 19.68 14.35
CA ARG B 362 -27.26 19.89 15.67
C ARG B 362 -27.12 21.39 15.88
N GLU B 363 -28.11 21.94 16.57
CA GLU B 363 -28.20 23.37 16.85
C GLU B 363 -26.98 24.03 17.49
N HIS B 364 -26.05 23.25 18.02
CA HIS B 364 -24.88 23.89 18.60
C HIS B 364 -23.79 24.14 17.56
N PHE B 365 -24.01 23.68 16.33
CA PHE B 365 -23.04 23.90 15.26
C PHE B 365 -23.27 25.35 14.85
N PRO B 366 -22.18 26.06 14.48
CA PRO B 366 -22.28 27.46 14.06
C PRO B 366 -23.25 27.75 12.91
N TRP B 367 -23.45 26.78 12.01
CA TRP B 367 -24.34 26.99 10.87
C TRP B 367 -25.80 26.63 11.19
N GLU B 368 -26.03 26.06 12.37
CA GLU B 368 -27.37 25.68 12.78
C GLU B 368 -28.05 26.79 13.52
N LYS B 369 -27.27 27.78 13.96
CA LYS B 369 -27.80 28.91 14.70
C LYS B 369 -28.63 29.83 13.84
N THR B 370 -29.66 30.42 14.42
CA THR B 370 -30.49 31.33 13.66
C THR B 370 -30.56 32.67 14.37
N ASP B 371 -29.56 33.50 14.13
CA ASP B 371 -29.48 34.82 14.74
C ASP B 371 -29.92 35.89 13.74
N LYS B 372 -29.63 35.65 12.47
CA LYS B 372 -29.99 36.58 11.41
C LYS B 372 -31.49 36.55 11.02
N ALA B 373 -32.24 35.61 11.56
CA ALA B 373 -33.66 35.49 11.25
C ALA B 373 -34.42 36.78 11.54
N GLN B 374 -34.49 37.16 12.81
CA GLN B 374 -35.20 38.37 13.21
C GLN B 374 -34.75 39.57 12.39
N LEU B 375 -33.45 39.65 12.10
CA LEU B 375 -32.94 40.77 11.33
C LEU B 375 -33.28 40.62 9.86
N LEU B 376 -33.44 39.37 9.43
CA LEU B 376 -33.80 39.06 8.06
C LEU B 376 -35.28 39.35 7.93
N ARG B 377 -35.94 39.47 9.08
CA ARG B 377 -37.37 39.77 9.13
C ARG B 377 -37.56 41.29 8.99
N ASP B 378 -36.76 42.05 9.74
CA ASP B 378 -36.81 43.51 9.70
C ASP B 378 -36.75 44.01 8.27
N ALA B 379 -35.96 43.33 7.45
CA ALA B 379 -35.79 43.72 6.06
C ALA B 379 -37.05 43.45 5.22
N ALA B 380 -38.11 42.97 5.87
CA ALA B 380 -39.37 42.72 5.18
C ALA B 380 -40.51 42.62 6.20
N GLY B 381 -41.45 43.57 6.13
CA GLY B 381 -42.57 43.56 7.06
C GLY B 381 -42.18 43.05 8.43
N LEU B 382 -41.47 43.87 9.20
CA LEU B 382 -41.02 43.47 10.53
C LEU B 382 -42.19 43.00 11.38
N LYS B 383 -42.98 43.95 11.86
CA LYS B 383 -44.15 43.70 12.71
C LYS B 383 -44.24 42.27 13.26
N ALA C 1 43.92 -23.92 19.67
CA ALA C 1 43.11 -25.15 19.89
C ALA C 1 41.68 -24.82 20.31
N LYS C 2 41.53 -24.08 21.40
CA LYS C 2 40.19 -23.72 21.88
C LYS C 2 39.70 -22.41 21.28
N HIS C 3 38.40 -22.35 21.03
CA HIS C 3 37.74 -21.17 20.47
C HIS C 3 36.22 -21.32 20.50
N LEU C 4 35.51 -20.19 20.48
CA LEU C 4 34.05 -20.23 20.50
C LEU C 4 33.37 -19.81 19.19
N PHE C 5 32.38 -20.60 18.77
CA PHE C 5 31.64 -20.31 17.55
C PHE C 5 30.14 -20.24 17.84
N THR C 6 29.49 -19.17 17.38
CA THR C 6 28.06 -19.00 17.61
C THR C 6 27.19 -18.95 16.35
N SER C 7 26.04 -19.62 16.40
CA SER C 7 25.11 -19.65 15.28
C SER C 7 23.70 -19.35 15.84
N GLU C 8 22.73 -19.13 14.96
CA GLU C 8 21.38 -18.81 15.41
C GLU C 8 20.32 -19.27 14.41
N SER C 9 19.09 -19.37 14.90
CA SER C 9 17.98 -19.76 14.07
C SER C 9 16.70 -19.05 14.52
N VAL C 10 15.67 -19.09 13.67
CA VAL C 10 14.38 -18.44 13.95
C VAL C 10 13.19 -19.34 13.65
N SER C 11 12.14 -19.19 14.46
CA SER C 11 10.93 -20.00 14.30
C SER C 11 10.19 -19.64 13.03
N GLU C 12 9.25 -20.49 12.64
CA GLU C 12 8.47 -20.23 11.43
C GLU C 12 7.57 -19.04 11.70
N GLY C 13 7.50 -18.62 12.96
CA GLY C 13 6.68 -17.49 13.34
C GLY C 13 7.43 -16.16 13.29
N HIS C 14 8.70 -16.19 12.90
CA HIS C 14 9.50 -14.97 12.81
C HIS C 14 9.14 -14.16 11.56
N PRO C 15 8.90 -12.83 11.72
CA PRO C 15 8.53 -11.97 10.59
C PRO C 15 9.24 -12.26 9.28
N ASP C 16 10.56 -12.22 9.33
CA ASP C 16 11.32 -12.49 8.12
C ASP C 16 10.92 -13.84 7.52
N LYS C 17 10.89 -14.88 8.33
CA LYS C 17 10.52 -16.20 7.84
C LYS C 17 9.10 -16.22 7.28
N ILE C 18 8.19 -15.47 7.89
CA ILE C 18 6.82 -15.42 7.42
C ILE C 18 6.88 -15.02 5.96
N ALA C 19 7.68 -14.00 5.70
CA ALA C 19 7.83 -13.52 4.34
C ALA C 19 8.25 -14.69 3.44
N ASP C 20 9.43 -15.23 3.71
CA ASP C 20 9.97 -16.35 2.94
C ASP C 20 8.90 -17.41 2.66
N GLN C 21 8.23 -17.87 3.71
CA GLN C 21 7.22 -18.89 3.57
C GLN C 21 6.18 -18.43 2.55
N ILE C 22 5.71 -17.20 2.71
CA ILE C 22 4.73 -16.64 1.79
C ILE C 22 5.34 -16.63 0.40
N SER C 23 6.52 -16.03 0.28
CA SER C 23 7.17 -15.96 -1.01
C SER C 23 7.24 -17.32 -1.69
N ASP C 24 7.81 -18.30 -1.01
CA ASP C 24 7.94 -19.62 -1.59
C ASP C 24 6.61 -20.36 -1.68
N ALA C 25 5.61 -19.88 -0.94
CA ALA C 25 4.29 -20.48 -0.99
C ALA C 25 3.65 -20.14 -2.34
N VAL C 26 3.88 -18.91 -2.80
CA VAL C 26 3.33 -18.45 -4.06
C VAL C 26 3.97 -19.17 -5.23
N LEU C 27 5.29 -19.28 -5.20
CA LEU C 27 6.02 -19.96 -6.27
C LEU C 27 5.54 -21.39 -6.47
N ASP C 28 5.47 -22.14 -5.37
CA ASP C 28 5.01 -23.52 -5.39
C ASP C 28 3.66 -23.59 -6.09
N ALA C 29 2.71 -22.80 -5.61
CA ALA C 29 1.38 -22.79 -6.21
C ALA C 29 1.52 -22.56 -7.70
N ILE C 30 2.29 -21.54 -8.05
CA ILE C 30 2.49 -21.23 -9.46
C ILE C 30 3.12 -22.40 -10.20
N LEU C 31 4.26 -22.88 -9.71
CA LEU C 31 4.95 -23.98 -10.36
C LEU C 31 4.05 -25.18 -10.56
N GLU C 32 3.26 -25.52 -9.55
CA GLU C 32 2.37 -26.67 -9.65
C GLU C 32 1.63 -26.61 -10.99
N GLN C 33 1.25 -25.39 -11.36
CA GLN C 33 0.51 -25.17 -12.59
C GLN C 33 1.41 -25.02 -13.80
N ASP C 34 2.57 -24.42 -13.60
CA ASP C 34 3.50 -24.21 -14.70
C ASP C 34 4.92 -24.27 -14.15
N PRO C 35 5.64 -25.37 -14.46
CA PRO C 35 7.02 -25.61 -14.00
C PRO C 35 8.04 -24.65 -14.61
N LYS C 36 7.81 -24.25 -15.85
CA LYS C 36 8.73 -23.34 -16.48
C LYS C 36 8.43 -21.86 -16.25
N ALA C 37 7.61 -21.56 -15.25
CA ALA C 37 7.27 -20.18 -14.91
C ALA C 37 8.51 -19.43 -14.40
N ARG C 38 8.49 -18.09 -14.51
CA ARG C 38 9.61 -17.29 -14.01
C ARG C 38 9.06 -16.43 -12.87
N VAL C 39 9.40 -16.83 -11.64
CA VAL C 39 8.93 -16.18 -10.44
C VAL C 39 10.00 -15.49 -9.59
N ALA C 40 9.85 -14.19 -9.43
CA ALA C 40 10.76 -13.40 -8.60
C ALA C 40 9.82 -12.66 -7.66
N CYS C 41 9.46 -13.30 -6.55
CA CYS C 41 8.51 -12.73 -5.61
C CYS C 41 9.08 -12.27 -4.27
N GLU C 42 8.91 -10.98 -3.98
CA GLU C 42 9.41 -10.41 -2.74
C GLU C 42 8.24 -10.02 -1.84
N THR C 43 8.27 -10.45 -0.58
CA THR C 43 7.20 -10.15 0.35
C THR C 43 7.62 -9.27 1.52
N TYR C 44 6.76 -8.32 1.87
CA TYR C 44 7.00 -7.37 2.96
C TYR C 44 5.88 -7.57 3.96
N VAL C 45 6.23 -7.74 5.24
CA VAL C 45 5.23 -7.97 6.26
C VAL C 45 5.34 -7.10 7.48
N LYS C 46 4.23 -6.45 7.85
CA LYS C 46 4.18 -5.58 9.04
C LYS C 46 2.84 -5.68 9.76
N THR C 47 2.74 -4.96 10.88
CA THR C 47 1.59 -4.95 11.79
C THR C 47 0.25 -5.51 11.30
N GLY C 48 -0.38 -4.94 10.28
CA GLY C 48 -1.65 -5.50 9.90
C GLY C 48 -1.70 -5.88 8.44
N MET C 49 -0.53 -5.95 7.82
CA MET C 49 -0.51 -6.24 6.41
C MET C 49 0.55 -7.23 5.95
N VAL C 50 0.45 -7.57 4.67
CA VAL C 50 1.35 -8.49 4.00
C VAL C 50 1.39 -7.98 2.56
N LEU C 51 2.59 -7.64 2.09
CA LEU C 51 2.78 -7.14 0.73
C LEU C 51 3.50 -8.16 -0.12
N VAL C 52 2.83 -8.66 -1.15
CA VAL C 52 3.42 -9.65 -2.05
C VAL C 52 3.63 -8.96 -3.39
N GLY C 53 4.90 -8.74 -3.73
CA GLY C 53 5.24 -8.09 -4.98
C GLY C 53 6.41 -8.71 -5.76
N GLY C 54 6.89 -7.94 -6.73
CA GLY C 54 8.02 -8.38 -7.54
C GLY C 54 7.62 -8.59 -8.98
N GLU C 55 8.31 -9.50 -9.67
CA GLU C 55 7.97 -9.77 -11.06
C GLU C 55 7.69 -11.25 -11.30
N ILE C 56 6.54 -11.54 -11.88
CA ILE C 56 6.14 -12.91 -12.16
C ILE C 56 5.57 -12.98 -13.58
N THR C 57 6.12 -13.89 -14.38
CA THR C 57 5.65 -14.10 -15.75
C THR C 57 5.32 -15.58 -15.89
N THR C 58 4.05 -15.92 -15.74
CA THR C 58 3.62 -17.31 -15.82
C THR C 58 2.28 -17.40 -16.52
N SER C 59 1.92 -18.62 -16.92
CA SER C 59 0.65 -18.83 -17.58
C SER C 59 -0.32 -19.34 -16.54
N ALA C 60 0.19 -19.64 -15.35
CA ALA C 60 -0.63 -20.15 -14.25
C ALA C 60 -1.59 -19.09 -13.73
N TRP C 61 -2.63 -19.52 -13.02
CA TRP C 61 -3.57 -18.59 -12.44
C TRP C 61 -3.71 -18.94 -10.97
N VAL C 62 -3.24 -18.05 -10.11
CA VAL C 62 -3.27 -18.29 -8.67
C VAL C 62 -3.94 -17.19 -7.86
N ASP C 63 -4.28 -17.50 -6.62
CA ASP C 63 -4.94 -16.57 -5.72
C ASP C 63 -3.98 -16.20 -4.59
N ILE C 64 -3.41 -15.00 -4.69
CA ILE C 64 -2.46 -14.50 -3.69
C ILE C 64 -3.05 -14.37 -2.29
N GLU C 65 -4.25 -13.81 -2.16
CA GLU C 65 -4.87 -13.66 -0.84
C GLU C 65 -5.03 -15.02 -0.16
N GLU C 66 -5.60 -15.99 -0.87
CA GLU C 66 -5.81 -17.33 -0.34
C GLU C 66 -4.51 -18.01 0.04
N ILE C 67 -3.54 -18.04 -0.87
CA ILE C 67 -2.25 -18.67 -0.57
C ILE C 67 -1.62 -17.99 0.65
N THR C 68 -1.69 -16.66 0.67
CA THR C 68 -1.15 -15.88 1.77
C THR C 68 -1.90 -16.17 3.09
N ARG C 69 -3.18 -15.82 3.16
CA ARG C 69 -3.95 -16.06 4.38
C ARG C 69 -3.71 -17.48 4.91
N ASN C 70 -3.77 -18.45 4.02
CA ASN C 70 -3.58 -19.85 4.40
C ASN C 70 -2.19 -20.08 4.93
N THR C 71 -1.20 -19.51 4.25
CA THR C 71 0.16 -19.71 4.70
C THR C 71 0.41 -19.14 6.10
N VAL C 72 -0.08 -17.93 6.36
CA VAL C 72 0.09 -17.31 7.66
C VAL C 72 -0.71 -18.12 8.66
N ARG C 73 -1.96 -18.40 8.31
CA ARG C 73 -2.82 -19.19 9.17
C ARG C 73 -2.05 -20.38 9.75
N GLU C 74 -1.47 -21.21 8.86
CA GLU C 74 -0.72 -22.38 9.27
C GLU C 74 0.43 -21.99 10.18
N ILE C 75 1.10 -20.88 9.89
CA ILE C 75 2.19 -20.44 10.75
C ILE C 75 1.66 -20.37 12.17
N GLY C 76 0.51 -19.75 12.36
CA GLY C 76 -0.05 -19.68 13.70
C GLY C 76 -0.82 -18.44 14.11
N TYR C 77 -0.54 -17.30 13.48
CA TYR C 77 -1.23 -16.06 13.83
C TYR C 77 -2.68 -16.06 13.38
N VAL C 78 -3.57 -16.31 14.32
CA VAL C 78 -5.00 -16.35 14.04
C VAL C 78 -5.89 -15.54 15.00
N HIS C 79 -5.31 -14.58 15.70
CA HIS C 79 -6.09 -13.78 16.62
C HIS C 79 -5.34 -12.47 16.83
N SER C 80 -6.07 -11.38 17.06
CA SER C 80 -5.44 -10.07 17.31
C SER C 80 -4.64 -10.16 18.61
N ASP C 81 -5.02 -11.10 19.48
CA ASP C 81 -4.34 -11.33 20.75
C ASP C 81 -2.85 -11.57 20.53
N MET C 82 -2.49 -12.24 19.44
CA MET C 82 -1.07 -12.52 19.15
C MET C 82 -0.43 -11.43 18.29
N GLY C 83 -1.20 -10.40 17.93
CA GLY C 83 -0.65 -9.33 17.12
C GLY C 83 -0.91 -9.35 15.63
N PHE C 84 -1.14 -10.54 15.06
CA PHE C 84 -1.39 -10.70 13.62
C PHE C 84 -2.46 -11.78 13.45
N ASP C 85 -3.27 -11.67 12.40
CA ASP C 85 -4.33 -12.66 12.14
C ASP C 85 -4.54 -12.89 10.66
N ALA C 86 -4.24 -14.12 10.21
CA ALA C 86 -4.41 -14.47 8.82
C ALA C 86 -5.76 -14.05 8.27
N ASN C 87 -6.80 -14.19 9.08
CA ASN C 87 -8.15 -13.87 8.64
C ASN C 87 -8.48 -12.41 8.51
N SER C 88 -7.95 -11.60 9.40
CA SER C 88 -8.26 -10.16 9.39
C SER C 88 -7.14 -9.21 8.97
N CYS C 89 -5.99 -9.75 8.60
CA CYS C 89 -4.89 -8.89 8.15
C CYS C 89 -5.12 -8.45 6.71
N ALA C 90 -4.39 -7.43 6.29
CA ALA C 90 -4.53 -6.96 4.92
C ALA C 90 -3.56 -7.74 4.03
N VAL C 91 -3.96 -7.96 2.78
CA VAL C 91 -3.11 -8.66 1.80
C VAL C 91 -3.02 -7.78 0.58
N LEU C 92 -1.84 -7.19 0.39
CA LEU C 92 -1.58 -6.29 -0.75
C LEU C 92 -0.74 -6.97 -1.83
N SER C 93 -0.86 -6.51 -3.07
CA SER C 93 -0.10 -7.06 -4.18
C SER C 93 0.39 -6.03 -5.18
N ALA C 94 1.68 -6.09 -5.48
CA ALA C 94 2.31 -5.21 -6.48
C ALA C 94 3.20 -6.14 -7.30
N ILE C 95 2.57 -6.98 -8.12
CA ILE C 95 3.31 -7.95 -8.94
C ILE C 95 3.27 -7.65 -10.43
N GLY C 96 4.43 -7.32 -10.98
CA GLY C 96 4.52 -7.05 -12.40
C GLY C 96 5.08 -8.28 -13.10
N LYS C 97 5.42 -8.14 -14.38
CA LYS C 97 5.98 -9.25 -15.14
C LYS C 97 7.49 -9.07 -15.29
N GLN C 98 8.21 -10.16 -15.50
CA GLN C 98 9.66 -10.09 -15.64
C GLN C 98 10.05 -9.31 -16.88
N SER C 99 11.10 -8.49 -16.75
CA SER C 99 11.57 -7.69 -17.88
C SER C 99 12.07 -8.54 -19.06
N PRO C 100 11.59 -8.24 -20.26
CA PRO C 100 12.00 -9.00 -21.45
C PRO C 100 13.52 -8.89 -21.71
N ASP C 101 14.09 -7.75 -21.32
CA ASP C 101 15.52 -7.52 -21.48
C ASP C 101 16.29 -8.60 -20.76
N ILE C 102 15.84 -8.97 -19.57
CA ILE C 102 16.49 -10.01 -18.80
C ILE C 102 16.23 -11.34 -19.49
N ASN C 103 14.96 -11.58 -19.80
CA ASN C 103 14.55 -12.83 -20.41
C ASN C 103 15.26 -13.30 -21.67
N GLN C 104 15.66 -12.36 -22.53
CA GLN C 104 16.33 -12.75 -23.76
C GLN C 104 17.66 -13.43 -23.47
N GLY C 105 18.27 -13.06 -22.34
CA GLY C 105 19.53 -13.66 -21.95
C GLY C 105 19.37 -14.96 -21.20
N VAL C 106 18.17 -15.19 -20.66
CA VAL C 106 17.92 -16.42 -19.90
C VAL C 106 17.41 -17.55 -20.79
N ASP C 107 16.27 -17.33 -21.42
CA ASP C 107 15.68 -18.33 -22.30
C ASP C 107 16.06 -18.06 -23.75
N ARG C 108 17.01 -18.83 -24.27
CA ARG C 108 17.45 -18.68 -25.66
C ARG C 108 16.91 -19.84 -26.49
N ALA C 109 17.14 -19.78 -27.80
CA ALA C 109 16.66 -20.81 -28.71
C ALA C 109 16.91 -22.20 -28.18
N ASP C 110 18.19 -22.53 -28.03
CA ASP C 110 18.60 -23.82 -27.52
C ASP C 110 18.49 -23.81 -25.99
N PRO C 111 17.69 -24.73 -25.44
CA PRO C 111 17.48 -24.85 -23.99
C PRO C 111 18.75 -25.03 -23.15
N LEU C 112 19.71 -25.77 -23.70
CA LEU C 112 20.97 -26.01 -22.99
C LEU C 112 21.77 -24.73 -22.84
N GLU C 113 21.82 -23.93 -23.90
CA GLU C 113 22.57 -22.67 -23.91
C GLU C 113 21.93 -21.64 -22.99
N GLN C 114 20.69 -21.88 -22.59
CA GLN C 114 19.96 -20.95 -21.75
C GLN C 114 20.80 -20.43 -20.58
N GLY C 115 20.79 -19.11 -20.42
CA GLY C 115 21.62 -18.47 -19.41
C GLY C 115 21.17 -18.22 -17.99
N ALA C 116 22.15 -17.91 -17.15
CA ALA C 116 21.95 -17.61 -15.74
C ALA C 116 20.98 -16.44 -15.55
N GLY C 117 20.12 -16.57 -14.55
CA GLY C 117 19.15 -15.54 -14.26
C GLY C 117 19.75 -14.21 -13.85
N ASP C 118 20.98 -14.24 -13.33
CA ASP C 118 21.65 -13.03 -12.91
C ASP C 118 23.15 -13.30 -12.70
N GLN C 119 23.91 -12.27 -12.33
CA GLN C 119 25.33 -12.45 -12.08
C GLN C 119 25.40 -12.75 -10.61
N GLY C 120 26.58 -13.13 -10.11
CA GLY C 120 26.68 -13.43 -8.70
C GLY C 120 27.53 -14.64 -8.35
N LEU C 121 27.74 -14.83 -7.05
CA LEU C 121 28.55 -15.95 -6.56
C LEU C 121 27.77 -16.69 -5.50
N MET C 122 27.98 -18.00 -5.44
CA MET C 122 27.31 -18.85 -4.46
C MET C 122 28.28 -19.79 -3.74
N PHE C 123 28.00 -20.06 -2.47
CA PHE C 123 28.86 -20.92 -1.69
C PHE C 123 28.18 -22.21 -1.26
N GLY C 124 28.88 -23.31 -1.50
CA GLY C 124 28.39 -24.63 -1.10
C GLY C 124 29.25 -25.09 0.07
N TYR C 125 28.72 -25.94 0.94
CA TYR C 125 29.50 -26.41 2.08
C TYR C 125 29.11 -27.78 2.60
N ALA C 126 30.08 -28.50 3.15
CA ALA C 126 29.86 -29.82 3.71
C ALA C 126 30.91 -30.08 4.78
N THR C 127 30.55 -30.84 5.79
CA THR C 127 31.46 -31.17 6.91
C THR C 127 31.08 -32.50 7.55
N ASN C 128 32.07 -33.28 7.97
CA ASN C 128 31.80 -34.57 8.58
C ASN C 128 31.47 -34.47 10.06
N GLU C 129 31.21 -33.26 10.52
CA GLU C 129 30.88 -33.04 11.91
C GLU C 129 29.60 -33.78 12.31
N THR C 130 28.76 -34.09 11.31
CA THR C 130 27.51 -34.79 11.59
C THR C 130 27.10 -35.69 10.44
N ASP C 131 26.18 -36.62 10.73
CA ASP C 131 25.68 -37.57 9.73
C ASP C 131 25.21 -36.91 8.45
N VAL C 132 24.45 -35.84 8.58
CA VAL C 132 23.93 -35.15 7.41
C VAL C 132 24.98 -34.21 6.85
N LEU C 133 26.22 -34.41 7.29
CA LEU C 133 27.33 -33.60 6.83
C LEU C 133 27.08 -32.11 6.91
N MET C 134 26.39 -31.70 7.98
CA MET C 134 26.10 -30.30 8.21
C MET C 134 26.85 -29.87 9.48
N PRO C 135 27.12 -28.57 9.62
CA PRO C 135 27.83 -28.11 10.81
C PRO C 135 26.89 -28.33 12.00
N ALA C 136 27.44 -28.49 13.20
CA ALA C 136 26.62 -28.74 14.37
C ALA C 136 25.84 -27.56 14.90
N PRO C 137 26.50 -26.42 15.11
CA PRO C 137 25.77 -25.25 15.63
C PRO C 137 24.45 -24.91 14.92
N ILE C 138 24.45 -24.82 13.60
CA ILE C 138 23.21 -24.50 12.92
C ILE C 138 22.20 -25.62 13.09
N THR C 139 22.65 -26.86 13.08
CA THR C 139 21.73 -27.98 13.24
C THR C 139 20.97 -27.94 14.56
N TYR C 140 21.64 -27.59 15.65
CA TYR C 140 20.97 -27.56 16.94
C TYR C 140 20.10 -26.33 17.14
N ALA C 141 20.53 -25.20 16.59
CA ALA C 141 19.73 -23.99 16.72
C ALA C 141 18.39 -24.25 16.03
N HIS C 142 18.46 -24.82 14.82
CA HIS C 142 17.26 -25.12 14.05
C HIS C 142 16.34 -26.01 14.87
N ARG C 143 16.93 -27.03 15.47
CA ARG C 143 16.18 -27.97 16.27
C ARG C 143 15.47 -27.29 17.42
N LEU C 144 16.11 -26.26 17.98
CA LEU C 144 15.52 -25.52 19.10
C LEU C 144 14.24 -24.76 18.73
N VAL C 145 14.28 -23.93 17.70
CA VAL C 145 13.08 -23.21 17.28
C VAL C 145 12.02 -24.17 16.76
N GLN C 146 12.47 -25.24 16.12
CA GLN C 146 11.55 -26.23 15.58
C GLN C 146 10.81 -26.93 16.72
N ARG C 147 11.53 -27.22 17.80
CA ARG C 147 10.89 -27.88 18.93
C ARG C 147 9.83 -26.94 19.50
N GLN C 148 10.22 -25.70 19.76
CA GLN C 148 9.32 -24.70 20.32
C GLN C 148 8.02 -24.62 19.53
N ALA C 149 8.12 -24.69 18.21
CA ALA C 149 6.95 -24.61 17.36
C ALA C 149 6.07 -25.84 17.50
N GLU C 150 6.70 -26.99 17.71
CA GLU C 150 5.99 -28.26 17.83
C GLU C 150 5.33 -28.43 19.20
N VAL C 151 5.96 -27.91 20.24
CA VAL C 151 5.43 -27.98 21.60
C VAL C 151 4.30 -26.97 21.72
N ARG C 152 4.25 -26.04 20.77
CA ARG C 152 3.23 -25.01 20.74
C ARG C 152 2.00 -25.58 20.05
N LYS C 153 2.22 -26.13 18.86
CA LYS C 153 1.15 -26.72 18.06
C LYS C 153 0.49 -27.94 18.72
N ASN C 154 1.28 -28.79 19.35
CA ASN C 154 0.73 -29.98 20.00
C ASN C 154 0.01 -29.61 21.27
N GLY C 155 0.10 -28.35 21.67
CA GLY C 155 -0.59 -27.92 22.87
C GLY C 155 0.10 -28.25 24.18
N THR C 156 1.37 -28.57 24.12
CA THR C 156 2.11 -28.89 25.33
C THR C 156 2.24 -27.61 26.13
N LEU C 157 2.59 -26.54 25.44
CA LEU C 157 2.72 -25.23 26.06
C LEU C 157 1.79 -24.32 25.25
N PRO C 158 0.50 -24.35 25.56
CA PRO C 158 -0.52 -23.55 24.88
C PRO C 158 -0.33 -22.03 24.93
N TRP C 159 0.49 -21.56 25.86
CA TRP C 159 0.71 -20.12 25.98
C TRP C 159 1.87 -19.60 25.13
N LEU C 160 2.45 -20.48 24.32
CA LEU C 160 3.53 -20.09 23.42
C LEU C 160 2.94 -19.45 22.20
N ARG C 161 3.60 -18.41 21.68
CA ARG C 161 3.15 -17.73 20.47
C ARG C 161 4.10 -18.06 19.33
N PRO C 162 3.69 -17.86 18.07
CA PRO C 162 4.55 -18.18 16.92
C PRO C 162 5.97 -17.65 16.93
N ASP C 163 6.11 -16.36 17.17
CA ASP C 163 7.41 -15.68 17.17
C ASP C 163 8.44 -16.19 18.19
N ALA C 164 9.62 -16.58 17.70
CA ALA C 164 10.70 -17.07 18.54
C ALA C 164 12.04 -17.12 17.80
N LYS C 165 13.13 -16.94 18.55
CA LYS C 165 14.48 -16.95 18.00
C LYS C 165 15.37 -17.73 18.95
N SER C 166 16.37 -18.41 18.40
CA SER C 166 17.28 -19.23 19.20
C SER C 166 18.75 -19.03 18.84
N GLN C 167 19.59 -19.00 19.86
CA GLN C 167 21.03 -18.83 19.70
C GLN C 167 21.83 -19.80 20.61
N VAL C 168 22.89 -20.38 20.05
CA VAL C 168 23.71 -21.32 20.78
C VAL C 168 25.15 -21.13 20.36
N THR C 169 26.05 -21.25 21.32
CA THR C 169 27.47 -21.10 21.03
C THR C 169 28.20 -22.35 21.55
N PHE C 170 28.93 -23.02 20.67
CA PHE C 170 29.65 -24.23 21.05
C PHE C 170 31.09 -23.95 21.46
N GLN C 171 31.66 -24.87 22.22
CA GLN C 171 33.06 -24.76 22.65
C GLN C 171 33.81 -25.64 21.68
N TYR C 172 34.82 -25.09 21.01
CA TYR C 172 35.58 -25.89 20.06
C TYR C 172 37.05 -25.97 20.47
N ASP C 173 37.48 -27.17 20.81
CA ASP C 173 38.85 -27.40 21.21
C ASP C 173 39.37 -28.54 20.34
N ASP C 174 40.64 -28.46 19.97
CA ASP C 174 41.22 -29.51 19.14
C ASP C 174 40.35 -29.66 17.89
N GLY C 175 39.70 -28.57 17.51
CA GLY C 175 38.84 -28.56 16.33
C GLY C 175 37.54 -29.32 16.45
N LYS C 176 37.28 -29.91 17.61
CA LYS C 176 36.05 -30.67 17.82
C LYS C 176 35.22 -30.02 18.92
N ILE C 177 33.95 -30.42 19.02
CA ILE C 177 33.07 -29.86 20.02
C ILE C 177 33.33 -30.46 21.38
N VAL C 178 33.43 -29.62 22.41
CA VAL C 178 33.66 -30.14 23.75
C VAL C 178 32.45 -29.82 24.59
N GLY C 179 31.64 -28.88 24.12
CA GLY C 179 30.45 -28.51 24.87
C GLY C 179 29.80 -27.23 24.39
N ILE C 180 28.90 -26.69 25.22
CA ILE C 180 28.21 -25.47 24.86
C ILE C 180 28.28 -24.48 26.02
N ASP C 181 28.84 -23.31 25.74
CA ASP C 181 28.98 -22.26 26.75
C ASP C 181 27.68 -21.52 27.06
N ALA C 182 27.04 -20.93 26.06
CA ALA C 182 25.82 -20.16 26.26
C ALA C 182 24.65 -20.57 25.35
N VAL C 183 23.44 -20.52 25.91
CA VAL C 183 22.22 -20.89 25.18
C VAL C 183 21.22 -19.74 25.24
N VAL C 184 20.71 -19.33 24.09
CA VAL C 184 19.73 -18.23 24.05
C VAL C 184 18.45 -18.71 23.41
N LEU C 185 17.34 -18.42 24.07
CA LEU C 185 16.03 -18.83 23.55
C LEU C 185 14.98 -17.76 23.87
N SER C 186 14.52 -17.06 22.83
CA SER C 186 13.50 -16.02 22.98
C SER C 186 12.22 -16.50 22.30
N THR C 187 11.11 -16.47 23.03
CA THR C 187 9.82 -16.89 22.50
C THR C 187 8.69 -16.01 22.95
N GLN C 188 7.80 -15.67 22.02
CA GLN C 188 6.63 -14.85 22.33
C GLN C 188 5.71 -15.66 23.23
N HIS C 189 4.93 -14.99 24.07
CA HIS C 189 4.01 -15.67 24.98
C HIS C 189 2.76 -14.87 25.30
N SER C 190 1.85 -15.49 26.05
CA SER C 190 0.61 -14.82 26.42
C SER C 190 0.73 -14.05 27.73
N GLU C 191 -0.20 -13.14 27.95
CA GLU C 191 -0.22 -12.33 29.16
C GLU C 191 -0.56 -13.20 30.38
N GLU C 192 -0.82 -14.47 30.13
CA GLU C 192 -1.24 -15.38 31.19
C GLU C 192 -0.14 -16.02 32.06
N ILE C 193 1.05 -16.22 31.51
CA ILE C 193 2.13 -16.86 32.27
C ILE C 193 3.27 -15.93 32.68
N ASP C 194 3.94 -16.28 33.79
CA ASP C 194 5.04 -15.47 34.34
C ASP C 194 6.42 -15.87 33.81
N GLN C 195 7.36 -14.94 33.88
CA GLN C 195 8.73 -15.16 33.38
C GLN C 195 9.38 -16.43 33.92
N LYS C 196 9.48 -16.51 35.24
CA LYS C 196 10.09 -17.66 35.88
C LYS C 196 9.47 -18.95 35.34
N SER C 197 8.16 -19.11 35.55
CA SER C 197 7.44 -20.29 35.06
C SER C 197 7.86 -20.53 33.60
N LEU C 198 7.71 -19.51 32.77
CA LEU C 198 8.06 -19.58 31.36
C LEU C 198 9.48 -20.08 31.18
N GLN C 199 10.41 -19.43 31.87
CA GLN C 199 11.80 -19.81 31.76
C GLN C 199 12.00 -21.27 32.13
N GLU C 200 11.53 -21.63 33.32
CA GLU C 200 11.62 -22.99 33.83
C GLU C 200 10.97 -24.00 32.88
N ALA C 201 9.87 -23.60 32.24
CA ALA C 201 9.15 -24.46 31.31
C ALA C 201 9.89 -24.61 29.98
N VAL C 202 10.53 -23.54 29.53
CA VAL C 202 11.27 -23.56 28.27
C VAL C 202 12.43 -24.56 28.36
N MET C 203 13.04 -24.63 29.54
CA MET C 203 14.18 -25.53 29.76
C MET C 203 13.78 -26.99 29.63
N GLU C 204 12.75 -27.38 30.38
CA GLU C 204 12.25 -28.75 30.38
C GLU C 204 11.69 -29.21 29.03
N GLU C 205 10.80 -28.40 28.46
CA GLU C 205 10.15 -28.70 27.21
C GLU C 205 10.92 -28.42 25.92
N ILE C 206 11.68 -27.33 25.89
CA ILE C 206 12.41 -27.00 24.67
C ILE C 206 13.92 -27.17 24.64
N ILE C 207 14.61 -26.76 25.68
CA ILE C 207 16.06 -26.85 25.66
C ILE C 207 16.61 -28.20 26.09
N LYS C 208 16.24 -28.62 27.29
CA LYS C 208 16.72 -29.88 27.83
C LYS C 208 16.49 -31.05 26.89
N PRO C 209 15.33 -31.11 26.25
CA PRO C 209 15.13 -32.24 25.34
C PRO C 209 15.91 -32.15 24.04
N ILE C 210 16.38 -30.97 23.67
CA ILE C 210 17.07 -30.85 22.39
C ILE C 210 18.56 -30.79 22.46
N LEU C 211 19.10 -30.17 23.50
CA LEU C 211 20.56 -30.08 23.61
C LEU C 211 21.14 -31.32 24.29
N PRO C 212 22.16 -31.95 23.66
CA PRO C 212 22.79 -33.15 24.24
C PRO C 212 23.27 -32.87 25.67
N ALA C 213 22.80 -33.67 26.62
CA ALA C 213 23.16 -33.48 28.02
C ALA C 213 24.66 -33.47 28.28
N GLU C 214 25.44 -34.09 27.41
CA GLU C 214 26.90 -34.14 27.58
C GLU C 214 27.52 -32.74 27.47
N TRP C 215 27.09 -31.99 26.47
CA TRP C 215 27.61 -30.65 26.22
C TRP C 215 27.11 -29.59 27.19
N LEU C 216 26.17 -29.97 28.05
CA LEU C 216 25.61 -29.04 29.03
C LEU C 216 26.28 -29.30 30.37
N THR C 217 26.87 -28.24 30.91
CA THR C 217 27.55 -28.36 32.19
C THR C 217 27.16 -27.16 33.04
N SER C 218 27.57 -27.19 34.30
CA SER C 218 27.29 -26.12 35.24
C SER C 218 27.81 -24.78 34.72
N ALA C 219 28.66 -24.83 33.69
CA ALA C 219 29.23 -23.62 33.12
C ALA C 219 28.23 -22.96 32.18
N THR C 220 27.59 -23.75 31.34
CA THR C 220 26.63 -23.21 30.38
C THR C 220 25.78 -22.11 30.99
N LYS C 221 25.54 -21.06 30.22
CA LYS C 221 24.74 -19.92 30.66
C LYS C 221 23.48 -19.86 29.79
N PHE C 222 22.32 -19.73 30.43
CA PHE C 222 21.06 -19.71 29.70
C PHE C 222 20.41 -18.35 29.69
N PHE C 223 20.06 -17.89 28.50
CA PHE C 223 19.41 -16.61 28.31
C PHE C 223 18.03 -16.84 27.75
N ILE C 224 17.02 -16.70 28.61
CA ILE C 224 15.62 -16.91 28.23
C ILE C 224 14.76 -15.64 28.37
N ASN C 225 14.34 -15.09 27.23
CA ASN C 225 13.51 -13.88 27.20
C ASN C 225 14.12 -12.77 28.06
N PRO C 226 15.42 -12.48 27.85
CA PRO C 226 16.17 -11.45 28.57
C PRO C 226 15.55 -10.09 28.86
N THR C 227 14.89 -9.45 27.89
CA THR C 227 14.31 -8.15 28.21
C THR C 227 13.36 -8.32 29.39
N GLY C 228 13.03 -9.58 29.68
CA GLY C 228 12.13 -9.87 30.77
C GLY C 228 10.68 -9.90 30.34
N ARG C 229 10.41 -9.53 29.08
CA ARG C 229 9.05 -9.56 28.57
C ARG C 229 8.94 -9.59 27.04
N PHE C 230 8.28 -10.63 26.53
CA PHE C 230 8.10 -10.78 25.10
C PHE C 230 6.65 -11.22 24.90
N VAL C 231 5.72 -10.26 24.97
CA VAL C 231 4.30 -10.54 24.79
C VAL C 231 3.88 -10.01 23.41
N ILE C 232 4.61 -8.99 22.96
CA ILE C 232 4.37 -8.37 21.67
C ILE C 232 5.41 -8.89 20.69
N GLY C 233 4.95 -9.53 19.62
CA GLY C 233 5.88 -10.07 18.64
C GLY C 233 5.31 -10.07 17.23
N GLY C 234 5.88 -10.89 16.37
CA GLY C 234 5.39 -10.95 15.01
C GLY C 234 5.59 -9.61 14.32
N PRO C 235 4.92 -9.39 13.18
CA PRO C 235 5.07 -8.12 12.45
C PRO C 235 4.81 -6.88 13.27
N MET C 236 4.12 -7.03 14.39
CA MET C 236 3.84 -5.84 15.19
C MET C 236 5.11 -5.39 15.92
N GLY C 237 5.91 -6.36 16.35
CA GLY C 237 7.13 -6.02 17.07
C GLY C 237 8.34 -5.92 16.17
N ASP C 238 8.25 -6.49 14.97
CA ASP C 238 9.38 -6.46 14.05
C ASP C 238 9.00 -6.69 12.59
N CYS C 239 9.42 -5.78 11.72
CA CYS C 239 9.11 -5.87 10.29
C CYS C 239 9.71 -7.11 9.60
N GLY C 240 8.87 -7.86 8.87
CA GLY C 240 9.35 -9.04 8.17
C GLY C 240 9.60 -8.79 6.71
N LEU C 241 10.72 -9.28 6.20
CA LEU C 241 11.08 -9.10 4.80
C LEU C 241 11.61 -10.40 4.18
N THR C 242 11.48 -10.55 2.87
CA THR C 242 11.98 -11.75 2.21
C THR C 242 13.49 -11.72 2.06
N GLY C 243 14.12 -12.88 2.22
CA GLY C 243 15.56 -13.00 2.07
C GLY C 243 16.41 -12.23 3.04
N ARG C 244 16.01 -12.20 4.32
CA ARG C 244 16.81 -11.50 5.32
C ARG C 244 17.31 -12.49 6.36
N LYS C 245 17.19 -13.77 6.02
CA LYS C 245 17.68 -14.87 6.87
C LYS C 245 18.72 -15.68 6.09
N ILE C 246 19.35 -15.02 5.13
CA ILE C 246 20.39 -15.60 4.28
C ILE C 246 21.27 -16.64 4.98
N ILE C 247 21.84 -16.28 6.14
CA ILE C 247 22.74 -17.18 6.88
C ILE C 247 22.09 -18.37 7.59
N VAL C 248 21.00 -18.14 8.34
CA VAL C 248 20.35 -19.25 9.05
C VAL C 248 19.73 -20.19 8.01
N ASP C 249 19.48 -19.67 6.82
CA ASP C 249 18.91 -20.46 5.75
C ASP C 249 19.96 -21.45 5.26
N THR C 250 21.22 -21.11 5.42
CA THR C 250 22.29 -21.98 4.96
C THR C 250 23.16 -22.85 5.92
N TYR C 251 24.22 -22.25 6.48
CA TYR C 251 25.17 -22.97 7.36
C TYR C 251 25.49 -22.34 8.73
N GLY C 252 24.69 -21.36 9.16
CA GLY C 252 24.92 -20.72 10.45
C GLY C 252 26.11 -19.79 10.60
N GLY C 253 26.80 -19.47 9.51
CA GLY C 253 27.95 -18.59 9.62
C GLY C 253 29.27 -19.37 9.63
N MET C 254 29.16 -20.69 9.61
CA MET C 254 30.32 -21.58 9.61
C MET C 254 31.02 -21.48 8.26
N ALA C 255 30.24 -21.55 7.20
CA ALA C 255 30.76 -21.46 5.85
C ALA C 255 30.58 -20.02 5.34
N ARG C 256 30.93 -19.78 4.08
CA ARG C 256 30.78 -18.46 3.51
C ARG C 256 29.46 -18.30 2.77
N HIS C 257 29.19 -17.07 2.32
CA HIS C 257 27.96 -16.74 1.58
C HIS C 257 28.15 -15.61 0.56
N GLY C 258 27.46 -15.73 -0.58
CA GLY C 258 27.56 -14.75 -1.66
C GLY C 258 26.58 -13.59 -1.62
N GLY C 259 25.46 -13.76 -0.95
CA GLY C 259 24.51 -12.67 -0.85
C GLY C 259 23.20 -12.89 -1.57
N GLY C 260 22.98 -14.10 -2.05
CA GLY C 260 21.74 -14.41 -2.75
C GLY C 260 20.74 -15.15 -1.90
N ALA C 261 19.51 -14.63 -1.82
CA ALA C 261 18.44 -15.25 -1.05
C ALA C 261 17.86 -16.43 -1.82
N PHE C 262 17.07 -17.24 -1.15
CA PHE C 262 16.44 -18.40 -1.79
C PHE C 262 14.94 -18.25 -2.13
N SER C 263 14.13 -18.03 -1.11
CA SER C 263 12.69 -17.89 -1.28
C SER C 263 12.17 -16.89 -2.32
N GLY C 264 11.14 -17.29 -3.06
CA GLY C 264 10.52 -16.42 -4.03
C GLY C 264 11.00 -16.53 -5.46
N LYS C 265 12.12 -17.21 -5.65
CA LYS C 265 12.67 -17.34 -7.00
C LYS C 265 12.63 -18.75 -7.57
N ASP C 266 12.34 -18.84 -8.86
CA ASP C 266 12.28 -20.13 -9.53
C ASP C 266 13.73 -20.58 -9.73
N PRO C 267 13.95 -21.86 -10.09
CA PRO C 267 15.30 -22.42 -10.31
C PRO C 267 16.19 -21.75 -11.36
N SER C 268 15.61 -21.04 -12.34
CA SER C 268 16.42 -20.39 -13.35
C SER C 268 17.21 -19.28 -12.70
N LYS C 269 16.97 -19.06 -11.40
CA LYS C 269 17.69 -18.06 -10.62
C LYS C 269 18.86 -18.75 -9.91
N VAL C 270 20.06 -18.57 -10.44
CA VAL C 270 21.26 -19.21 -9.88
C VAL C 270 21.46 -18.99 -8.38
N ASP C 271 20.87 -17.92 -7.84
CA ASP C 271 20.99 -17.64 -6.43
C ASP C 271 20.53 -18.86 -5.65
N ARG C 272 19.47 -19.51 -6.12
CA ARG C 272 18.93 -20.67 -5.43
C ARG C 272 19.42 -22.02 -5.96
N SER C 273 19.39 -22.19 -7.28
CA SER C 273 19.80 -23.42 -7.93
C SER C 273 21.32 -23.73 -7.88
N ALA C 274 22.14 -22.72 -8.14
CA ALA C 274 23.58 -22.93 -8.12
C ALA C 274 24.01 -23.14 -6.68
N ALA C 275 23.26 -22.54 -5.75
CA ALA C 275 23.54 -22.69 -4.34
C ALA C 275 23.29 -24.15 -3.98
N TYR C 276 22.08 -24.65 -4.28
CA TYR C 276 21.75 -26.03 -3.98
C TYR C 276 22.78 -26.97 -4.62
N ALA C 277 23.07 -26.75 -5.89
CA ALA C 277 24.03 -27.58 -6.60
C ALA C 277 25.38 -27.57 -5.91
N ALA C 278 25.71 -26.47 -5.25
CA ALA C 278 26.99 -26.35 -4.56
C ALA C 278 27.02 -27.17 -3.27
N ARG C 279 25.88 -27.28 -2.59
CA ARG C 279 25.84 -28.07 -1.37
C ARG C 279 25.91 -29.53 -1.82
N TYR C 280 25.32 -29.79 -2.98
CA TYR C 280 25.27 -31.11 -3.59
C TYR C 280 26.64 -31.72 -3.84
N VAL C 281 27.54 -30.98 -4.47
CA VAL C 281 28.87 -31.55 -4.72
C VAL C 281 29.71 -31.55 -3.43
N ALA C 282 29.62 -30.48 -2.66
CA ALA C 282 30.37 -30.40 -1.42
C ALA C 282 30.04 -31.61 -0.55
N LYS C 283 28.75 -31.82 -0.30
CA LYS C 283 28.34 -32.95 0.51
C LYS C 283 28.82 -34.22 -0.15
N ASN C 284 28.54 -34.36 -1.43
CA ASN C 284 28.95 -35.56 -2.14
C ASN C 284 30.46 -35.83 -2.12
N ILE C 285 31.26 -34.77 -2.07
CA ILE C 285 32.70 -34.94 -2.03
C ILE C 285 33.10 -35.55 -0.69
N VAL C 286 32.54 -35.01 0.39
CA VAL C 286 32.85 -35.51 1.73
C VAL C 286 32.33 -36.92 1.91
N ALA C 287 31.12 -37.18 1.43
CA ALA C 287 30.57 -38.53 1.52
C ALA C 287 31.50 -39.47 0.75
N ALA C 288 31.98 -38.97 -0.39
CA ALA C 288 32.88 -39.75 -1.23
C ALA C 288 34.20 -39.94 -0.49
N GLY C 289 34.34 -39.25 0.64
CA GLY C 289 35.56 -39.36 1.42
C GLY C 289 36.79 -38.69 0.83
N LEU C 290 36.58 -37.79 -0.12
CA LEU C 290 37.70 -37.10 -0.72
C LEU C 290 38.21 -35.94 0.14
N ALA C 291 37.45 -35.59 1.18
CA ALA C 291 37.84 -34.50 2.09
C ALA C 291 36.94 -34.53 3.30
N ASP C 292 37.43 -34.03 4.42
CA ASP C 292 36.63 -34.02 5.64
C ASP C 292 35.64 -32.87 5.64
N ARG C 293 36.01 -31.79 4.98
CA ARG C 293 35.15 -30.63 4.87
C ARG C 293 35.60 -29.79 3.71
N CYS C 294 34.66 -29.36 2.88
CA CYS C 294 35.06 -28.53 1.76
C CYS C 294 33.99 -27.54 1.38
N GLU C 295 34.45 -26.35 1.04
CA GLU C 295 33.60 -25.25 0.63
C GLU C 295 33.76 -25.11 -0.87
N ILE C 296 32.63 -25.00 -1.58
CA ILE C 296 32.65 -24.84 -3.03
C ILE C 296 32.13 -23.43 -3.34
N GLN C 297 32.53 -22.88 -4.48
CA GLN C 297 32.07 -21.54 -4.82
C GLN C 297 32.01 -21.34 -6.32
N VAL C 298 30.82 -21.00 -6.80
CA VAL C 298 30.65 -20.75 -8.23
C VAL C 298 30.17 -19.33 -8.33
N SER C 299 30.34 -18.73 -9.51
CA SER C 299 29.89 -17.37 -9.77
C SER C 299 29.36 -17.39 -11.19
N TYR C 300 28.40 -16.53 -11.50
CA TYR C 300 27.84 -16.51 -12.85
C TYR C 300 27.70 -15.12 -13.42
N ALA C 301 27.36 -15.08 -14.70
CA ALA C 301 27.12 -13.83 -15.41
C ALA C 301 25.75 -13.94 -16.09
N ILE C 302 24.92 -12.92 -15.88
CA ILE C 302 23.58 -12.89 -16.45
C ILE C 302 23.56 -13.24 -17.93
N GLY C 303 22.59 -14.06 -18.32
CA GLY C 303 22.43 -14.43 -19.71
C GLY C 303 23.51 -15.31 -20.25
N VAL C 304 24.48 -15.62 -19.40
CA VAL C 304 25.59 -16.49 -19.77
C VAL C 304 25.40 -17.84 -19.09
N ALA C 305 25.45 -18.91 -19.89
CA ALA C 305 25.23 -20.26 -19.36
C ALA C 305 26.42 -20.89 -18.64
N GLU C 306 27.64 -20.61 -19.12
CA GLU C 306 28.84 -21.17 -18.50
C GLU C 306 29.39 -20.40 -17.31
N PRO C 307 29.52 -21.06 -16.15
CA PRO C 307 30.02 -20.45 -14.92
C PRO C 307 31.26 -19.59 -15.13
N THR C 308 31.28 -18.41 -14.50
CA THR C 308 32.41 -17.51 -14.63
C THR C 308 33.55 -17.88 -13.68
N SER C 309 33.26 -18.70 -12.67
CA SER C 309 34.27 -19.12 -11.71
C SER C 309 33.84 -20.34 -10.88
N ILE C 310 34.82 -21.12 -10.46
CA ILE C 310 34.57 -22.28 -9.64
C ILE C 310 35.83 -22.47 -8.83
N MET C 311 35.67 -22.86 -7.57
CA MET C 311 36.81 -23.09 -6.69
C MET C 311 36.42 -24.01 -5.55
N VAL C 312 37.24 -25.00 -5.27
CA VAL C 312 36.95 -25.90 -4.18
C VAL C 312 37.97 -25.64 -3.06
N GLU C 313 37.51 -25.54 -1.82
CA GLU C 313 38.40 -25.32 -0.68
C GLU C 313 38.21 -26.49 0.29
N THR C 314 39.29 -27.23 0.54
CA THR C 314 39.20 -28.38 1.44
C THR C 314 39.93 -28.17 2.77
N PHE C 315 40.44 -26.96 2.97
CA PHE C 315 41.13 -26.60 4.21
C PHE C 315 42.18 -27.64 4.57
N GLY C 316 42.86 -28.15 3.55
CA GLY C 316 43.90 -29.14 3.78
C GLY C 316 43.39 -30.53 4.12
N THR C 317 42.11 -30.64 4.46
CA THR C 317 41.54 -31.93 4.82
C THR C 317 41.31 -32.85 3.62
N GLU C 318 41.77 -32.42 2.45
CA GLU C 318 41.55 -33.23 1.25
C GLU C 318 42.37 -34.51 1.30
N LYS C 319 42.02 -35.47 0.46
CA LYS C 319 42.72 -36.75 0.42
C LYS C 319 43.30 -37.06 -0.95
N VAL C 320 43.00 -36.18 -1.90
CA VAL C 320 43.52 -36.30 -3.25
C VAL C 320 43.95 -34.87 -3.56
N PRO C 321 45.11 -34.69 -4.22
CA PRO C 321 45.51 -33.32 -4.51
C PRO C 321 44.39 -32.51 -5.15
N SER C 322 44.08 -31.38 -4.53
CA SER C 322 43.02 -30.51 -5.01
C SER C 322 42.91 -30.57 -6.52
N GLU C 323 44.06 -30.51 -7.18
CA GLU C 323 44.12 -30.55 -8.64
C GLU C 323 43.07 -31.49 -9.24
N GLN C 324 43.25 -32.79 -9.01
CA GLN C 324 42.33 -33.78 -9.54
C GLN C 324 40.96 -33.63 -8.89
N LEU C 325 40.95 -33.06 -7.70
CA LEU C 325 39.70 -32.87 -6.99
C LEU C 325 38.88 -31.75 -7.64
N THR C 326 39.57 -30.81 -8.28
CA THR C 326 38.88 -29.70 -8.94
C THR C 326 38.54 -30.07 -10.37
N LEU C 327 39.39 -30.88 -10.98
CA LEU C 327 39.17 -31.31 -12.35
C LEU C 327 38.08 -32.38 -12.36
N LEU C 328 37.86 -32.98 -11.21
CA LEU C 328 36.84 -34.00 -11.04
C LEU C 328 35.46 -33.34 -10.95
N VAL C 329 35.42 -32.20 -10.24
CA VAL C 329 34.19 -31.44 -10.05
C VAL C 329 33.51 -31.11 -11.38
N ARG C 330 34.20 -30.33 -12.23
CA ARG C 330 33.63 -29.96 -13.52
C ARG C 330 33.48 -31.17 -14.43
N GLU C 331 34.10 -32.26 -14.01
CA GLU C 331 34.03 -33.48 -14.78
C GLU C 331 32.71 -34.19 -14.53
N PHE C 332 32.34 -34.31 -13.25
CA PHE C 332 31.12 -35.01 -12.85
C PHE C 332 29.79 -34.25 -12.88
N PHE C 333 29.80 -33.01 -12.41
CA PHE C 333 28.57 -32.20 -12.38
C PHE C 333 28.50 -31.10 -13.44
N ASP C 334 27.26 -30.76 -13.81
CA ASP C 334 26.97 -29.71 -14.78
C ASP C 334 26.43 -28.51 -14.02
N LEU C 335 27.22 -27.45 -13.90
CA LEU C 335 26.80 -26.26 -13.17
C LEU C 335 26.18 -25.21 -14.08
N ARG C 336 25.95 -25.56 -15.34
CA ARG C 336 25.31 -24.63 -16.25
C ARG C 336 23.84 -24.54 -15.85
N PRO C 337 23.26 -23.33 -15.93
CA PRO C 337 21.87 -23.15 -15.56
C PRO C 337 20.97 -24.35 -15.86
N TYR C 338 20.87 -24.69 -17.13
CA TYR C 338 19.99 -25.77 -17.55
C TYR C 338 20.54 -27.18 -17.43
N GLY C 339 21.56 -27.29 -16.58
CA GLY C 339 22.20 -28.57 -16.28
C GLY C 339 21.89 -28.95 -14.84
N LEU C 340 21.92 -27.96 -13.94
CA LEU C 340 21.63 -28.17 -12.52
C LEU C 340 20.14 -28.41 -12.30
N ILE C 341 19.31 -27.78 -13.13
CA ILE C 341 17.87 -27.94 -12.99
C ILE C 341 17.48 -29.39 -13.27
N GLN C 342 18.13 -29.98 -14.26
CA GLN C 342 17.84 -31.38 -14.57
C GLN C 342 18.56 -32.23 -13.53
N MET C 343 19.78 -31.84 -13.21
CA MET C 343 20.59 -32.54 -12.23
C MET C 343 19.82 -32.76 -10.92
N LEU C 344 19.08 -31.76 -10.48
CA LEU C 344 18.34 -31.88 -9.23
C LEU C 344 16.84 -31.88 -9.43
N ASP C 345 16.39 -31.82 -10.69
CA ASP C 345 14.97 -31.81 -10.98
C ASP C 345 14.25 -30.73 -10.20
N LEU C 346 14.68 -29.49 -10.39
CA LEU C 346 14.11 -28.35 -9.69
C LEU C 346 12.76 -27.81 -10.15
N LEU C 347 12.23 -28.33 -11.27
CA LEU C 347 10.95 -27.86 -11.83
C LEU C 347 9.73 -28.37 -11.10
N HIS C 348 9.76 -28.33 -9.76
CA HIS C 348 8.61 -28.80 -8.97
C HIS C 348 8.31 -27.91 -7.78
N PRO C 349 7.07 -28.00 -7.24
CA PRO C 349 6.74 -27.16 -6.09
C PRO C 349 7.18 -27.86 -4.81
N ILE C 350 8.45 -27.68 -4.49
CA ILE C 350 9.06 -28.29 -3.32
C ILE C 350 9.78 -27.28 -2.44
N TYR C 351 9.56 -26.00 -2.66
CA TYR C 351 10.27 -24.97 -1.90
C TYR C 351 9.65 -24.39 -0.65
N LYS C 352 8.33 -24.26 -0.58
CA LYS C 352 7.71 -23.73 0.64
C LYS C 352 8.35 -24.44 1.83
N GLU C 353 8.27 -25.77 1.82
CA GLU C 353 8.84 -26.62 2.87
C GLU C 353 10.27 -26.24 3.23
N THR C 354 10.97 -25.64 2.29
CA THR C 354 12.33 -25.24 2.50
C THR C 354 12.48 -23.88 3.15
N ALA C 355 11.37 -23.14 3.27
CA ALA C 355 11.38 -21.77 3.80
C ALA C 355 11.56 -21.55 5.32
N ALA C 356 11.54 -22.61 6.11
CA ALA C 356 11.74 -22.45 7.55
C ALA C 356 12.59 -23.59 8.02
N TYR C 357 13.52 -23.29 8.92
CA TYR C 357 14.41 -24.29 9.48
C TYR C 357 15.51 -24.89 8.59
N GLY C 358 16.16 -24.04 7.81
CA GLY C 358 17.27 -24.49 6.98
C GLY C 358 16.96 -25.13 5.65
N HIS C 359 17.77 -24.79 4.65
CA HIS C 359 17.60 -25.33 3.31
C HIS C 359 18.47 -26.58 3.18
N PHE C 360 19.34 -26.76 4.15
CA PHE C 360 20.22 -27.92 4.12
C PHE C 360 20.09 -28.76 5.39
N GLY C 361 20.39 -30.06 5.27
CA GLY C 361 20.27 -30.96 6.39
C GLY C 361 19.13 -31.97 6.26
N ARG C 362 18.17 -31.67 5.39
CA ARG C 362 17.03 -32.54 5.15
C ARG C 362 17.33 -33.48 3.99
N GLU C 363 17.86 -34.64 4.35
CA GLU C 363 18.26 -35.68 3.39
C GLU C 363 17.28 -36.02 2.27
N HIS C 364 15.99 -35.67 2.44
CA HIS C 364 15.02 -35.99 1.42
C HIS C 364 14.96 -34.95 0.32
N PHE C 365 15.68 -33.85 0.52
CA PHE C 365 15.76 -32.83 -0.51
C PHE C 365 16.68 -33.38 -1.58
N PRO C 366 16.40 -33.10 -2.87
CA PRO C 366 17.24 -33.59 -3.96
C PRO C 366 18.73 -33.25 -3.85
N TRP C 367 19.06 -32.11 -3.27
CA TRP C 367 20.47 -31.71 -3.15
C TRP C 367 21.20 -32.30 -1.94
N GLU C 368 20.46 -32.97 -1.07
CA GLU C 368 21.02 -33.57 0.13
C GLU C 368 21.43 -34.99 -0.13
N LYS C 369 20.89 -35.55 -1.21
CA LYS C 369 21.20 -36.92 -1.57
C LYS C 369 22.66 -37.08 -2.00
N THR C 370 23.25 -38.23 -1.68
CA THR C 370 24.64 -38.46 -2.07
C THR C 370 24.70 -39.74 -2.87
N ASP C 371 24.50 -39.61 -4.18
CA ASP C 371 24.55 -40.76 -5.06
C ASP C 371 25.86 -40.76 -5.85
N LYS C 372 26.33 -39.56 -6.17
CA LYS C 372 27.57 -39.40 -6.92
C LYS C 372 28.83 -39.67 -6.11
N ALA C 373 28.69 -39.84 -4.79
CA ALA C 373 29.85 -40.09 -3.95
C ALA C 373 30.65 -41.31 -4.42
N GLN C 374 30.07 -42.49 -4.32
CA GLN C 374 30.75 -43.71 -4.72
C GLN C 374 31.36 -43.61 -6.10
N LEU C 375 30.70 -42.91 -6.98
CA LEU C 375 31.20 -42.76 -8.34
C LEU C 375 32.29 -41.70 -8.35
N LEU C 376 32.18 -40.73 -7.45
CA LEU C 376 33.18 -39.67 -7.34
C LEU C 376 34.40 -40.29 -6.71
N ARG C 377 34.19 -41.48 -6.13
CA ARG C 377 35.27 -42.23 -5.48
C ARG C 377 36.03 -42.99 -6.56
N ASP C 378 35.29 -43.67 -7.42
CA ASP C 378 35.90 -44.42 -8.51
C ASP C 378 36.92 -43.58 -9.29
N ALA C 379 36.63 -42.29 -9.45
CA ALA C 379 37.51 -41.40 -10.18
C ALA C 379 38.81 -41.11 -9.43
N ALA C 380 38.97 -41.75 -8.28
CA ALA C 380 40.18 -41.58 -7.49
C ALA C 380 40.32 -42.72 -6.49
N GLY C 381 41.36 -43.54 -6.66
CA GLY C 381 41.57 -44.66 -5.76
C GLY C 381 40.28 -45.26 -5.23
N LEU C 382 39.59 -45.99 -6.11
CA LEU C 382 38.32 -46.60 -5.73
C LEU C 382 38.47 -47.43 -4.45
N LYS C 383 39.06 -48.62 -4.61
CA LYS C 383 39.27 -49.56 -3.52
C LYS C 383 38.50 -49.21 -2.24
N ALA D 1 47.67 -24.31 -4.32
CA ALA D 1 48.30 -22.98 -4.54
C ALA D 1 47.40 -22.06 -5.36
N LYS D 2 46.96 -22.52 -6.53
CA LYS D 2 46.09 -21.72 -7.38
C LYS D 2 44.61 -21.99 -7.12
N HIS D 3 43.80 -20.94 -7.22
CA HIS D 3 42.36 -21.02 -7.01
C HIS D 3 41.70 -19.69 -7.40
N LEU D 4 40.41 -19.74 -7.72
CA LEU D 4 39.69 -18.54 -8.11
C LEU D 4 38.66 -18.07 -7.08
N PHE D 5 38.65 -16.76 -6.82
CA PHE D 5 37.70 -16.18 -5.89
C PHE D 5 36.92 -15.03 -6.55
N THR D 6 35.60 -15.05 -6.41
CA THR D 6 34.76 -14.02 -7.03
C THR D 6 33.95 -13.19 -6.04
N SER D 7 33.85 -11.89 -6.31
CA SER D 7 33.09 -10.95 -5.48
C SER D 7 32.25 -10.10 -6.43
N GLU D 8 31.36 -9.27 -5.88
CA GLU D 8 30.50 -8.41 -6.69
C GLU D 8 30.05 -7.16 -5.96
N SER D 9 29.60 -6.18 -6.71
CA SER D 9 29.13 -4.96 -6.09
C SER D 9 28.00 -4.37 -6.94
N VAL D 10 27.26 -3.42 -6.38
CA VAL D 10 26.16 -2.78 -7.11
C VAL D 10 26.17 -1.27 -7.01
N SER D 11 25.72 -0.61 -8.09
CA SER D 11 25.67 0.84 -8.12
C SER D 11 24.66 1.40 -7.12
N GLU D 12 24.73 2.70 -6.87
CA GLU D 12 23.79 3.34 -5.97
C GLU D 12 22.40 3.36 -6.64
N GLY D 13 22.38 2.99 -7.91
CA GLY D 13 21.12 2.95 -8.66
C GLY D 13 20.42 1.59 -8.64
N HIS D 14 20.99 0.64 -7.92
CA HIS D 14 20.40 -0.70 -7.80
C HIS D 14 19.25 -0.69 -6.79
N PRO D 15 18.10 -1.25 -7.17
CA PRO D 15 16.90 -1.31 -6.34
C PRO D 15 17.16 -1.52 -4.87
N ASP D 16 17.86 -2.60 -4.56
CA ASP D 16 18.18 -2.91 -3.19
C ASP D 16 18.90 -1.74 -2.54
N LYS D 17 19.93 -1.22 -3.20
CA LYS D 17 20.69 -0.10 -2.64
C LYS D 17 19.82 1.12 -2.44
N ILE D 18 18.89 1.35 -3.37
CA ILE D 18 17.98 2.49 -3.27
C ILE D 18 17.30 2.41 -1.93
N ALA D 19 16.84 1.21 -1.59
CA ALA D 19 16.19 0.98 -0.31
C ALA D 19 17.13 1.42 0.82
N ASP D 20 18.28 0.76 0.92
CA ASP D 20 19.26 1.06 1.96
C ASP D 20 19.50 2.55 2.11
N GLN D 21 19.73 3.24 0.99
CA GLN D 21 19.98 4.67 1.00
C GLN D 21 18.81 5.36 1.67
N ILE D 22 17.61 5.03 1.20
CA ILE D 22 16.41 5.62 1.76
C ILE D 22 16.37 5.32 3.24
N SER D 23 16.43 4.05 3.58
CA SER D 23 16.40 3.64 4.97
C SER D 23 17.36 4.46 5.84
N ASP D 24 18.64 4.46 5.47
CA ASP D 24 19.65 5.19 6.22
C ASP D 24 19.51 6.71 6.06
N ALA D 25 18.78 7.12 5.03
CA ALA D 25 18.56 8.55 4.82
C ALA D 25 17.58 9.03 5.91
N VAL D 26 16.58 8.21 6.20
CA VAL D 26 15.61 8.57 7.22
C VAL D 26 16.24 8.60 8.61
N LEU D 27 17.03 7.60 8.94
CA LEU D 27 17.66 7.56 10.24
C LEU D 27 18.51 8.79 10.51
N ASP D 28 19.37 9.13 9.55
CA ASP D 28 20.25 10.28 9.66
C ASP D 28 19.40 11.50 10.01
N ALA D 29 18.40 11.75 9.19
CA ALA D 29 17.53 12.89 9.41
C ALA D 29 17.04 12.86 10.85
N ILE D 30 16.53 11.71 11.26
CA ILE D 30 16.01 11.57 12.60
C ILE D 30 17.10 11.84 13.64
N LEU D 31 18.22 11.15 13.51
CA LEU D 31 19.32 11.28 14.44
C LEU D 31 19.80 12.71 14.58
N GLU D 32 19.86 13.43 13.45
CA GLU D 32 20.30 14.82 13.48
C GLU D 32 19.52 15.56 14.54
N GLN D 33 18.24 15.22 14.66
CA GLN D 33 17.35 15.85 15.62
C GLN D 33 17.37 15.19 16.99
N ASP D 34 17.59 13.87 17.00
CA ASP D 34 17.63 13.13 18.25
C ASP D 34 18.59 11.94 18.10
N PRO D 35 19.78 12.04 18.73
CA PRO D 35 20.80 11.00 18.69
C PRO D 35 20.40 9.71 19.38
N LYS D 36 19.63 9.83 20.47
CA LYS D 36 19.20 8.64 21.19
C LYS D 36 17.89 8.02 20.69
N ALA D 37 17.49 8.36 19.47
CA ALA D 37 16.27 7.81 18.88
C ALA D 37 16.44 6.32 18.59
N ARG D 38 15.33 5.59 18.53
CA ARG D 38 15.40 4.17 18.22
C ARG D 38 14.71 3.97 16.86
N VAL D 39 15.54 3.73 15.85
CA VAL D 39 15.07 3.60 14.47
C VAL D 39 15.32 2.22 13.85
N ALA D 40 14.23 1.55 13.48
CA ALA D 40 14.30 0.25 12.80
C ALA D 40 13.44 0.47 11.56
N CYS D 41 14.06 1.00 10.51
CA CYS D 41 13.34 1.32 9.29
C CYS D 41 13.63 0.44 8.07
N GLU D 42 12.58 -0.23 7.59
CA GLU D 42 12.69 -1.11 6.43
C GLU D 42 11.97 -0.53 5.21
N THR D 43 12.67 -0.49 4.08
CA THR D 43 12.10 0.08 2.86
C THR D 43 11.91 -0.92 1.73
N TYR D 44 10.77 -0.81 1.05
CA TYR D 44 10.42 -1.69 -0.05
C TYR D 44 10.23 -0.81 -1.27
N VAL D 45 10.92 -1.14 -2.37
CA VAL D 45 10.85 -0.35 -3.59
C VAL D 45 10.49 -1.11 -4.86
N LYS D 46 9.49 -0.62 -5.58
CA LYS D 46 9.05 -1.23 -6.83
C LYS D 46 8.61 -0.21 -7.87
N THR D 47 8.26 -0.71 -9.05
CA THR D 47 7.88 0.11 -10.20
C THR D 47 7.51 1.58 -10.02
N GLY D 48 6.47 1.90 -9.27
CA GLY D 48 6.16 3.31 -9.16
C GLY D 48 6.06 3.80 -7.74
N MET D 49 6.52 2.98 -6.81
CA MET D 49 6.41 3.32 -5.41
C MET D 49 7.65 3.08 -4.59
N VAL D 50 7.55 3.52 -3.34
CA VAL D 50 8.59 3.39 -2.35
C VAL D 50 7.83 3.24 -1.03
N LEU D 51 8.09 2.14 -0.33
CA LEU D 51 7.44 1.85 0.95
C LEU D 51 8.42 1.98 2.12
N VAL D 52 8.21 2.99 2.96
CA VAL D 52 9.06 3.18 4.13
C VAL D 52 8.25 2.77 5.34
N GLY D 53 8.69 1.71 6.01
CA GLY D 53 8.00 1.22 7.20
C GLY D 53 8.90 0.71 8.32
N GLY D 54 8.30 -0.01 9.26
CA GLY D 54 9.08 -0.53 10.36
C GLY D 54 8.67 0.12 11.65
N GLU D 55 9.57 0.16 12.62
CA GLU D 55 9.22 0.78 13.89
C GLU D 55 10.21 1.86 14.26
N ILE D 56 9.67 3.04 14.55
CA ILE D 56 10.48 4.19 14.94
C ILE D 56 9.91 4.88 16.18
N THR D 57 10.76 5.08 17.19
CA THR D 57 10.35 5.75 18.42
C THR D 57 11.34 6.88 18.65
N THR D 58 10.97 8.09 18.25
CA THR D 58 11.83 9.26 18.41
C THR D 58 11.01 10.49 18.73
N SER D 59 11.66 11.53 19.23
CA SER D 59 10.99 12.77 19.55
C SER D 59 11.16 13.72 18.39
N ALA D 60 11.95 13.28 17.41
CA ALA D 60 12.23 14.09 16.22
C ALA D 60 11.02 14.19 15.31
N TRP D 61 11.00 15.20 14.44
CA TRP D 61 9.91 15.35 13.51
C TRP D 61 10.51 15.48 12.12
N VAL D 62 10.28 14.46 11.30
CA VAL D 62 10.84 14.43 9.96
C VAL D 62 9.79 14.23 8.87
N ASP D 63 10.19 14.53 7.64
CA ASP D 63 9.30 14.39 6.50
C ASP D 63 9.79 13.25 5.59
N ILE D 64 9.12 12.11 5.66
CA ILE D 64 9.48 10.94 4.87
C ILE D 64 9.42 11.18 3.35
N GLU D 65 8.35 11.80 2.85
CA GLU D 65 8.23 12.04 1.41
C GLU D 65 9.43 12.84 0.90
N GLU D 66 9.73 13.94 1.57
CA GLU D 66 10.85 14.80 1.20
C GLU D 66 12.19 14.10 1.28
N ILE D 67 12.47 13.41 2.39
CA ILE D 67 13.73 12.71 2.51
C ILE D 67 13.85 11.67 1.40
N THR D 68 12.75 10.96 1.17
CA THR D 68 12.69 9.92 0.14
C THR D 68 12.87 10.52 -1.27
N ARG D 69 11.91 11.35 -1.70
CA ARG D 69 12.00 11.97 -3.01
C ARG D 69 13.41 12.51 -3.28
N ASN D 70 13.95 13.27 -2.33
CA ASN D 70 15.28 13.85 -2.46
C ASN D 70 16.34 12.77 -2.55
N THR D 71 16.21 11.75 -1.72
CA THR D 71 17.20 10.67 -1.77
C THR D 71 17.21 9.96 -3.11
N VAL D 72 16.04 9.64 -3.65
CA VAL D 72 15.98 8.97 -4.94
C VAL D 72 16.50 9.94 -5.99
N ARG D 73 15.96 11.15 -5.99
CA ARG D 73 16.39 12.19 -6.92
C ARG D 73 17.92 12.18 -7.08
N GLU D 74 18.64 12.30 -5.96
CA GLU D 74 20.08 12.30 -5.99
C GLU D 74 20.64 11.03 -6.61
N ILE D 75 19.97 9.90 -6.35
CA ILE D 75 20.43 8.66 -6.93
C ILE D 75 20.47 8.84 -8.44
N GLY D 76 19.40 9.38 -9.02
CA GLY D 76 19.41 9.59 -10.45
C GLY D 76 18.11 9.46 -11.24
N TYR D 77 17.17 8.67 -10.73
CA TYR D 77 15.90 8.48 -11.43
C TYR D 77 15.00 9.71 -11.35
N VAL D 78 14.97 10.48 -12.44
CA VAL D 78 14.16 11.68 -12.48
C VAL D 78 13.26 11.82 -13.70
N HIS D 79 13.02 10.71 -14.39
CA HIS D 79 12.21 10.73 -15.60
C HIS D 79 11.61 9.34 -15.80
N SER D 80 10.40 9.28 -16.34
CA SER D 80 9.75 8.00 -16.60
C SER D 80 10.58 7.23 -17.63
N ASP D 81 11.40 7.97 -18.37
CA ASP D 81 12.27 7.39 -19.40
C ASP D 81 13.20 6.34 -18.80
N MET D 82 13.64 6.56 -17.56
CA MET D 82 14.55 5.61 -16.90
C MET D 82 13.77 4.59 -16.05
N GLY D 83 12.44 4.68 -16.07
CA GLY D 83 11.63 3.73 -15.32
C GLY D 83 11.11 4.17 -13.95
N PHE D 84 11.81 5.09 -13.30
CA PHE D 84 11.42 5.58 -11.97
C PHE D 84 11.68 7.08 -11.91
N ASP D 85 10.89 7.82 -11.12
CA ASP D 85 11.08 9.26 -11.00
C ASP D 85 10.77 9.78 -9.59
N ALA D 86 11.79 10.30 -8.93
CA ALA D 86 11.64 10.84 -7.58
C ALA D 86 10.46 11.81 -7.45
N ASN D 87 10.23 12.60 -8.47
CA ASN D 87 9.14 13.57 -8.43
C ASN D 87 7.75 13.00 -8.62
N SER D 88 7.62 11.97 -9.46
CA SER D 88 6.31 11.40 -9.75
C SER D 88 6.00 10.01 -9.20
N CYS D 89 6.93 9.44 -8.44
CA CYS D 89 6.70 8.12 -7.86
C CYS D 89 5.85 8.24 -6.59
N ALA D 90 5.31 7.12 -6.14
CA ALA D 90 4.51 7.12 -4.94
C ALA D 90 5.42 6.91 -3.72
N VAL D 91 5.06 7.54 -2.60
CA VAL D 91 5.80 7.40 -1.35
C VAL D 91 4.84 6.95 -0.25
N LEU D 92 4.92 5.68 0.13
CA LEU D 92 4.05 5.09 1.15
C LEU D 92 4.77 4.91 2.49
N SER D 93 4.01 5.00 3.59
CA SER D 93 4.59 4.83 4.91
C SER D 93 3.77 3.98 5.85
N ALA D 94 4.44 3.01 6.45
CA ALA D 94 3.81 2.16 7.46
C ALA D 94 4.82 2.09 8.61
N ILE D 95 4.92 3.17 9.37
CA ILE D 95 5.87 3.24 10.47
C ILE D 95 5.23 3.30 11.84
N GLY D 96 5.41 2.24 12.60
CA GLY D 96 4.87 2.23 13.95
C GLY D 96 6.00 2.58 14.92
N LYS D 97 5.75 2.39 16.21
CA LYS D 97 6.75 2.66 17.25
C LYS D 97 7.36 1.35 17.75
N GLN D 98 8.55 1.43 18.33
CA GLN D 98 9.23 0.26 18.86
C GLN D 98 8.48 -0.36 20.05
N SER D 99 8.42 -1.70 20.06
CA SER D 99 7.74 -2.42 21.13
C SER D 99 8.37 -2.16 22.48
N PRO D 100 7.56 -1.78 23.48
CA PRO D 100 8.09 -1.53 24.82
C PRO D 100 8.73 -2.78 25.41
N ASP D 101 8.21 -3.94 25.01
CA ASP D 101 8.71 -5.22 25.47
C ASP D 101 10.20 -5.33 25.17
N ILE D 102 10.57 -4.93 23.95
CA ILE D 102 11.98 -4.97 23.56
C ILE D 102 12.71 -3.89 24.35
N ASN D 103 12.19 -2.67 24.30
CA ASN D 103 12.80 -1.53 24.97
C ASN D 103 13.22 -1.69 26.42
N GLN D 104 12.46 -2.43 27.22
CA GLN D 104 12.80 -2.57 28.62
C GLN D 104 14.12 -3.29 28.79
N GLY D 105 14.46 -4.14 27.83
CA GLY D 105 15.71 -4.86 27.90
C GLY D 105 16.87 -4.09 27.29
N VAL D 106 16.55 -3.07 26.51
CA VAL D 106 17.59 -2.27 25.87
C VAL D 106 18.00 -1.10 26.73
N ASP D 107 17.05 -0.23 27.03
CA ASP D 107 17.34 0.93 27.85
C ASP D 107 16.96 0.69 29.30
N ARG D 108 17.97 0.42 30.14
CA ARG D 108 17.75 0.17 31.55
C ARG D 108 18.16 1.40 32.37
N ALA D 109 17.90 1.36 33.67
CA ALA D 109 18.23 2.46 34.57
C ALA D 109 19.64 2.96 34.31
N ASP D 110 20.62 2.10 34.57
CA ASP D 110 22.01 2.44 34.35
C ASP D 110 22.34 2.32 32.86
N PRO D 111 22.77 3.43 32.24
CA PRO D 111 23.11 3.45 30.82
C PRO D 111 24.16 2.42 30.40
N LEU D 112 25.11 2.15 31.29
CA LEU D 112 26.16 1.18 30.98
C LEU D 112 25.59 -0.22 30.82
N GLU D 113 24.71 -0.59 31.73
CA GLU D 113 24.06 -1.92 31.74
C GLU D 113 23.12 -2.13 30.55
N GLN D 114 22.77 -1.04 29.88
CA GLN D 114 21.84 -1.10 28.76
C GLN D 114 22.18 -2.26 27.82
N GLY D 115 21.14 -3.01 27.47
CA GLY D 115 21.31 -4.20 26.64
C GLY D 115 21.27 -4.14 25.13
N ALA D 116 21.73 -5.25 24.55
CA ALA D 116 21.78 -5.41 23.11
C ALA D 116 20.36 -5.34 22.52
N GLY D 117 20.25 -4.71 21.37
CA GLY D 117 18.95 -4.57 20.72
C GLY D 117 18.34 -5.87 20.27
N ASP D 118 19.17 -6.90 20.11
CA ASP D 118 18.69 -8.20 19.67
C ASP D 118 19.75 -9.26 19.87
N GLN D 119 19.41 -10.52 19.59
CA GLN D 119 20.35 -11.61 19.74
C GLN D 119 21.00 -11.70 18.39
N GLY D 120 22.08 -12.45 18.26
CA GLY D 120 22.71 -12.55 16.96
C GLY D 120 24.22 -12.60 17.00
N LEU D 121 24.82 -12.85 15.85
CA LEU D 121 26.27 -12.93 15.74
C LEU D 121 26.77 -12.01 14.62
N MET D 122 27.95 -11.43 14.80
CA MET D 122 28.53 -10.54 13.81
C MET D 122 29.99 -10.88 13.52
N PHE D 123 30.39 -10.68 12.26
CA PHE D 123 31.76 -10.98 11.85
C PHE D 123 32.58 -9.76 11.41
N GLY D 124 33.74 -9.61 12.03
CA GLY D 124 34.64 -8.52 11.68
C GLY D 124 35.78 -9.11 10.87
N TYR D 125 36.40 -8.31 10.02
CA TYR D 125 37.51 -8.83 9.21
C TYR D 125 38.53 -7.80 8.78
N ALA D 126 39.78 -8.25 8.65
CA ALA D 126 40.87 -7.40 8.22
C ALA D 126 41.90 -8.25 7.51
N THR D 127 42.62 -7.65 6.56
CA THR D 127 43.62 -8.35 5.78
C THR D 127 44.66 -7.36 5.26
N ASN D 128 45.92 -7.78 5.19
CA ASN D 128 46.98 -6.91 4.71
C ASN D 128 47.10 -6.92 3.19
N GLU D 129 46.07 -7.42 2.52
CA GLU D 129 46.05 -7.49 1.07
C GLU D 129 46.06 -6.09 0.46
N THR D 130 45.65 -5.10 1.24
CA THR D 130 45.62 -3.73 0.75
C THR D 130 45.87 -2.73 1.88
N ASP D 131 46.22 -1.50 1.50
CA ASP D 131 46.49 -0.42 2.45
C ASP D 131 45.38 -0.24 3.48
N VAL D 132 44.15 -0.18 3.00
CA VAL D 132 42.99 -0.02 3.88
C VAL D 132 42.66 -1.33 4.60
N LEU D 133 43.55 -2.32 4.47
CA LEU D 133 43.37 -3.62 5.09
C LEU D 133 42.05 -4.31 4.70
N MET D 134 41.63 -4.09 3.47
CA MET D 134 40.40 -4.68 2.95
C MET D 134 40.77 -5.69 1.89
N PRO D 135 39.90 -6.68 1.66
CA PRO D 135 40.21 -7.68 0.64
C PRO D 135 40.22 -6.93 -0.69
N ALA D 136 40.93 -7.45 -1.68
CA ALA D 136 41.03 -6.79 -2.98
C ALA D 136 39.80 -6.93 -3.86
N PRO D 137 39.25 -8.16 -4.02
CA PRO D 137 38.08 -8.30 -4.88
C PRO D 137 36.91 -7.35 -4.59
N ILE D 138 36.48 -7.26 -3.34
CA ILE D 138 35.40 -6.35 -3.04
C ILE D 138 35.81 -4.90 -3.31
N THR D 139 37.06 -4.56 -3.05
CA THR D 139 37.53 -3.19 -3.28
C THR D 139 37.46 -2.74 -4.74
N TYR D 140 37.82 -3.63 -5.66
CA TYR D 140 37.76 -3.26 -7.07
C TYR D 140 36.36 -3.29 -7.65
N ALA D 141 35.52 -4.20 -7.15
CA ALA D 141 34.14 -4.28 -7.61
C ALA D 141 33.44 -2.97 -7.25
N HIS D 142 33.61 -2.53 -6.01
CA HIS D 142 33.01 -1.27 -5.56
C HIS D 142 33.48 -0.13 -6.47
N ARG D 143 34.77 -0.10 -6.77
CA ARG D 143 35.35 0.92 -7.61
C ARG D 143 34.73 0.92 -8.99
N LEU D 144 34.38 -0.26 -9.48
CA LEU D 144 33.77 -0.35 -10.81
C LEU D 144 32.39 0.30 -10.87
N VAL D 145 31.49 -0.06 -9.96
CA VAL D 145 30.16 0.54 -9.99
C VAL D 145 30.23 2.02 -9.65
N GLN D 146 31.17 2.37 -8.78
CA GLN D 146 31.34 3.75 -8.36
C GLN D 146 31.81 4.61 -9.54
N ARG D 147 32.69 4.05 -10.36
CA ARG D 147 33.19 4.79 -11.50
C ARG D 147 32.02 5.02 -12.45
N GLN D 148 31.29 3.96 -12.74
CA GLN D 148 30.15 4.03 -13.63
C GLN D 148 29.22 5.15 -13.23
N ALA D 149 28.96 5.25 -11.93
CA ALA D 149 28.06 6.27 -11.43
C ALA D 149 28.60 7.67 -11.67
N GLU D 150 29.91 7.81 -11.50
CA GLU D 150 30.59 9.10 -11.65
C GLU D 150 30.74 9.55 -13.10
N VAL D 151 30.93 8.60 -14.00
CA VAL D 151 31.07 8.88 -15.42
C VAL D 151 29.68 9.23 -15.95
N ARG D 152 28.65 8.85 -15.19
CA ARG D 152 27.28 9.12 -15.58
C ARG D 152 26.92 10.53 -15.15
N LYS D 153 27.15 10.82 -13.87
CA LYS D 153 26.85 12.12 -13.31
C LYS D 153 27.65 13.26 -13.95
N ASN D 154 28.93 13.03 -14.24
CA ASN D 154 29.76 14.07 -14.84
C ASN D 154 29.41 14.29 -16.31
N GLY D 155 28.54 13.45 -16.84
CA GLY D 155 28.14 13.59 -18.23
C GLY D 155 29.10 13.02 -19.25
N THR D 156 30.06 12.22 -18.81
CA THR D 156 31.00 11.62 -19.74
C THR D 156 30.22 10.68 -20.63
N LEU D 157 29.39 9.85 -20.01
CA LEU D 157 28.55 8.91 -20.75
C LEU D 157 27.12 9.23 -20.32
N PRO D 158 26.53 10.26 -20.94
CA PRO D 158 25.16 10.72 -20.67
C PRO D 158 24.06 9.70 -20.88
N TRP D 159 24.35 8.66 -21.67
CA TRP D 159 23.34 7.64 -21.95
C TRP D 159 23.30 6.52 -20.90
N LEU D 160 24.09 6.70 -19.83
CA LEU D 160 24.13 5.72 -18.76
C LEU D 160 22.95 5.99 -17.83
N ARG D 161 22.38 4.93 -17.29
CA ARG D 161 21.26 5.06 -16.35
C ARG D 161 21.76 4.63 -14.98
N PRO D 162 21.08 5.02 -13.91
CA PRO D 162 21.51 4.65 -12.55
C PRO D 162 21.80 3.17 -12.26
N ASP D 163 20.89 2.30 -12.69
CA ASP D 163 21.04 0.87 -12.41
C ASP D 163 22.27 0.17 -13.02
N ALA D 164 23.09 -0.46 -12.16
CA ALA D 164 24.27 -1.17 -12.64
C ALA D 164 24.84 -2.12 -11.58
N LYS D 165 25.44 -3.20 -12.04
CA LYS D 165 26.02 -4.22 -11.16
C LYS D 165 27.37 -4.61 -11.73
N SER D 166 28.30 -5.00 -10.86
CA SER D 166 29.64 -5.38 -11.30
C SER D 166 30.18 -6.62 -10.61
N GLN D 167 30.81 -7.48 -11.39
CA GLN D 167 31.42 -8.71 -10.87
C GLN D 167 32.87 -8.93 -11.40
N VAL D 168 33.76 -9.33 -10.49
CA VAL D 168 35.15 -9.56 -10.84
C VAL D 168 35.67 -10.78 -10.11
N THR D 169 36.46 -11.59 -10.81
CA THR D 169 37.03 -12.78 -10.19
C THR D 169 38.55 -12.72 -10.35
N PHE D 170 39.26 -12.86 -9.23
CA PHE D 170 40.71 -12.78 -9.24
C PHE D 170 41.36 -14.16 -9.31
N GLN D 171 42.60 -14.18 -9.76
CA GLN D 171 43.36 -15.43 -9.84
C GLN D 171 44.22 -15.39 -8.58
N TYR D 172 44.15 -16.44 -7.77
CA TYR D 172 44.94 -16.48 -6.55
C TYR D 172 45.87 -17.66 -6.55
N ASP D 173 47.17 -17.36 -6.59
CA ASP D 173 48.20 -18.37 -6.60
C ASP D 173 49.16 -18.03 -5.46
N ASP D 174 49.67 -19.06 -4.79
CA ASP D 174 50.60 -18.83 -3.70
C ASP D 174 49.95 -17.89 -2.69
N GLY D 175 48.63 -17.93 -2.63
CA GLY D 175 47.89 -17.08 -1.70
C GLY D 175 47.86 -15.60 -2.05
N LYS D 176 48.45 -15.24 -3.17
CA LYS D 176 48.46 -13.84 -3.60
C LYS D 176 47.78 -13.70 -4.95
N ILE D 177 47.44 -12.46 -5.31
CA ILE D 177 46.78 -12.19 -6.58
C ILE D 177 47.78 -12.22 -7.71
N VAL D 178 47.43 -12.90 -8.80
CA VAL D 178 48.31 -12.98 -9.95
C VAL D 178 47.62 -12.27 -11.10
N GLY D 179 46.30 -12.19 -11.02
CA GLY D 179 45.57 -11.54 -12.09
C GLY D 179 44.06 -11.65 -11.97
N ILE D 180 43.36 -11.35 -13.07
CA ILE D 180 41.92 -11.40 -13.08
C ILE D 180 41.44 -12.16 -14.31
N ASP D 181 40.74 -13.27 -14.08
CA ASP D 181 40.23 -14.10 -15.16
C ASP D 181 38.99 -13.53 -15.88
N ALA D 182 37.94 -13.21 -15.13
CA ALA D 182 36.72 -12.68 -15.76
C ALA D 182 36.22 -11.39 -15.12
N VAL D 183 35.68 -10.52 -15.97
CA VAL D 183 35.15 -9.22 -15.55
C VAL D 183 33.71 -9.09 -16.02
N VAL D 184 32.80 -8.79 -15.10
CA VAL D 184 31.38 -8.61 -15.44
C VAL D 184 30.94 -7.19 -15.12
N LEU D 185 30.26 -6.55 -16.06
CA LEU D 185 29.77 -5.20 -15.85
C LEU D 185 28.42 -5.01 -16.54
N SER D 186 27.37 -4.84 -15.76
CA SER D 186 26.05 -4.64 -16.31
C SER D 186 25.58 -3.24 -15.93
N THR D 187 25.13 -2.48 -16.92
CA THR D 187 24.65 -1.12 -16.68
C THR D 187 23.43 -0.81 -17.52
N GLN D 188 22.48 -0.08 -16.93
CA GLN D 188 21.28 0.31 -17.62
C GLN D 188 21.66 1.41 -18.61
N HIS D 189 20.93 1.53 -19.72
CA HIS D 189 21.23 2.55 -20.73
C HIS D 189 20.00 3.06 -21.47
N SER D 190 20.20 4.05 -22.33
CA SER D 190 19.12 4.63 -23.10
C SER D 190 18.90 3.89 -24.43
N GLU D 191 17.72 4.09 -25.01
CA GLU D 191 17.38 3.48 -26.28
C GLU D 191 18.22 4.09 -27.40
N GLU D 192 19.01 5.09 -27.05
CA GLU D 192 19.83 5.78 -28.04
C GLU D 192 21.15 5.14 -28.49
N ILE D 193 21.79 4.36 -27.63
CA ILE D 193 23.08 3.76 -28.00
C ILE D 193 23.03 2.24 -28.25
N ASP D 194 23.93 1.77 -29.11
CA ASP D 194 24.01 0.34 -29.45
C ASP D 194 24.92 -0.47 -28.54
N GLN D 195 24.71 -1.77 -28.51
CA GLN D 195 25.49 -2.67 -27.65
C GLN D 195 26.98 -2.52 -27.83
N LYS D 196 27.45 -2.79 -29.05
CA LYS D 196 28.87 -2.69 -29.36
C LYS D 196 29.46 -1.38 -28.82
N SER D 197 28.95 -0.26 -29.32
CA SER D 197 29.42 1.04 -28.85
C SER D 197 29.46 1.02 -27.32
N LEU D 198 28.32 0.69 -26.71
CA LEU D 198 28.21 0.63 -25.25
C LEU D 198 29.36 -0.18 -24.68
N GLN D 199 29.46 -1.43 -25.12
CA GLN D 199 30.49 -2.30 -24.63
C GLN D 199 31.85 -1.66 -24.77
N GLU D 200 32.18 -1.21 -25.97
CA GLU D 200 33.45 -0.58 -26.24
C GLU D 200 33.68 0.63 -25.34
N ALA D 201 32.62 1.38 -25.08
CA ALA D 201 32.71 2.57 -24.24
C ALA D 201 32.91 2.24 -22.78
N VAL D 202 32.25 1.19 -22.30
CA VAL D 202 32.35 0.78 -20.91
C VAL D 202 33.80 0.38 -20.59
N MET D 203 34.47 -0.24 -21.56
CA MET D 203 35.84 -0.67 -21.35
C MET D 203 36.78 0.51 -21.12
N GLU D 204 36.73 1.48 -22.03
CA GLU D 204 37.57 2.67 -21.97
C GLU D 204 37.30 3.57 -20.76
N GLU D 205 36.03 3.86 -20.55
CA GLU D 205 35.60 4.74 -19.46
C GLU D 205 35.49 4.12 -18.08
N ILE D 206 34.95 2.89 -17.99
CA ILE D 206 34.77 2.28 -16.68
C ILE D 206 35.67 1.13 -16.24
N ILE D 207 35.97 0.21 -17.15
CA ILE D 207 36.81 -0.92 -16.75
C ILE D 207 38.32 -0.66 -16.87
N LYS D 208 38.76 -0.25 -18.05
CA LYS D 208 40.17 0.02 -18.26
C LYS D 208 40.77 0.99 -17.23
N PRO D 209 40.05 2.08 -16.91
CA PRO D 209 40.63 3.00 -15.93
C PRO D 209 40.62 2.52 -14.49
N ILE D 210 39.84 1.49 -14.19
CA ILE D 210 39.75 1.03 -12.81
C ILE D 210 40.52 -0.23 -12.49
N LEU D 211 40.57 -1.17 -13.43
CA LEU D 211 41.29 -2.40 -13.18
C LEU D 211 42.79 -2.27 -13.49
N PRO D 212 43.66 -2.68 -12.57
CA PRO D 212 45.11 -2.59 -12.79
C PRO D 212 45.50 -3.32 -14.07
N ALA D 213 46.14 -2.60 -14.99
CA ALA D 213 46.56 -3.16 -16.27
C ALA D 213 47.42 -4.41 -16.15
N GLU D 214 48.10 -4.56 -15.02
CA GLU D 214 48.95 -5.73 -14.80
C GLU D 214 48.13 -7.01 -14.74
N TRP D 215 47.04 -6.97 -13.99
CA TRP D 215 46.16 -8.13 -13.80
C TRP D 215 45.29 -8.45 -15.02
N LEU D 216 45.30 -7.57 -16.01
CA LEU D 216 44.54 -7.77 -17.23
C LEU D 216 45.43 -8.36 -18.31
N THR D 217 45.04 -9.51 -18.82
CA THR D 217 45.80 -10.19 -19.85
C THR D 217 44.86 -10.66 -20.94
N SER D 218 45.43 -11.20 -22.00
CA SER D 218 44.65 -11.69 -23.13
C SER D 218 43.72 -12.82 -22.69
N ALA D 219 43.94 -13.32 -21.49
CA ALA D 219 43.11 -14.41 -20.96
C ALA D 219 41.80 -13.87 -20.40
N THR D 220 41.88 -12.77 -19.66
CA THR D 220 40.70 -12.16 -19.06
C THR D 220 39.52 -12.18 -20.00
N LYS D 221 38.34 -12.48 -19.45
CA LYS D 221 37.09 -12.53 -20.22
C LYS D 221 36.15 -11.43 -19.73
N PHE D 222 35.63 -10.64 -20.66
CA PHE D 222 34.75 -9.53 -20.31
C PHE D 222 33.29 -9.77 -20.68
N PHE D 223 32.43 -9.62 -19.67
CA PHE D 223 31.01 -9.81 -19.84
C PHE D 223 30.30 -8.48 -19.64
N ILE D 224 29.89 -7.87 -20.74
CA ILE D 224 29.22 -6.58 -20.69
C ILE D 224 27.77 -6.62 -21.19
N ASN D 225 26.81 -6.48 -20.27
CA ASN D 225 25.39 -6.50 -20.62
C ASN D 225 25.03 -7.73 -21.44
N PRO D 226 25.44 -8.92 -20.96
CA PRO D 226 25.19 -10.21 -21.62
C PRO D 226 23.82 -10.50 -22.26
N THR D 227 22.71 -10.20 -21.59
CA THR D 227 21.43 -10.50 -22.21
C THR D 227 21.38 -9.81 -23.57
N GLY D 228 22.28 -8.88 -23.79
CA GLY D 228 22.29 -8.18 -25.05
C GLY D 228 21.47 -6.91 -25.00
N ARG D 229 20.74 -6.70 -23.90
CA ARG D 229 19.91 -5.51 -23.74
C ARG D 229 19.50 -5.20 -22.29
N PHE D 230 19.86 -4.02 -21.81
CA PHE D 230 19.53 -3.58 -20.46
C PHE D 230 19.04 -2.12 -20.58
N VAL D 231 17.79 -1.94 -21.00
CA VAL D 231 17.22 -0.58 -21.15
C VAL D 231 16.23 -0.38 -20.02
N ILE D 232 15.66 -1.50 -19.57
CA ILE D 232 14.71 -1.49 -18.49
C ILE D 232 15.43 -1.89 -17.21
N GLY D 233 15.36 -1.04 -16.19
CA GLY D 233 16.02 -1.34 -14.95
C GLY D 233 15.35 -0.66 -13.77
N GLY D 234 16.10 -0.50 -12.69
CA GLY D 234 15.52 0.12 -11.54
C GLY D 234 14.38 -0.72 -11.04
N PRO D 235 13.61 -0.22 -10.06
CA PRO D 235 12.48 -0.95 -9.49
C PRO D 235 11.56 -1.60 -10.52
N MET D 236 11.55 -1.09 -11.75
CA MET D 236 10.69 -1.68 -12.79
C MET D 236 11.17 -3.06 -13.21
N GLY D 237 12.48 -3.21 -13.31
CA GLY D 237 13.02 -4.49 -13.71
C GLY D 237 13.34 -5.40 -12.54
N ASP D 238 13.46 -4.82 -11.35
CA ASP D 238 13.79 -5.60 -10.17
C ASP D 238 13.37 -4.97 -8.83
N CYS D 239 12.70 -5.75 -7.99
CA CYS D 239 12.23 -5.27 -6.70
C CYS D 239 13.37 -4.96 -5.71
N GLY D 240 13.34 -3.77 -5.13
CA GLY D 240 14.38 -3.39 -4.19
C GLY D 240 13.92 -3.53 -2.76
N LEU D 241 14.79 -4.05 -1.91
CA LEU D 241 14.47 -4.26 -0.51
C LEU D 241 15.65 -3.86 0.40
N THR D 242 15.36 -3.46 1.63
CA THR D 242 16.43 -3.10 2.57
C THR D 242 17.17 -4.33 3.10
N GLY D 243 18.48 -4.20 3.23
CA GLY D 243 19.27 -5.29 3.77
C GLY D 243 19.36 -6.57 2.96
N ARG D 244 19.44 -6.43 1.64
CA ARG D 244 19.56 -7.61 0.81
C ARG D 244 20.91 -7.59 0.10
N LYS D 245 21.75 -6.64 0.50
CA LYS D 245 23.11 -6.52 -0.01
C LYS D 245 24.13 -6.77 1.10
N ILE D 246 23.69 -7.56 2.08
CA ILE D 246 24.48 -7.95 3.24
C ILE D 246 25.98 -8.14 2.93
N ILE D 247 26.30 -8.99 1.94
CA ILE D 247 27.69 -9.30 1.57
C ILE D 247 28.49 -8.20 0.87
N VAL D 248 27.93 -7.55 -0.15
CA VAL D 248 28.67 -6.50 -0.84
C VAL D 248 28.86 -5.31 0.12
N ASP D 249 28.00 -5.24 1.12
CA ASP D 249 28.06 -4.18 2.11
C ASP D 249 29.30 -4.38 2.99
N THR D 250 29.72 -5.63 3.15
CA THR D 250 30.87 -5.95 3.98
C THR D 250 32.27 -6.31 3.39
N TYR D 251 32.47 -7.59 3.07
CA TYR D 251 33.76 -8.06 2.55
C TYR D 251 33.74 -8.87 1.25
N GLY D 252 32.64 -8.83 0.51
CA GLY D 252 32.56 -9.55 -0.75
C GLY D 252 32.51 -11.07 -0.73
N GLY D 253 32.37 -11.66 0.45
CA GLY D 253 32.31 -13.11 0.53
C GLY D 253 33.65 -13.70 0.94
N MET D 254 34.65 -12.84 1.10
CA MET D 254 35.97 -13.29 1.52
C MET D 254 35.92 -13.74 2.96
N ALA D 255 35.28 -12.92 3.79
CA ALA D 255 35.11 -13.20 5.22
C ALA D 255 33.73 -13.81 5.46
N ARG D 256 33.40 -14.06 6.71
CA ARG D 256 32.11 -14.64 7.04
C ARG D 256 31.07 -13.56 7.37
N HIS D 257 29.83 -14.00 7.61
CA HIS D 257 28.73 -13.09 7.93
C HIS D 257 27.67 -13.77 8.80
N GLY D 258 27.08 -13.00 9.73
CA GLY D 258 26.08 -13.52 10.64
C GLY D 258 24.62 -13.37 10.23
N GLY D 259 24.35 -12.44 9.32
CA GLY D 259 22.99 -12.25 8.86
C GLY D 259 22.31 -10.93 9.23
N GLY D 260 23.06 -10.02 9.86
CA GLY D 260 22.47 -8.74 10.24
C GLY D 260 22.77 -7.68 9.19
N ALA D 261 21.73 -6.99 8.73
CA ALA D 261 21.87 -5.92 7.75
C ALA D 261 22.27 -4.65 8.49
N PHE D 262 22.69 -3.63 7.76
CA PHE D 262 23.07 -2.40 8.42
C PHE D 262 22.07 -1.23 8.36
N SER D 263 21.72 -0.83 7.15
CA SER D 263 20.81 0.29 6.94
C SER D 263 19.47 0.28 7.63
N GLY D 264 19.08 1.46 8.11
CA GLY D 264 17.79 1.60 8.77
C GLY D 264 17.76 1.42 10.27
N LYS D 265 18.87 0.98 10.86
CA LYS D 265 18.91 0.77 12.29
C LYS D 265 19.88 1.69 13.03
N ASP D 266 19.45 2.18 14.19
CA ASP D 266 20.30 3.04 15.00
C ASP D 266 21.37 2.14 15.63
N PRO D 267 22.44 2.74 16.21
CA PRO D 267 23.54 1.99 16.83
C PRO D 267 23.20 1.03 17.99
N SER D 268 22.09 1.27 18.70
CA SER D 268 21.72 0.38 19.78
C SER D 268 21.42 -1.01 19.21
N LYS D 269 21.45 -1.10 17.88
CA LYS D 269 21.22 -2.36 17.17
C LYS D 269 22.58 -3.01 16.87
N VAL D 270 22.93 -4.01 17.67
CA VAL D 270 24.20 -4.72 17.52
C VAL D 270 24.52 -5.19 16.10
N ASP D 271 23.50 -5.41 15.29
CA ASP D 271 23.73 -5.85 13.91
C ASP D 271 24.65 -4.87 13.19
N ARG D 272 24.49 -3.58 13.47
CA ARG D 272 25.31 -2.57 12.84
C ARG D 272 26.53 -2.11 13.66
N SER D 273 26.31 -1.87 14.96
CA SER D 273 27.36 -1.41 15.88
C SER D 273 28.42 -2.45 16.29
N ALA D 274 27.99 -3.68 16.56
CA ALA D 274 28.93 -4.73 16.96
C ALA D 274 29.69 -5.17 15.73
N ALA D 275 29.06 -5.00 14.58
CA ALA D 275 29.67 -5.34 13.30
C ALA D 275 30.81 -4.33 13.08
N TYR D 276 30.47 -3.04 13.12
CA TYR D 276 31.46 -2.01 12.94
C TYR D 276 32.62 -2.21 13.93
N ALA D 277 32.29 -2.36 15.21
CA ALA D 277 33.30 -2.57 16.24
C ALA D 277 34.16 -3.78 15.92
N ALA D 278 33.59 -4.77 15.25
CA ALA D 278 34.36 -5.97 14.91
C ALA D 278 35.37 -5.69 13.81
N ARG D 279 35.01 -4.83 12.85
CA ARG D 279 35.94 -4.49 11.79
C ARG D 279 37.06 -3.68 12.43
N TYR D 280 36.68 -2.89 13.43
CA TYR D 280 37.58 -2.02 14.18
C TYR D 280 38.74 -2.76 14.87
N VAL D 281 38.45 -3.81 15.62
CA VAL D 281 39.54 -4.53 16.27
C VAL D 281 40.32 -5.38 15.27
N ALA D 282 39.61 -6.01 14.33
CA ALA D 282 40.26 -6.84 13.32
C ALA D 282 41.27 -5.98 12.55
N LYS D 283 40.81 -4.84 12.04
CA LYS D 283 41.70 -3.97 11.30
C LYS D 283 42.83 -3.56 12.23
N ASN D 284 42.48 -3.07 13.42
CA ASN D 284 43.47 -2.63 14.39
C ASN D 284 44.49 -3.68 14.81
N ILE D 285 44.10 -4.95 14.75
CA ILE D 285 45.00 -6.04 15.10
C ILE D 285 46.05 -6.20 14.00
N VAL D 286 45.61 -6.20 12.74
CA VAL D 286 46.53 -6.35 11.62
C VAL D 286 47.46 -5.15 11.54
N ALA D 287 46.90 -3.96 11.70
CA ALA D 287 47.69 -2.73 11.68
C ALA D 287 48.75 -2.84 12.80
N ALA D 288 48.31 -3.35 13.94
CA ALA D 288 49.19 -3.54 15.09
C ALA D 288 50.20 -4.63 14.76
N GLY D 289 50.04 -5.24 13.59
CA GLY D 289 50.97 -6.27 13.17
C GLY D 289 50.91 -7.55 13.97
N LEU D 290 49.83 -7.77 14.70
CA LEU D 290 49.70 -8.97 15.48
C LEU D 290 49.25 -10.16 14.63
N ALA D 291 48.85 -9.89 13.39
CA ALA D 291 48.44 -10.93 12.44
C ALA D 291 48.30 -10.38 11.03
N ASP D 292 48.45 -11.23 10.03
CA ASP D 292 48.34 -10.78 8.66
C ASP D 292 46.89 -10.63 8.24
N ARG D 293 46.03 -11.45 8.83
CA ARG D 293 44.61 -11.39 8.55
C ARG D 293 43.87 -12.08 9.68
N CYS D 294 42.82 -11.44 10.18
CA CYS D 294 42.08 -12.09 11.23
C CYS D 294 40.60 -11.77 11.15
N GLU D 295 39.80 -12.77 11.49
CA GLU D 295 38.35 -12.67 11.49
C GLU D 295 37.91 -12.68 12.93
N ILE D 296 37.07 -11.72 13.30
CA ILE D 296 36.54 -11.63 14.67
C ILE D 296 35.05 -11.98 14.64
N GLN D 297 34.53 -12.47 15.75
CA GLN D 297 33.13 -12.82 15.80
C GLN D 297 32.57 -12.64 17.20
N VAL D 298 31.51 -11.83 17.30
CA VAL D 298 30.88 -11.63 18.58
C VAL D 298 29.44 -12.02 18.35
N SER D 299 28.74 -12.35 19.44
CA SER D 299 27.33 -12.74 19.40
C SER D 299 26.68 -12.15 20.64
N TYR D 300 25.41 -11.80 20.55
CA TYR D 300 24.77 -11.21 21.72
C TYR D 300 23.41 -11.82 22.00
N ALA D 301 22.83 -11.39 23.12
CA ALA D 301 21.52 -11.84 23.55
C ALA D 301 20.70 -10.59 23.89
N ILE D 302 19.51 -10.48 23.29
CA ILE D 302 18.63 -9.34 23.51
C ILE D 302 18.51 -8.94 24.97
N GLY D 303 18.46 -7.64 25.23
CA GLY D 303 18.33 -7.16 26.59
C GLY D 303 19.54 -7.41 27.48
N VAL D 304 20.52 -8.14 26.97
CA VAL D 304 21.74 -8.47 27.72
C VAL D 304 22.88 -7.59 27.19
N ALA D 305 23.63 -6.96 28.10
CA ALA D 305 24.73 -6.07 27.73
C ALA D 305 26.05 -6.77 27.44
N GLU D 306 26.33 -7.85 28.15
CA GLU D 306 27.59 -8.57 27.97
C GLU D 306 27.56 -9.62 26.88
N PRO D 307 28.43 -9.48 25.87
CA PRO D 307 28.54 -10.41 24.73
C PRO D 307 28.49 -11.88 25.14
N THR D 308 27.72 -12.67 24.39
CA THR D 308 27.56 -14.07 24.68
C THR D 308 28.72 -14.89 24.14
N SER D 309 29.45 -14.33 23.19
CA SER D 309 30.58 -15.04 22.60
C SER D 309 31.53 -14.11 21.86
N ILE D 310 32.79 -14.50 21.81
CA ILE D 310 33.83 -13.75 21.12
C ILE D 310 34.86 -14.78 20.69
N MET D 311 35.41 -14.57 19.51
CA MET D 311 36.40 -15.49 18.97
C MET D 311 37.24 -14.79 17.92
N VAL D 312 38.56 -14.95 18.00
CA VAL D 312 39.44 -14.34 16.99
C VAL D 312 40.06 -15.45 16.17
N GLU D 313 40.01 -15.32 14.85
CA GLU D 313 40.58 -16.32 13.97
C GLU D 313 41.67 -15.65 13.14
N THR D 314 42.91 -16.12 13.28
CA THR D 314 44.03 -15.52 12.56
C THR D 314 44.58 -16.42 11.46
N PHE D 315 43.93 -17.56 11.24
CA PHE D 315 44.34 -18.47 10.19
C PHE D 315 45.83 -18.78 10.25
N GLY D 316 46.35 -18.87 11.46
CA GLY D 316 47.77 -19.16 11.62
C GLY D 316 48.69 -17.99 11.40
N THR D 317 48.21 -16.96 10.72
CA THR D 317 49.04 -15.79 10.43
C THR D 317 49.31 -14.92 11.63
N GLU D 318 48.92 -15.39 12.81
CA GLU D 318 49.14 -14.59 14.02
C GLU D 318 50.62 -14.57 14.38
N LYS D 319 51.01 -13.58 15.18
CA LYS D 319 52.40 -13.40 15.59
C LYS D 319 52.59 -13.53 17.10
N VAL D 320 51.49 -13.66 17.81
CA VAL D 320 51.49 -13.84 19.26
C VAL D 320 50.48 -14.97 19.47
N PRO D 321 50.81 -15.93 20.35
CA PRO D 321 49.83 -17.00 20.54
C PRO D 321 48.43 -16.44 20.72
N SER D 322 47.50 -16.98 19.94
CA SER D 322 46.11 -16.55 20.00
C SER D 322 45.70 -16.20 21.43
N GLU D 323 46.08 -17.07 22.36
CA GLU D 323 45.77 -16.90 23.78
C GLU D 323 45.83 -15.44 24.21
N GLN D 324 47.02 -14.88 24.22
CA GLN D 324 47.20 -13.49 24.63
C GLN D 324 46.51 -12.56 23.63
N LEU D 325 46.37 -13.03 22.40
CA LEU D 325 45.73 -12.24 21.36
C LEU D 325 44.23 -12.12 21.63
N THR D 326 43.66 -13.13 22.28
CA THR D 326 42.23 -13.12 22.59
C THR D 326 41.97 -12.44 23.93
N LEU D 327 42.91 -12.58 24.85
CA LEU D 327 42.79 -11.95 26.16
C LEU D 327 43.07 -10.46 26.03
N LEU D 328 43.77 -10.10 24.97
CA LEU D 328 44.09 -8.71 24.72
C LEU D 328 42.84 -8.00 24.20
N VAL D 329 42.10 -8.69 23.33
CA VAL D 329 40.89 -8.17 22.72
C VAL D 329 39.90 -7.63 23.77
N ARG D 330 39.42 -8.52 24.62
CA ARG D 330 38.48 -8.11 25.66
C ARG D 330 39.15 -7.18 26.66
N GLU D 331 40.46 -7.09 26.56
CA GLU D 331 41.21 -6.24 27.45
C GLU D 331 41.15 -4.79 26.97
N PHE D 332 41.39 -4.60 25.68
CA PHE D 332 41.42 -3.27 25.09
C PHE D 332 40.08 -2.64 24.68
N PHE D 333 39.21 -3.41 24.02
CA PHE D 333 37.93 -2.87 23.58
C PHE D 333 36.74 -3.31 24.42
N ASP D 334 35.72 -2.46 24.43
CA ASP D 334 34.47 -2.69 25.15
C ASP D 334 33.39 -3.02 24.09
N LEU D 335 33.00 -4.29 24.03
CA LEU D 335 31.99 -4.72 23.06
C LEU D 335 30.57 -4.67 23.62
N ARG D 336 30.42 -4.12 24.82
CA ARG D 336 29.10 -4.01 25.42
C ARG D 336 28.36 -2.95 24.65
N PRO D 337 27.06 -3.13 24.42
CA PRO D 337 26.26 -2.17 23.67
C PRO D 337 26.67 -0.73 23.89
N TYR D 338 26.57 -0.28 25.11
CA TYR D 338 26.87 1.10 25.44
C TYR D 338 28.33 1.44 25.68
N GLY D 339 29.19 0.58 25.12
CA GLY D 339 30.63 0.75 25.18
C GLY D 339 31.15 1.02 23.78
N LEU D 340 30.58 0.31 22.79
CA LEU D 340 30.96 0.46 21.37
C LEU D 340 30.43 1.77 20.80
N ILE D 341 29.26 2.18 21.28
CA ILE D 341 28.68 3.43 20.80
C ILE D 341 29.58 4.60 21.19
N GLN D 342 30.14 4.56 22.39
CA GLN D 342 31.04 5.63 22.81
C GLN D 342 32.38 5.42 22.12
N MET D 343 32.79 4.16 22.09
CA MET D 343 34.04 3.77 21.46
C MET D 343 34.17 4.33 20.05
N LEU D 344 33.07 4.32 19.30
CA LEU D 344 33.09 4.83 17.94
C LEU D 344 32.21 6.08 17.75
N ASP D 345 31.60 6.56 18.82
CA ASP D 345 30.77 7.74 18.73
C ASP D 345 29.71 7.60 17.65
N LEU D 346 28.90 6.54 17.74
CA LEU D 346 27.87 6.26 16.76
C LEU D 346 26.58 7.12 16.81
N LEU D 347 26.47 8.00 17.79
CA LEU D 347 25.27 8.84 17.95
C LEU D 347 25.23 10.04 17.00
N HIS D 348 25.58 9.81 15.74
CA HIS D 348 25.55 10.88 14.74
C HIS D 348 24.97 10.47 13.39
N PRO D 349 24.46 11.44 12.60
CA PRO D 349 23.91 11.05 11.31
C PRO D 349 25.03 10.90 10.30
N ILE D 350 25.65 9.74 10.31
CA ILE D 350 26.77 9.45 9.42
C ILE D 350 26.55 8.16 8.63
N TYR D 351 25.32 7.67 8.56
CA TYR D 351 25.09 6.40 7.88
C TYR D 351 24.65 6.39 6.42
N LYS D 352 23.86 7.37 6.00
CA LYS D 352 23.43 7.38 4.60
C LYS D 352 24.64 7.16 3.71
N GLU D 353 25.71 7.93 3.96
CA GLU D 353 26.93 7.85 3.19
C GLU D 353 27.49 6.43 3.16
N THR D 354 27.06 5.62 4.12
CA THR D 354 27.56 4.26 4.22
C THR D 354 26.70 3.26 3.47
N ALA D 355 25.55 3.70 2.97
CA ALA D 355 24.59 2.85 2.26
C ALA D 355 24.93 2.41 0.82
N ALA D 356 25.97 2.95 0.25
CA ALA D 356 26.33 2.56 -1.10
C ALA D 356 27.83 2.48 -1.22
N TYR D 357 28.31 1.40 -1.83
CA TYR D 357 29.73 1.16 -2.04
C TYR D 357 30.57 0.72 -0.85
N GLY D 358 30.03 -0.20 -0.05
CA GLY D 358 30.78 -0.74 1.09
C GLY D 358 30.78 0.05 2.38
N HIS D 359 30.65 -0.69 3.49
CA HIS D 359 30.63 -0.10 4.83
C HIS D 359 32.05 -0.03 5.37
N PHE D 360 32.96 -0.72 4.68
CA PHE D 360 34.34 -0.74 5.11
C PHE D 360 35.27 -0.33 3.98
N GLY D 361 36.43 0.19 4.35
CA GLY D 361 37.40 0.65 3.36
C GLY D 361 37.58 2.16 3.34
N ARG D 362 36.60 2.88 3.87
CA ARG D 362 36.66 4.34 3.91
C ARG D 362 37.27 4.78 5.24
N GLU D 363 38.58 4.94 5.22
CA GLU D 363 39.38 5.33 6.38
C GLU D 363 38.83 6.48 7.22
N HIS D 364 37.95 7.30 6.66
CA HIS D 364 37.42 8.42 7.44
C HIS D 364 36.26 8.02 8.34
N PHE D 365 35.81 6.77 8.19
CA PHE D 365 34.75 6.25 9.04
C PHE D 365 35.41 5.96 10.37
N PRO D 366 34.72 6.22 11.50
CA PRO D 366 35.26 5.97 12.83
C PRO D 366 35.77 4.55 13.07
N TRP D 367 35.20 3.57 12.39
CA TRP D 367 35.64 2.18 12.60
C TRP D 367 36.80 1.80 11.71
N GLU D 368 37.16 2.67 10.77
CA GLU D 368 38.26 2.38 9.87
C GLU D 368 39.58 2.89 10.43
N LYS D 369 39.49 3.76 11.42
CA LYS D 369 40.65 4.34 12.06
C LYS D 369 41.43 3.30 12.85
N THR D 370 42.76 3.43 12.85
CA THR D 370 43.58 2.49 13.60
C THR D 370 44.46 3.27 14.55
N ASP D 371 43.90 3.59 15.71
CA ASP D 371 44.65 4.33 16.73
C ASP D 371 45.14 3.37 17.80
N LYS D 372 44.33 2.35 18.10
CA LYS D 372 44.67 1.36 19.12
C LYS D 372 45.75 0.38 18.70
N ALA D 373 46.14 0.40 17.42
CA ALA D 373 47.17 -0.51 16.93
C ALA D 373 48.47 -0.43 17.73
N GLN D 374 49.12 0.73 17.68
CA GLN D 374 50.39 0.90 18.40
C GLN D 374 50.27 0.54 19.87
N LEU D 375 49.11 0.81 20.46
CA LEU D 375 48.89 0.50 21.87
C LEU D 375 48.59 -0.99 22.02
N LEU D 376 48.00 -1.57 20.98
CA LEU D 376 47.69 -2.99 20.95
C LEU D 376 49.00 -3.72 20.72
N ARG D 377 50.01 -2.95 20.32
CA ARG D 377 51.35 -3.48 20.08
C ARG D 377 52.09 -3.51 21.41
N ASP D 378 52.00 -2.41 22.16
CA ASP D 378 52.65 -2.30 23.46
C ASP D 378 52.32 -3.49 24.35
N ALA D 379 51.11 -4.00 24.21
CA ALA D 379 50.65 -5.14 25.01
C ALA D 379 51.29 -6.46 24.57
N ALA D 380 52.20 -6.40 23.62
CA ALA D 380 52.91 -7.58 23.16
C ALA D 380 54.19 -7.18 22.40
N GLY D 381 55.35 -7.53 22.94
CA GLY D 381 56.62 -7.19 22.31
C GLY D 381 56.56 -5.85 21.59
N LEU D 382 56.57 -4.75 22.35
CA LEU D 382 56.49 -3.42 21.75
C LEU D 382 57.55 -3.22 20.67
N LYS D 383 58.80 -3.02 21.11
CA LYS D 383 59.94 -2.79 20.24
C LYS D 383 59.60 -2.53 18.78
#